data_6XO7
# 
_entry.id   6XO7 
# 
_audit_conform.dict_name       mmcif_pdbx.dic 
_audit_conform.dict_version    5.380 
_audit_conform.dict_location   http://mmcif.pdb.org/dictionaries/ascii/mmcif_pdbx.dic 
# 
loop_
_database_2.database_id 
_database_2.database_code 
_database_2.pdbx_database_accession 
_database_2.pdbx_DOI 
PDB   6XO7         pdb_00006xo7 10.2210/pdb6xo7/pdb 
WWPDB D_1000250251 ?            ?                   
# 
_pdbx_database_status.status_code                     REL 
_pdbx_database_status.status_code_sf                  REL 
_pdbx_database_status.status_code_mr                  ? 
_pdbx_database_status.entry_id                        6XO7 
_pdbx_database_status.recvd_initial_deposition_date   2020-07-06 
_pdbx_database_status.SG_entry                        N 
_pdbx_database_status.deposit_site                    RCSB 
_pdbx_database_status.process_site                    RCSB 
_pdbx_database_status.status_code_cs                  ? 
_pdbx_database_status.status_code_nmr_data            ? 
_pdbx_database_status.methods_development_category    ? 
_pdbx_database_status.pdb_format_compatible           Y 
# 
loop_
_audit_author.name 
_audit_author.pdbx_ordinal 
_audit_author.identifier_ORCID 
'Simmons, C.R.'      1 0000-0002-2290-6132 
'MacCulloch, T.'     2 0000-0001-5875-3361 
'Stephanopoulos, N.' 3 0000-0001-7859-410X 
'Yan, H.'            4 0000-0001-7397-9852 
# 
_citation.abstract                  ? 
_citation.abstract_id_CAS           ? 
_citation.book_id_ISBN              ? 
_citation.book_publisher            ? 
_citation.book_publisher_city       ? 
_citation.book_title                ? 
_citation.coordinate_linkage        ? 
_citation.country                   UK 
_citation.database_id_Medline       ? 
_citation.details                   ? 
_citation.id                        primary 
_citation.journal_abbrev            'Nat Commun' 
_citation.journal_id_ASTM           ? 
_citation.journal_id_CSD            ? 
_citation.journal_id_ISSN           2041-1723 
_citation.journal_full              ? 
_citation.journal_issue             ? 
_citation.journal_volume            13 
_citation.language                  ? 
_citation.page_first                3112 
_citation.page_last                 3112 
_citation.title                     'The influence of Holliday junction sequence and dynamics on DNA crystal self-assembly.' 
_citation.year                      2022 
_citation.database_id_CSD           ? 
_citation.pdbx_database_id_DOI      10.1038/s41467-022-30779-6 
_citation.pdbx_database_id_PubMed   35662248 
_citation.unpublished_flag          ? 
# 
loop_
_citation_author.citation_id 
_citation_author.name 
_citation_author.ordinal 
_citation_author.identifier_ORCID 
primary 'Simmons, C.R.'      1  ?                   
primary 'MacCulloch, T.'     2  ?                   
primary 'Krepl, M.'          3  0000-0002-9833-4281 
primary 'Matthies, M.'       4  ?                   
primary 'Buchberger, A.'     5  ?                   
primary 'Crawford, I.'       6  ?                   
primary 'Sponer, J.'         7  0000-0001-6558-6186 
primary 'Sulc, P.'           8  0000-0003-1565-6769 
primary 'Stephanopoulos, N.' 9  0000-0001-7859-410X 
primary 'Yan, H.'            10 0000-0001-7397-9852 
# 
_cell.angle_alpha                  90.000 
_cell.angle_alpha_esd              ? 
_cell.angle_beta                   90.000 
_cell.angle_beta_esd               ? 
_cell.angle_gamma                  120.000 
_cell.angle_gamma_esd              ? 
_cell.entry_id                     6XO7 
_cell.details                      ? 
_cell.formula_units_Z              ? 
_cell.length_a                     68.141 
_cell.length_a_esd                 ? 
_cell.length_b                     68.141 
_cell.length_b_esd                 ? 
_cell.length_c                     52.765 
_cell.length_c_esd                 ? 
_cell.volume                       ? 
_cell.volume_esd                   ? 
_cell.Z_PDB                        3 
_cell.reciprocal_angle_alpha       ? 
_cell.reciprocal_angle_beta        ? 
_cell.reciprocal_angle_gamma       ? 
_cell.reciprocal_angle_alpha_esd   ? 
_cell.reciprocal_angle_beta_esd    ? 
_cell.reciprocal_angle_gamma_esd   ? 
_cell.reciprocal_length_a          ? 
_cell.reciprocal_length_b          ? 
_cell.reciprocal_length_c          ? 
_cell.reciprocal_length_a_esd      ? 
_cell.reciprocal_length_b_esd      ? 
_cell.reciprocal_length_c_esd      ? 
_cell.pdbx_unique_axis             ? 
# 
_symmetry.entry_id                         6XO7 
_symmetry.cell_setting                     ? 
_symmetry.Int_Tables_number                145 
_symmetry.space_group_name_Hall            ? 
_symmetry.space_group_name_H-M             'P 32' 
_symmetry.pdbx_full_space_group_name_H-M   ? 
# 
loop_
_entity.id 
_entity.type 
_entity.src_method 
_entity.pdbx_description 
_entity.formula_weight 
_entity.pdbx_number_of_molecules 
_entity.pdbx_ec 
_entity.pdbx_mutation 
_entity.pdbx_fragment 
_entity.details 
1 polymer     syn 
;DNA (5'-D(*GP*AP*GP*CP*AP*GP*AP*CP*CP*TP*GP*A)-3')
;
3696.431 1 ? ? ? ? 
2 polymer     syn 
;DNA (5'-D(P*CP*GP*GP*GP*AP*CP*TP*CP*A)-3')
;
2740.812 1 ? ? ? ? 
3 polymer     syn 
;DNA (5'-D(P*TP*CP*AP*CP*CP*G)-3')
;
1769.193 1 ? ? ? ? 
4 polymer     syn 
;DNA (5'-D(*TP*CP*TP*GP*AP*GP*TP*CP*GP*GP*TP*CP*TP*GP*C)-3')
;
4591.969 1 ? ? ? ? 
5 non-polymer syn 'CACODYLATE ION'                                              136.989  2 ? ? ? ? 
6 non-polymer syn 'MAGNESIUM ION'                                               24.305   2 ? ? ? ? 
# 
loop_
_entity_poly.entity_id 
_entity_poly.type 
_entity_poly.nstd_linkage 
_entity_poly.nstd_monomer 
_entity_poly.pdbx_seq_one_letter_code 
_entity_poly.pdbx_seq_one_letter_code_can 
_entity_poly.pdbx_strand_id 
_entity_poly.pdbx_target_identifier 
1 polydeoxyribonucleotide no no '(DG)(DA)(DG)(DC)(DA)(DG)(DA)(DC)(DC)(DT)(DG)(DA)'             GAGCAGACCTGA    A ? 
2 polydeoxyribonucleotide no no '(DC)(DG)(DG)(DG)(DA)(DC)(DT)(DC)(DA)'                         CGGGACTCA       B ? 
3 polydeoxyribonucleotide no no '(DT)(DC)(DA)(DC)(DC)(DG)'                                     TCACCG          C ? 
4 polydeoxyribonucleotide no no '(DT)(DC)(DT)(DG)(DA)(DG)(DT)(DC)(DG)(DG)(DT)(DC)(DT)(DG)(DC)' TCTGAGTCGGTCTGC D ? 
# 
loop_
_entity_poly_seq.entity_id 
_entity_poly_seq.num 
_entity_poly_seq.mon_id 
_entity_poly_seq.hetero 
1 1  DG n 
1 2  DA n 
1 3  DG n 
1 4  DC n 
1 5  DA n 
1 6  DG n 
1 7  DA n 
1 8  DC n 
1 9  DC n 
1 10 DT n 
1 11 DG n 
1 12 DA n 
2 1  DC n 
2 2  DG n 
2 3  DG n 
2 4  DG n 
2 5  DA n 
2 6  DC n 
2 7  DT n 
2 8  DC n 
2 9  DA n 
3 1  DT n 
3 2  DC n 
3 3  DA n 
3 4  DC n 
3 5  DC n 
3 6  DG n 
4 1  DT n 
4 2  DC n 
4 3  DT n 
4 4  DG n 
4 5  DA n 
4 6  DG n 
4 7  DT n 
4 8  DC n 
4 9  DG n 
4 10 DG n 
4 11 DT n 
4 12 DC n 
4 13 DT n 
4 14 DG n 
4 15 DC n 
# 
loop_
_pdbx_entity_src_syn.entity_id 
_pdbx_entity_src_syn.pdbx_src_id 
_pdbx_entity_src_syn.pdbx_alt_source_flag 
_pdbx_entity_src_syn.pdbx_beg_seq_num 
_pdbx_entity_src_syn.pdbx_end_seq_num 
_pdbx_entity_src_syn.organism_scientific 
_pdbx_entity_src_syn.organism_common_name 
_pdbx_entity_src_syn.ncbi_taxonomy_id 
_pdbx_entity_src_syn.details 
1 1 sample 1 12 'synthetic construct' ? 32630 ? 
2 1 sample 1 9  'synthetic construct' ? 32630 ? 
3 1 sample 1 6  'synthetic construct' ? 32630 ? 
4 1 sample 1 15 'synthetic construct' ? 32630 ? 
# 
loop_
_struct_ref.id 
_struct_ref.db_name 
_struct_ref.db_code 
_struct_ref.pdbx_db_accession 
_struct_ref.pdbx_db_isoform 
_struct_ref.entity_id 
_struct_ref.pdbx_seq_one_letter_code 
_struct_ref.pdbx_align_begin 
1 PDB 6XO7 6XO7 ? 1 ? 1 
2 PDB 6XO7 6XO7 ? 2 ? 1 
3 PDB 6XO7 6XO7 ? 3 ? 1 
4 PDB 6XO7 6XO7 ? 4 ? 1 
# 
loop_
_struct_ref_seq.align_id 
_struct_ref_seq.ref_id 
_struct_ref_seq.pdbx_PDB_id_code 
_struct_ref_seq.pdbx_strand_id 
_struct_ref_seq.seq_align_beg 
_struct_ref_seq.pdbx_seq_align_beg_ins_code 
_struct_ref_seq.seq_align_end 
_struct_ref_seq.pdbx_seq_align_end_ins_code 
_struct_ref_seq.pdbx_db_accession 
_struct_ref_seq.db_align_beg 
_struct_ref_seq.pdbx_db_align_beg_ins_code 
_struct_ref_seq.db_align_end 
_struct_ref_seq.pdbx_db_align_end_ins_code 
_struct_ref_seq.pdbx_auth_seq_align_beg 
_struct_ref_seq.pdbx_auth_seq_align_end 
1 1 6XO7 A 1 ? 12 ? 6XO7 1  ? 12 ? 1  12 
2 2 6XO7 B 1 ? 9  ? 6XO7 12 ? 20 ? 12 20 
3 3 6XO7 C 1 ? 6  ? 6XO7 0  ? 5  ? 0  5  
4 4 6XO7 D 1 ? 15 ? 6XO7 2  ? 16 ? 2  16 
# 
loop_
_chem_comp.id 
_chem_comp.type 
_chem_comp.mon_nstd_flag 
_chem_comp.name 
_chem_comp.pdbx_synonyms 
_chem_comp.formula 
_chem_comp.formula_weight 
CAC non-polymer   . 'CACODYLATE ION'                     dimethylarsinate 'C2 H6 As O2 -1'  136.989 
DA  'DNA linking' y "2'-DEOXYADENOSINE-5'-MONOPHOSPHATE" ?                'C10 H14 N5 O6 P' 331.222 
DC  'DNA linking' y "2'-DEOXYCYTIDINE-5'-MONOPHOSPHATE"  ?                'C9 H14 N3 O7 P'  307.197 
DG  'DNA linking' y "2'-DEOXYGUANOSINE-5'-MONOPHOSPHATE" ?                'C10 H14 N5 O7 P' 347.221 
DT  'DNA linking' y "THYMIDINE-5'-MONOPHOSPHATE"         ?                'C10 H15 N2 O8 P' 322.208 
MG  non-polymer   . 'MAGNESIUM ION'                      ?                'Mg 2'            24.305  
# 
_exptl.absorpt_coefficient_mu     ? 
_exptl.absorpt_correction_T_max   ? 
_exptl.absorpt_correction_T_min   ? 
_exptl.absorpt_correction_type    ? 
_exptl.absorpt_process_details    ? 
_exptl.entry_id                   6XO7 
_exptl.crystals_number            1 
_exptl.details                    ? 
_exptl.method                     'X-RAY DIFFRACTION' 
_exptl.method_details             ? 
# 
_exptl_crystal.colour                      ? 
_exptl_crystal.density_diffrn              ? 
_exptl_crystal.density_Matthews            5.56 
_exptl_crystal.density_method              ? 
_exptl_crystal.density_percent_sol         77.89 
_exptl_crystal.description                 ? 
_exptl_crystal.F_000                       ? 
_exptl_crystal.id                          1 
_exptl_crystal.preparation                 ? 
_exptl_crystal.size_max                    ? 
_exptl_crystal.size_mid                    ? 
_exptl_crystal.size_min                    ? 
_exptl_crystal.size_rad                    ? 
_exptl_crystal.colour_lustre               ? 
_exptl_crystal.colour_modifier             ? 
_exptl_crystal.colour_primary              ? 
_exptl_crystal.density_meas                ? 
_exptl_crystal.density_meas_esd            ? 
_exptl_crystal.density_meas_gt             ? 
_exptl_crystal.density_meas_lt             ? 
_exptl_crystal.density_meas_temp           ? 
_exptl_crystal.density_meas_temp_esd       ? 
_exptl_crystal.density_meas_temp_gt        ? 
_exptl_crystal.density_meas_temp_lt        ? 
_exptl_crystal.pdbx_crystal_image_url      ? 
_exptl_crystal.pdbx_crystal_image_format   ? 
_exptl_crystal.pdbx_mosaicity              ? 
_exptl_crystal.pdbx_mosaicity_esd          ? 
# 
_exptl_crystal_grow.apparatus       ? 
_exptl_crystal_grow.atmosphere      ? 
_exptl_crystal_grow.crystal_id      1 
_exptl_crystal_grow.details         ? 
_exptl_crystal_grow.method          'VAPOR DIFFUSION, SITTING DROP' 
_exptl_crystal_grow.method_ref      ? 
_exptl_crystal_grow.pH              ? 
_exptl_crystal_grow.pressure        ? 
_exptl_crystal_grow.pressure_esd    ? 
_exptl_crystal_grow.seeding         ? 
_exptl_crystal_grow.seeding_ref     ? 
_exptl_crystal_grow.temp            298 
_exptl_crystal_grow.temp_details    'temperature gradient generated from 60 to 25 C at 0.3 degrees per hour' 
_exptl_crystal_grow.temp_esd        ? 
_exptl_crystal_grow.time            ? 
_exptl_crystal_grow.pdbx_details    
;0.5 mL of 0.05 M Cacodylate pH 6.0 with 200 mM MgCl2 and 2.5 M KCl was added to the reservoir with 2 uL added to the drop containing 4 uL of DNA stock.
;
_exptl_crystal_grow.pdbx_pH_range   ? 
# 
_diffrn.ambient_environment              ? 
_diffrn.ambient_temp                     100 
_diffrn.ambient_temp_details             ? 
_diffrn.ambient_temp_esd                 ? 
_diffrn.crystal_id                       1 
_diffrn.crystal_support                  ? 
_diffrn.crystal_treatment                ? 
_diffrn.details                          ? 
_diffrn.id                               1 
_diffrn.ambient_pressure                 ? 
_diffrn.ambient_pressure_esd             ? 
_diffrn.ambient_pressure_gt              ? 
_diffrn.ambient_pressure_lt              ? 
_diffrn.ambient_temp_gt                  ? 
_diffrn.ambient_temp_lt                  ? 
_diffrn.pdbx_serial_crystal_experiment   N 
# 
_diffrn_detector.details                      ? 
_diffrn_detector.detector                     PIXEL 
_diffrn_detector.diffrn_id                    1 
_diffrn_detector.type                         'DECTRIS PILATUS3 6M' 
_diffrn_detector.area_resol_mean              ? 
_diffrn_detector.dtime                        ? 
_diffrn_detector.pdbx_frames_total            ? 
_diffrn_detector.pdbx_collection_time_total   ? 
_diffrn_detector.pdbx_collection_date         2017-06-15 
_diffrn_detector.pdbx_frequency               ? 
# 
_diffrn_radiation.collimation                      ? 
_diffrn_radiation.diffrn_id                        1 
_diffrn_radiation.filter_edge                      ? 
_diffrn_radiation.inhomogeneity                    ? 
_diffrn_radiation.monochromator                    ? 
_diffrn_radiation.polarisn_norm                    ? 
_diffrn_radiation.polarisn_ratio                   ? 
_diffrn_radiation.probe                            ? 
_diffrn_radiation.type                             ? 
_diffrn_radiation.xray_symbol                      ? 
_diffrn_radiation.wavelength_id                    1 
_diffrn_radiation.pdbx_monochromatic_or_laue_m_l   M 
_diffrn_radiation.pdbx_wavelength_list             ? 
_diffrn_radiation.pdbx_wavelength                  ? 
_diffrn_radiation.pdbx_diffrn_protocol             'SINGLE WAVELENGTH' 
_diffrn_radiation.pdbx_analyzer                    ? 
_diffrn_radiation.pdbx_scattering_type             x-ray 
# 
_diffrn_radiation_wavelength.id           1 
_diffrn_radiation_wavelength.wavelength   0.98 
_diffrn_radiation_wavelength.wt           1.0 
# 
_diffrn_source.current                     ? 
_diffrn_source.details                     ? 
_diffrn_source.diffrn_id                   1 
_diffrn_source.power                       ? 
_diffrn_source.size                        ? 
_diffrn_source.source                      SYNCHROTRON 
_diffrn_source.target                      ? 
_diffrn_source.type                        'ALS BEAMLINE 8.2.2' 
_diffrn_source.voltage                     ? 
_diffrn_source.take-off_angle              ? 
_diffrn_source.pdbx_wavelength_list        0.98 
_diffrn_source.pdbx_wavelength             ? 
_diffrn_source.pdbx_synchrotron_beamline   8.2.2 
_diffrn_source.pdbx_synchrotron_site       ALS 
# 
_reflns.B_iso_Wilson_estimate            57.870 
_reflns.entry_id                         6XO7 
_reflns.data_reduction_details           ? 
_reflns.data_reduction_method            ? 
_reflns.d_resolution_high                3.100 
_reflns.d_resolution_low                 50.000 
_reflns.details                          ? 
_reflns.limit_h_max                      ? 
_reflns.limit_h_min                      ? 
_reflns.limit_k_max                      ? 
_reflns.limit_k_min                      ? 
_reflns.limit_l_max                      ? 
_reflns.limit_l_min                      ? 
_reflns.number_all                       ? 
_reflns.number_obs                       3159 
_reflns.observed_criterion               ? 
_reflns.observed_criterion_F_max         ? 
_reflns.observed_criterion_F_min         ? 
_reflns.observed_criterion_I_max         ? 
_reflns.observed_criterion_I_min         ? 
_reflns.observed_criterion_sigma_F       ? 
_reflns.observed_criterion_sigma_I       ? 
_reflns.percent_possible_obs             63.900 
_reflns.R_free_details                   ? 
_reflns.Rmerge_F_all                     ? 
_reflns.Rmerge_F_obs                     ? 
_reflns.Friedel_coverage                 ? 
_reflns.number_gt                        ? 
_reflns.threshold_expression             ? 
_reflns.pdbx_redundancy                  5.300 
_reflns.pdbx_Rmerge_I_obs                0.131 
_reflns.pdbx_Rmerge_I_all                ? 
_reflns.pdbx_Rsym_value                  ? 
_reflns.pdbx_netI_over_av_sigmaI         ? 
_reflns.pdbx_netI_over_sigmaI            4.100 
_reflns.pdbx_res_netI_over_av_sigmaI_2   ? 
_reflns.pdbx_res_netI_over_sigmaI_2      ? 
_reflns.pdbx_chi_squared                 1.421 
_reflns.pdbx_scaling_rejects             ? 
_reflns.pdbx_d_res_high_opt              ? 
_reflns.pdbx_d_res_low_opt               ? 
_reflns.pdbx_d_res_opt_method            ? 
_reflns.phase_calculation_details        ? 
_reflns.pdbx_Rrim_I_all                  0.146 
_reflns.pdbx_Rpim_I_all                  0.062 
_reflns.pdbx_d_opt                       ? 
_reflns.pdbx_number_measured_all         16727 
_reflns.pdbx_diffrn_id                   1 
_reflns.pdbx_ordinal                     1 
_reflns.pdbx_CC_half                     ? 
_reflns.pdbx_CC_star                     ? 
_reflns.pdbx_R_split                     ? 
# 
loop_
_reflns_shell.d_res_high 
_reflns_shell.d_res_low 
_reflns_shell.meanI_over_sigI_all 
_reflns_shell.meanI_over_sigI_obs 
_reflns_shell.number_measured_all 
_reflns_shell.number_measured_obs 
_reflns_shell.number_possible 
_reflns_shell.number_unique_all 
_reflns_shell.number_unique_obs 
_reflns_shell.percent_possible_all 
_reflns_shell.percent_possible_obs 
_reflns_shell.Rmerge_F_all 
_reflns_shell.Rmerge_F_obs 
_reflns_shell.Rmerge_I_all 
_reflns_shell.Rmerge_I_obs 
_reflns_shell.meanI_over_sigI_gt 
_reflns_shell.meanI_over_uI_all 
_reflns_shell.meanI_over_uI_gt 
_reflns_shell.number_measured_gt 
_reflns_shell.number_unique_gt 
_reflns_shell.percent_possible_gt 
_reflns_shell.Rmerge_F_gt 
_reflns_shell.Rmerge_I_gt 
_reflns_shell.pdbx_redundancy 
_reflns_shell.pdbx_Rsym_value 
_reflns_shell.pdbx_chi_squared 
_reflns_shell.pdbx_netI_over_sigmaI_all 
_reflns_shell.pdbx_netI_over_sigmaI_obs 
_reflns_shell.pdbx_Rrim_I_all 
_reflns_shell.pdbx_Rpim_I_all 
_reflns_shell.pdbx_rejects 
_reflns_shell.pdbx_ordinal 
_reflns_shell.pdbx_diffrn_id 
_reflns_shell.pdbx_CC_half 
_reflns_shell.pdbx_CC_star 
_reflns_shell.pdbx_R_split 
3.100 3.150  ? ? ? ? ? ? 55  25.300 ? ? ? ? 0.563 ? ? ? ? ? ? ? ? 4.000 ? 0.495 ? ? 0.630 0.276 ? 1  1 0.841 ? ? 
3.150 3.210  ? ? ? ? ? ? 85  33.500 ? ? ? ? 0.350 ? ? ? ? ? ? ? ? 4.000 ? 2.158 ? ? 0.387 0.163 ? 2  1 0.902 ? ? 
3.210 3.270  ? ? ? ? ? ? 94  38.500 ? ? ? ? 0.293 ? ? ? ? ? ? ? ? 3.900 ? 3.608 ? ? 0.325 0.140 ? 3  1 0.952 ? ? 
3.270 3.340  ? ? ? ? ? ? 95  36.300 ? ? ? ? 0.394 ? ? ? ? ? ? ? ? 4.300 ? 0.922 ? ? 0.437 0.185 ? 4  1 0.933 ? ? 
3.340 3.410  ? ? ? ? ? ? 106 42.600 ? ? ? ? 0.342 ? ? ? ? ? ? ? ? 4.500 ? 1.556 ? ? 0.378 0.157 ? 5  1 0.911 ? ? 
3.410 3.490  ? ? ? ? ? ? 98  42.800 ? ? ? ? 0.503 ? ? ? ? ? ? ? ? 4.100 ? 0.633 ? ? 0.559 0.241 ? 6  1 0.842 ? ? 
3.490 3.580  ? ? ? ? ? ? 133 45.700 ? ? ? ? 0.440 ? ? ? ? ? ? ? ? 4.900 ? 1.188 ? ? 0.481 0.192 ? 7  1 0.862 ? ? 
3.580 3.680  ? ? ? ? ? ? 105 48.200 ? ? ? ? 0.583 ? ? ? ? ? ? ? ? 4.600 ? 0.693 ? ? 0.646 0.275 ? 8  1 0.817 ? ? 
3.680 3.780  ? ? ? ? ? ? 138 54.300 ? ? ? ? 0.554 ? ? ? ? ? ? ? ? 4.500 ? 0.593 ? ? 0.618 0.266 ? 9  1 0.780 ? ? 
3.780 3.910  ? ? ? ? ? ? 152 59.600 ? ? ? ? 0.604 ? ? ? ? ? ? ? ? 4.200 ? 0.602 ? ? 0.675 0.294 ? 10 1 0.778 ? ? 
3.910 4.040  ? ? ? ? ? ? 149 60.800 ? ? ? ? 0.543 ? ? ? ? ? ? ? ? 4.500 ? 0.679 ? ? 0.604 0.260 ? 11 1 0.839 ? ? 
4.040 4.210  ? ? ? ? ? ? 164 69.800 ? ? ? ? 0.467 ? ? ? ? ? ? ? ? 5.100 ? 0.731 ? ? 0.513 0.209 ? 12 1 0.921 ? ? 
4.210 4.400  ? ? ? ? ? ? 186 73.500 ? ? ? ? 0.569 ? ? ? ? ? ? ? ? 5.500 ? 0.604 ? ? 0.623 0.251 ? 13 1 0.900 ? ? 
4.400 4.630  ? ? ? ? ? ? 195 78.900 ? ? ? ? 0.561 ? ? ? ? ? ? ? ? 5.900 ? 0.583 ? ? 0.611 0.239 ? 14 1 0.881 ? ? 
4.630 4.920  ? ? ? ? ? ? 213 84.200 ? ? ? ? 0.369 ? ? ? ? ? ? ? ? 5.900 ? 0.767 ? ? 0.401 0.157 ? 15 1 0.970 ? ? 
4.920 5.300  ? ? ? ? ? ? 212 87.200 ? ? ? ? 0.274 ? ? ? ? ? ? ? ? 5.600 ? 1.010 ? ? 0.302 0.124 ? 16 1 0.971 ? ? 
5.300 5.830  ? ? ? ? ? ? 240 95.200 ? ? ? ? 0.180 ? ? ? ? ? ? ? ? 5.900 ? 1.303 ? ? 0.195 0.076 ? 17 1 0.985 ? ? 
5.830 6.670  ? ? ? ? ? ? 247 99.600 ? ? ? ? 0.155 ? ? ? ? ? ? ? ? 6.400 ? 1.277 ? ? 0.167 0.063 ? 18 1 0.986 ? ? 
6.670 8.400  ? ? ? ? ? ? 243 99.200 ? ? ? ? 0.092 ? ? ? ? ? ? ? ? 6.100 ? 1.898 ? ? 0.101 0.041 ? 19 1 0.993 ? ? 
8.400 50.000 ? ? ? ? ? ? 249 98.400 ? ? ? ? 0.099 ? ? ? ? ? ? ? ? 5.900 ? 4.765 ? ? 0.111 0.048 ? 20 1 0.995 ? ? 
# 
_refine.aniso_B[1][1]                            ? 
_refine.aniso_B[1][2]                            ? 
_refine.aniso_B[1][3]                            ? 
_refine.aniso_B[2][2]                            ? 
_refine.aniso_B[2][3]                            ? 
_refine.aniso_B[3][3]                            ? 
_refine.B_iso_max                                186.720 
_refine.B_iso_mean                               99.7496 
_refine.B_iso_min                                39.870 
_refine.correlation_coeff_Fo_to_Fc               ? 
_refine.correlation_coeff_Fo_to_Fc_free          ? 
_refine.details                                  ? 
_refine.diff_density_max                         ? 
_refine.diff_density_max_esd                     ? 
_refine.diff_density_min                         ? 
_refine.diff_density_min_esd                     ? 
_refine.diff_density_rms                         ? 
_refine.diff_density_rms_esd                     ? 
_refine.entry_id                                 6XO7 
_refine.pdbx_refine_id                           'X-RAY DIFFRACTION' 
_refine.ls_abs_structure_details                 ? 
_refine.ls_abs_structure_Flack                   ? 
_refine.ls_abs_structure_Flack_esd               ? 
_refine.ls_abs_structure_Rogers                  ? 
_refine.ls_abs_structure_Rogers_esd              ? 
_refine.ls_d_res_high                            3.1050 
_refine.ls_d_res_low                             34.0710 
_refine.ls_extinction_coef                       ? 
_refine.ls_extinction_coef_esd                   ? 
_refine.ls_extinction_expression                 ? 
_refine.ls_extinction_method                     ? 
_refine.ls_goodness_of_fit_all                   ? 
_refine.ls_goodness_of_fit_all_esd               ? 
_refine.ls_goodness_of_fit_obs                   ? 
_refine.ls_goodness_of_fit_obs_esd               ? 
_refine.ls_hydrogen_treatment                    ? 
_refine.ls_matrix_type                           ? 
_refine.ls_number_constraints                    ? 
_refine.ls_number_parameters                     ? 
_refine.ls_number_reflns_all                     ? 
_refine.ls_number_reflns_obs                     3132 
_refine.ls_number_reflns_R_free                  166 
_refine.ls_number_reflns_R_work                  2966 
_refine.ls_number_restraints                     ? 
_refine.ls_percent_reflns_obs                    63.4700 
_refine.ls_percent_reflns_R_free                 5.3000 
_refine.ls_R_factor_all                          ? 
_refine.ls_R_factor_obs                          0.2172 
_refine.ls_R_factor_R_free                       0.2401 
_refine.ls_R_factor_R_free_error                 ? 
_refine.ls_R_factor_R_free_error_details         ? 
_refine.ls_R_factor_R_work                       0.2153 
_refine.ls_R_Fsqd_factor_obs                     ? 
_refine.ls_R_I_factor_obs                        ? 
_refine.ls_redundancy_reflns_all                 ? 
_refine.ls_redundancy_reflns_obs                 ? 
_refine.ls_restrained_S_all                      ? 
_refine.ls_restrained_S_obs                      ? 
_refine.ls_shift_over_esd_max                    ? 
_refine.ls_shift_over_esd_mean                   ? 
_refine.ls_structure_factor_coef                 ? 
_refine.ls_weighting_details                     ? 
_refine.ls_weighting_scheme                      ? 
_refine.ls_wR_factor_all                         ? 
_refine.ls_wR_factor_obs                         ? 
_refine.ls_wR_factor_R_free                      ? 
_refine.ls_wR_factor_R_work                      ? 
_refine.occupancy_max                            ? 
_refine.occupancy_min                            ? 
_refine.solvent_model_details                    'FLAT BULK SOLVENT MODEL' 
_refine.solvent_model_param_bsol                 ? 
_refine.solvent_model_param_ksol                 ? 
_refine.pdbx_R_complete                          ? 
_refine.ls_R_factor_gt                           ? 
_refine.ls_goodness_of_fit_gt                    ? 
_refine.ls_goodness_of_fit_ref                   ? 
_refine.ls_shift_over_su_max                     ? 
_refine.ls_shift_over_su_max_lt                  ? 
_refine.ls_shift_over_su_mean                    ? 
_refine.ls_shift_over_su_mean_lt                 ? 
_refine.pdbx_ls_sigma_I                          ? 
_refine.pdbx_ls_sigma_F                          2.000 
_refine.pdbx_ls_sigma_Fsqd                       ? 
_refine.pdbx_data_cutoff_high_absF               ? 
_refine.pdbx_data_cutoff_high_rms_absF           ? 
_refine.pdbx_data_cutoff_low_absF                ? 
_refine.pdbx_isotropic_thermal_model             ? 
_refine.pdbx_ls_cross_valid_method               THROUGHOUT 
_refine.pdbx_method_to_determine_struct          'MOLECULAR REPLACEMENT' 
_refine.pdbx_starting_model                      6XNA 
_refine.pdbx_stereochemistry_target_values       ML 
_refine.pdbx_R_Free_selection_details            ? 
_refine.pdbx_stereochem_target_val_spec_case     ? 
_refine.pdbx_overall_ESU_R                       ? 
_refine.pdbx_overall_ESU_R_Free                  ? 
_refine.pdbx_solvent_vdw_probe_radii             1.1100 
_refine.pdbx_solvent_ion_probe_radii             ? 
_refine.pdbx_solvent_shrinkage_radii             0.9000 
_refine.pdbx_real_space_R                        ? 
_refine.pdbx_density_correlation                 ? 
_refine.pdbx_pd_number_of_powder_patterns        ? 
_refine.pdbx_pd_number_of_points                 ? 
_refine.pdbx_pd_meas_number_of_points            ? 
_refine.pdbx_pd_proc_ls_prof_R_factor            ? 
_refine.pdbx_pd_proc_ls_prof_wR_factor           ? 
_refine.pdbx_pd_Marquardt_correlation_coeff      ? 
_refine.pdbx_pd_Fsqrd_R_factor                   ? 
_refine.pdbx_pd_ls_matrix_band_width             ? 
_refine.pdbx_overall_phase_error                 34.8500 
_refine.pdbx_overall_SU_R_free_Cruickshank_DPI   ? 
_refine.pdbx_overall_SU_R_free_Blow_DPI          ? 
_refine.pdbx_overall_SU_R_Blow_DPI               ? 
_refine.pdbx_TLS_residual_ADP_flag               ? 
_refine.pdbx_diffrn_id                           1 
_refine.overall_SU_B                             ? 
_refine.overall_SU_ML                            0.0000 
_refine.overall_SU_R_Cruickshank_DPI             ? 
_refine.overall_SU_R_free                        ? 
_refine.overall_FOM_free_R_set                   ? 
_refine.overall_FOM_work_R_set                   ? 
_refine.pdbx_average_fsc_overall                 ? 
_refine.pdbx_average_fsc_work                    ? 
_refine.pdbx_average_fsc_free                    ? 
# 
_refine_hist.pdbx_refine_id                   'X-RAY DIFFRACTION' 
_refine_hist.cycle_id                         final 
_refine_hist.details                          ? 
_refine_hist.d_res_high                       3.1050 
_refine_hist.d_res_low                        34.0710 
_refine_hist.number_atoms_solvent             0 
_refine_hist.number_atoms_total               859 
_refine_hist.number_reflns_all                ? 
_refine_hist.number_reflns_obs                ? 
_refine_hist.number_reflns_R_free             ? 
_refine_hist.number_reflns_R_work             ? 
_refine_hist.R_factor_all                     ? 
_refine_hist.R_factor_obs                     ? 
_refine_hist.R_factor_R_free                  ? 
_refine_hist.R_factor_R_work                  ? 
_refine_hist.pdbx_number_residues_total       42 
_refine_hist.pdbx_B_iso_mean_ligand           119.41 
_refine_hist.pdbx_B_iso_mean_solvent          ? 
_refine_hist.pdbx_number_atoms_protein        0 
_refine_hist.pdbx_number_atoms_nucleic_acid   855 
_refine_hist.pdbx_number_atoms_ligand         4 
_refine_hist.pdbx_number_atoms_lipid          ? 
_refine_hist.pdbx_number_atoms_carb           ? 
_refine_hist.pdbx_pseudo_atom_details         ? 
# 
loop_
_refine_ls_restr.pdbx_refine_id 
_refine_ls_restr.criterion 
_refine_ls_restr.dev_ideal 
_refine_ls_restr.dev_ideal_target 
_refine_ls_restr.number 
_refine_ls_restr.rejects 
_refine_ls_restr.type 
_refine_ls_restr.weight 
_refine_ls_restr.pdbx_restraint_function 
'X-RAY DIFFRACTION' ? 0.005  ? 956  ? f_bond_d           ? ? 
'X-RAY DIFFRACTION' ? 0.751  ? 1467 ? f_angle_d          ? ? 
'X-RAY DIFFRACTION' ? 0.043  ? 166  ? f_chiral_restr     ? ? 
'X-RAY DIFFRACTION' ? 0.004  ? 42   ? f_plane_restr      ? ? 
'X-RAY DIFFRACTION' ? 36.390 ? 406  ? f_dihedral_angle_d ? ? 
# 
_refine_ls_shell.pdbx_refine_id                   'X-RAY DIFFRACTION' 
_refine_ls_shell.d_res_high                       3.105 
_refine_ls_shell.d_res_low                        34.0710 
_refine_ls_shell.number_reflns_all                ? 
_refine_ls_shell.number_reflns_obs                ? 
_refine_ls_shell.number_reflns_R_free             166 
_refine_ls_shell.number_reflns_R_work             2966 
_refine_ls_shell.percent_reflns_obs               63.0000 
_refine_ls_shell.percent_reflns_R_free            ? 
_refine_ls_shell.R_factor_all                     ? 
_refine_ls_shell.R_factor_obs                     ? 
_refine_ls_shell.R_factor_R_free                  0.2401 
_refine_ls_shell.R_factor_R_free_error            0.0000 
_refine_ls_shell.R_factor_R_work                  0.2153 
_refine_ls_shell.redundancy_reflns_all            ? 
_refine_ls_shell.redundancy_reflns_obs            ? 
_refine_ls_shell.wR_factor_all                    ? 
_refine_ls_shell.wR_factor_obs                    ? 
_refine_ls_shell.wR_factor_R_free                 ? 
_refine_ls_shell.wR_factor_R_work                 ? 
_refine_ls_shell.pdbx_R_complete                  ? 
_refine_ls_shell.pdbx_total_number_of_bins_used   ? 
_refine_ls_shell.pdbx_phase_error                 ? 
_refine_ls_shell.pdbx_fsc_work                    ? 
_refine_ls_shell.pdbx_fsc_free                    ? 
# 
_struct.entry_id                     6XO7 
_struct.title                        
'Self-assembly of a 3D DNA crystal lattice (4x6 junction version) containing the J30 immobile Holliday junction' 
_struct.pdbx_model_details           ? 
_struct.pdbx_formula_weight          ? 
_struct.pdbx_formula_weight_method   ? 
_struct.pdbx_model_type_details      ? 
_struct.pdbx_CASP_flag               N 
# 
_struct_keywords.entry_id        6XO7 
_struct_keywords.text            
'Structural DNA nanotechnology, immobile Holliday junctions, 3D DNA self-assembly, designer DNA crystals, DNA' 
_struct_keywords.pdbx_keywords   DNA 
# 
loop_
_struct_asym.id 
_struct_asym.pdbx_blank_PDB_chainid_flag 
_struct_asym.pdbx_modified 
_struct_asym.entity_id 
_struct_asym.details 
A N N 1 ? 
B N N 2 ? 
C N N 3 ? 
D N N 4 ? 
E N N 5 ? 
F N N 5 ? 
G N N 6 ? 
H N N 6 ? 
# 
loop_
_struct_conn.id 
_struct_conn.conn_type_id 
_struct_conn.pdbx_leaving_atom_flag 
_struct_conn.pdbx_PDB_id 
_struct_conn.ptnr1_label_asym_id 
_struct_conn.ptnr1_label_comp_id 
_struct_conn.ptnr1_label_seq_id 
_struct_conn.ptnr1_label_atom_id 
_struct_conn.pdbx_ptnr1_label_alt_id 
_struct_conn.pdbx_ptnr1_PDB_ins_code 
_struct_conn.pdbx_ptnr1_standard_comp_id 
_struct_conn.ptnr1_symmetry 
_struct_conn.ptnr2_label_asym_id 
_struct_conn.ptnr2_label_comp_id 
_struct_conn.ptnr2_label_seq_id 
_struct_conn.ptnr2_label_atom_id 
_struct_conn.pdbx_ptnr2_label_alt_id 
_struct_conn.pdbx_ptnr2_PDB_ins_code 
_struct_conn.ptnr1_auth_asym_id 
_struct_conn.ptnr1_auth_comp_id 
_struct_conn.ptnr1_auth_seq_id 
_struct_conn.ptnr2_auth_asym_id 
_struct_conn.ptnr2_auth_comp_id 
_struct_conn.ptnr2_auth_seq_id 
_struct_conn.ptnr2_symmetry 
_struct_conn.pdbx_ptnr3_label_atom_id 
_struct_conn.pdbx_ptnr3_label_seq_id 
_struct_conn.pdbx_ptnr3_label_comp_id 
_struct_conn.pdbx_ptnr3_label_asym_id 
_struct_conn.pdbx_ptnr3_label_alt_id 
_struct_conn.pdbx_ptnr3_PDB_ins_code 
_struct_conn.details 
_struct_conn.pdbx_dist_value 
_struct_conn.pdbx_value_order 
_struct_conn.pdbx_role 
hydrog1  hydrog ? ? A DG 3  N1 ? ? ? 1_555 D DC 15 N3 ? ? A DG 3  D DC 16 1_555 ? ? ? ? ? ? WATSON-CRICK ? ? ? 
hydrog2  hydrog ? ? A DG 3  N2 ? ? ? 1_555 D DC 15 O2 ? ? A DG 3  D DC 16 1_555 ? ? ? ? ? ? WATSON-CRICK ? ? ? 
hydrog3  hydrog ? ? A DG 3  O6 ? ? ? 1_555 D DC 15 N4 ? ? A DG 3  D DC 16 1_555 ? ? ? ? ? ? WATSON-CRICK ? ? ? 
hydrog4  hydrog ? ? A DC 4  N3 ? ? ? 1_555 D DG 14 N1 ? ? A DC 4  D DG 15 1_555 ? ? ? ? ? ? WATSON-CRICK ? ? ? 
hydrog5  hydrog ? ? A DC 4  N4 ? ? ? 1_555 D DG 14 O6 ? ? A DC 4  D DG 15 1_555 ? ? ? ? ? ? WATSON-CRICK ? ? ? 
hydrog6  hydrog ? ? A DC 4  O2 ? ? ? 1_555 D DG 14 N2 ? ? A DC 4  D DG 15 1_555 ? ? ? ? ? ? WATSON-CRICK ? ? ? 
hydrog7  hydrog ? ? A DA 5  N1 ? ? ? 1_555 D DT 13 N3 ? ? A DA 5  D DT 14 1_555 ? ? ? ? ? ? WATSON-CRICK ? ? ? 
hydrog8  hydrog ? ? A DA 5  N6 ? ? ? 1_555 D DT 13 O4 ? ? A DA 5  D DT 14 1_555 ? ? ? ? ? ? WATSON-CRICK ? ? ? 
hydrog9  hydrog ? ? A DG 6  N1 ? ? ? 1_555 D DC 12 N3 ? ? A DG 6  D DC 13 1_555 ? ? ? ? ? ? WATSON-CRICK ? ? ? 
hydrog10 hydrog ? ? A DG 6  N2 ? ? ? 1_555 D DC 12 O2 ? ? A DG 6  D DC 13 1_555 ? ? ? ? ? ? WATSON-CRICK ? ? ? 
hydrog11 hydrog ? ? A DG 6  O6 ? ? ? 1_555 D DC 12 N4 ? ? A DG 6  D DC 13 1_555 ? ? ? ? ? ? WATSON-CRICK ? ? ? 
hydrog12 hydrog ? ? A DA 7  N1 ? ? ? 1_555 D DT 11 N3 ? ? A DA 7  D DT 12 1_555 ? ? ? ? ? ? WATSON-CRICK ? ? ? 
hydrog13 hydrog ? ? A DA 7  N6 ? ? ? 1_555 D DT 11 O4 ? ? A DA 7  D DT 12 1_555 ? ? ? ? ? ? WATSON-CRICK ? ? ? 
hydrog14 hydrog ? ? A DC 8  N3 ? ? ? 1_555 D DG 10 N1 ? ? A DC 8  D DG 11 1_555 ? ? ? ? ? ? WATSON-CRICK ? ? ? 
hydrog15 hydrog ? ? A DC 8  N4 ? ? ? 1_555 D DG 10 O6 ? ? A DC 8  D DG 11 1_555 ? ? ? ? ? ? WATSON-CRICK ? ? ? 
hydrog16 hydrog ? ? A DC 8  O2 ? ? ? 1_555 D DG 10 N2 ? ? A DC 8  D DG 11 1_555 ? ? ? ? ? ? WATSON-CRICK ? ? ? 
hydrog17 hydrog ? ? A DC 9  N3 ? ? ? 1_555 D DG 9  N1 ? ? A DC 9  D DG 10 1_555 ? ? ? ? ? ? WATSON-CRICK ? ? ? 
hydrog18 hydrog ? ? A DC 9  N4 ? ? ? 1_555 D DG 9  O6 ? ? A DC 9  D DG 10 1_555 ? ? ? ? ? ? WATSON-CRICK ? ? ? 
hydrog19 hydrog ? ? A DC 9  O2 ? ? ? 1_555 D DG 9  N2 ? ? A DC 9  D DG 10 1_555 ? ? ? ? ? ? WATSON-CRICK ? ? ? 
hydrog20 hydrog ? ? A DT 10 N3 ? ? ? 1_555 C DA 3  N1 ? ? A DT 10 C DA 2  1_555 ? ? ? ? ? ? WATSON-CRICK ? ? ? 
hydrog21 hydrog ? ? A DT 10 O4 ? ? ? 1_555 C DA 3  N6 ? ? A DT 10 C DA 2  1_555 ? ? ? ? ? ? WATSON-CRICK ? ? ? 
hydrog22 hydrog ? ? A DG 11 N2 ? ? ? 1_555 C DC 2  O2 ? ? A DG 11 C DC 1  1_555 ? ? ? ? ? ? 'DG-DC PAIR' ? ? ? 
hydrog23 hydrog ? ? A DA 12 N1 ? ? ? 1_555 C DT 1  N3 ? ? A DA 12 C DT 0  1_555 ? ? ? ? ? ? WATSON-CRICK ? ? ? 
hydrog24 hydrog ? ? A DA 12 N6 ? ? ? 1_555 C DT 1  O4 ? ? A DA 12 C DT 0  1_555 ? ? ? ? ? ? WATSON-CRICK ? ? ? 
hydrog25 hydrog ? ? B DC 1  N3 ? ? ? 1_555 C DG 6  N1 ? ? B DC 12 C DG 5  1_555 ? ? ? ? ? ? WATSON-CRICK ? ? ? 
hydrog26 hydrog ? ? B DC 1  N4 ? ? ? 1_555 C DG 6  O6 ? ? B DC 12 C DG 5  1_555 ? ? ? ? ? ? WATSON-CRICK ? ? ? 
hydrog27 hydrog ? ? B DC 1  O2 ? ? ? 1_555 C DG 6  N2 ? ? B DC 12 C DG 5  1_555 ? ? ? ? ? ? WATSON-CRICK ? ? ? 
hydrog28 hydrog ? ? B DG 2  N1 ? ? ? 1_555 C DC 5  N3 ? ? B DG 13 C DC 4  1_555 ? ? ? ? ? ? WATSON-CRICK ? ? ? 
hydrog29 hydrog ? ? B DG 2  N2 ? ? ? 1_555 C DC 5  O2 ? ? B DG 13 C DC 4  1_555 ? ? ? ? ? ? WATSON-CRICK ? ? ? 
hydrog30 hydrog ? ? B DG 2  O6 ? ? ? 1_555 C DC 5  N4 ? ? B DG 13 C DC 4  1_555 ? ? ? ? ? ? WATSON-CRICK ? ? ? 
hydrog31 hydrog ? ? B DG 3  N1 ? ? ? 1_555 C DC 4  N3 ? ? B DG 14 C DC 3  1_555 ? ? ? ? ? ? WATSON-CRICK ? ? ? 
hydrog32 hydrog ? ? B DG 3  N2 ? ? ? 1_555 C DC 4  O2 ? ? B DG 14 C DC 3  1_555 ? ? ? ? ? ? WATSON-CRICK ? ? ? 
hydrog33 hydrog ? ? B DG 3  O6 ? ? ? 1_555 C DC 4  N4 ? ? B DG 14 C DC 3  1_555 ? ? ? ? ? ? WATSON-CRICK ? ? ? 
hydrog34 hydrog ? ? B DG 4  N1 ? ? ? 1_555 D DC 8  N3 ? ? B DG 15 D DC 9  1_555 ? ? ? ? ? ? WATSON-CRICK ? ? ? 
hydrog35 hydrog ? ? B DG 4  N2 ? ? ? 1_555 D DC 8  O2 ? ? B DG 15 D DC 9  1_555 ? ? ? ? ? ? WATSON-CRICK ? ? ? 
hydrog36 hydrog ? ? B DG 4  O6 ? ? ? 1_555 D DC 8  N4 ? ? B DG 15 D DC 9  1_555 ? ? ? ? ? ? WATSON-CRICK ? ? ? 
hydrog37 hydrog ? ? B DA 5  N1 ? ? ? 1_555 D DT 7  N3 ? ? B DA 16 D DT 8  1_555 ? ? ? ? ? ? WATSON-CRICK ? ? ? 
hydrog38 hydrog ? ? B DA 5  N6 ? ? ? 1_555 D DT 7  O4 ? ? B DA 16 D DT 8  1_555 ? ? ? ? ? ? WATSON-CRICK ? ? ? 
hydrog39 hydrog ? ? B DC 6  N3 ? ? ? 1_555 D DG 6  N1 ? ? B DC 17 D DG 7  1_555 ? ? ? ? ? ? WATSON-CRICK ? ? ? 
hydrog40 hydrog ? ? B DC 6  N4 ? ? ? 1_555 D DG 6  O6 ? ? B DC 17 D DG 7  1_555 ? ? ? ? ? ? WATSON-CRICK ? ? ? 
hydrog41 hydrog ? ? B DC 6  O2 ? ? ? 1_555 D DG 6  N2 ? ? B DC 17 D DG 7  1_555 ? ? ? ? ? ? WATSON-CRICK ? ? ? 
hydrog42 hydrog ? ? B DT 7  N3 ? ? ? 1_555 D DA 5  N1 ? ? B DT 18 D DA 6  1_555 ? ? ? ? ? ? WATSON-CRICK ? ? ? 
hydrog43 hydrog ? ? B DT 7  O4 ? ? ? 1_555 D DA 5  N6 ? ? B DT 18 D DA 6  1_555 ? ? ? ? ? ? WATSON-CRICK ? ? ? 
hydrog44 hydrog ? ? B DC 8  N3 ? ? ? 1_555 D DG 4  N1 ? ? B DC 19 D DG 5  1_555 ? ? ? ? ? ? WATSON-CRICK ? ? ? 
hydrog45 hydrog ? ? B DC 8  N4 ? ? ? 1_555 D DG 4  O6 ? ? B DC 19 D DG 5  1_555 ? ? ? ? ? ? WATSON-CRICK ? ? ? 
hydrog46 hydrog ? ? B DC 8  O2 ? ? ? 1_555 D DG 4  N2 ? ? B DC 19 D DG 5  1_555 ? ? ? ? ? ? WATSON-CRICK ? ? ? 
# 
_struct_conn_type.id          hydrog 
_struct_conn_type.criteria    ? 
_struct_conn_type.reference   ? 
# 
_atom_sites.entry_id                    6XO7 
_atom_sites.Cartn_transf_matrix[1][1]   ? 
_atom_sites.Cartn_transf_matrix[1][2]   ? 
_atom_sites.Cartn_transf_matrix[1][3]   ? 
_atom_sites.Cartn_transf_matrix[2][1]   ? 
_atom_sites.Cartn_transf_matrix[2][2]   ? 
_atom_sites.Cartn_transf_matrix[2][3]   ? 
_atom_sites.Cartn_transf_matrix[3][1]   ? 
_atom_sites.Cartn_transf_matrix[3][2]   ? 
_atom_sites.Cartn_transf_matrix[3][3]   ? 
_atom_sites.Cartn_transf_vector[1]      ? 
_atom_sites.Cartn_transf_vector[2]      ? 
_atom_sites.Cartn_transf_vector[3]      ? 
_atom_sites.fract_transf_matrix[1][1]   -0.00963657 
_atom_sites.fract_transf_matrix[1][2]   -0.01241170 
_atom_sites.fract_transf_matrix[1][3]   -0.00634298 
_atom_sites.fract_transf_matrix[2][1]   -0.01018703 
_atom_sites.fract_transf_matrix[2][2]   0.00308024 
_atom_sites.fract_transf_matrix[2][3]   -0.01318725 
_atom_sites.fract_transf_matrix[3][1]   0.01396268 
_atom_sites.fract_transf_matrix[3][2]   -0.00476034 
_atom_sites.fract_transf_matrix[3][3]   -0.01189795 
_atom_sites.fract_transf_vector[1]      0.320431 
_atom_sites.fract_transf_vector[2]      0.145730 
_atom_sites.fract_transf_vector[3]      0.113794 
_atom_sites.solution_primary            ? 
_atom_sites.solution_secondary          ? 
_atom_sites.solution_hydrogens          ? 
_atom_sites.special_details             ? 
# 
loop_
_atom_type.symbol 
AS 
C  
H  
MG 
N  
O  
P  
# 
loop_
_atom_site.group_PDB 
_atom_site.id 
_atom_site.type_symbol 
_atom_site.label_atom_id 
_atom_site.label_alt_id 
_atom_site.label_comp_id 
_atom_site.label_asym_id 
_atom_site.label_entity_id 
_atom_site.label_seq_id 
_atom_site.pdbx_PDB_ins_code 
_atom_site.Cartn_x 
_atom_site.Cartn_y 
_atom_site.Cartn_z 
_atom_site.occupancy 
_atom_site.B_iso_or_equiv 
_atom_site.pdbx_formal_charge 
_atom_site.auth_seq_id 
_atom_site.auth_comp_id 
_atom_site.auth_asym_id 
_atom_site.auth_atom_id 
_atom_site.pdbx_PDB_model_num 
ATOM   1    O  "O5'"  . DG  A 1 1  ? -12.532 -16.976 15.588  1.00 122.28 ? 1   DG  A "O5'"  1 
ATOM   2    C  "C5'"  . DG  A 1 1  ? -11.578 -16.317 14.761  1.00 127.58 ? 1   DG  A "C5'"  1 
ATOM   3    C  "C4'"  . DG  A 1 1  ? -11.185 -17.193 13.586  1.00 106.13 ? 1   DG  A "C4'"  1 
ATOM   4    O  "O4'"  . DG  A 1 1  ? -12.364 -17.556 12.845  1.00 84.74  ? 1   DG  A "O4'"  1 
ATOM   5    C  "C3'"  . DG  A 1 1  ? -10.276 -16.531 12.564  1.00 120.31 ? 1   DG  A "C3'"  1 
ATOM   6    O  "O3'"  . DG  A 1 1  ? -8.905  -16.684 12.933  1.00 133.96 ? 1   DG  A "O3'"  1 
ATOM   7    C  "C2'"  . DG  A 1 1  ? -10.615 -17.262 11.262  1.00 100.37 ? 1   DG  A "C2'"  1 
ATOM   8    C  "C1'"  . DG  A 1 1  ? -12.005 -17.851 11.513  1.00 80.10  ? 1   DG  A "C1'"  1 
ATOM   9    N  N9     . DG  A 1 1  ? -13.038 -17.325 10.636  1.00 74.80  ? 1   DG  A N9     1 
ATOM   10   C  C8     . DG  A 1 1  ? -14.257 -16.818 11.012  1.00 78.03  ? 1   DG  A C8     1 
ATOM   11   N  N7     . DG  A 1 1  ? -14.992 -16.435 10.005  1.00 81.69  ? 1   DG  A N7     1 
ATOM   12   C  C5     . DG  A 1 1  ? -14.210 -16.705 8.890   1.00 81.32  ? 1   DG  A C5     1 
ATOM   13   C  C6     . DG  A 1 1  ? -14.477 -16.499 7.518   1.00 69.26  ? 1   DG  A C6     1 
ATOM   14   O  O6     . DG  A 1 1  ? -15.494 -16.019 6.999   1.00 58.36  ? 1   DG  A O6     1 
ATOM   15   N  N1     . DG  A 1 1  ? -13.413 -16.911 6.719   1.00 74.07  ? 1   DG  A N1     1 
ATOM   16   C  C2     . DG  A 1 1  ? -12.237 -17.448 7.191   1.00 90.97  ? 1   DG  A C2     1 
ATOM   17   N  N2     . DG  A 1 1  ? -11.323 -17.787 6.271   1.00 98.04  ? 1   DG  A N2     1 
ATOM   18   N  N3     . DG  A 1 1  ? -11.978 -17.654 8.475   1.00 89.93  ? 1   DG  A N3     1 
ATOM   19   C  C4     . DG  A 1 1  ? -13.003 -17.257 9.264   1.00 85.12  ? 1   DG  A C4     1 
ATOM   20   H  "H5'"  . DG  A 1 1  ? -10.787 -16.115 15.286  1.00 153.10 ? 1   DG  A "H5'"  1 
ATOM   21   H  "H5''" . DG  A 1 1  ? -11.962 -15.490 14.429  1.00 153.10 ? 1   DG  A "H5''" 1 
ATOM   22   H  "H4'"  . DG  A 1 1  ? -10.758 -17.998 13.917  1.00 127.36 ? 1   DG  A "H4'"  1 
ATOM   23   H  "H3'"  . DG  A 1 1  ? -10.497 -15.590 12.483  1.00 144.37 ? 1   DG  A "H3'"  1 
ATOM   24   H  "H2'"  . DG  A 1 1  ? -10.641 -16.639 10.520  1.00 120.44 ? 1   DG  A "H2'"  1 
ATOM   25   H  "H2''" . DG  A 1 1  ? -9.973  -17.970 11.093  1.00 120.44 ? 1   DG  A "H2''" 1 
ATOM   26   H  "H1'"  . DG  A 1 1  ? -11.962 -18.814 11.405  1.00 96.12  ? 1   DG  A "H1'"  1 
ATOM   27   H  H8     . DG  A 1 1  ? -14.533 -16.759 11.898  1.00 93.64  ? 1   DG  A H8     1 
ATOM   28   H  H1     . DG  A 1 1  ? -13.495 -16.820 5.868   1.00 88.88  ? 1   DG  A H1     1 
ATOM   29   H  H21    . DG  A 1 1  ? -10.575 -18.135 6.516   1.00 117.65 ? 1   DG  A H21    1 
ATOM   30   H  H22    . DG  A 1 1  ? -11.484 -17.658 5.436   1.00 117.65 ? 1   DG  A H22    1 
ATOM   31   P  P      . DA  A 1 2  ? -7.802  -15.628 12.432  1.00 127.27 ? 2   DA  A P      1 
ATOM   32   O  OP1    . DA  A 1 2  ? -6.602  -15.812 13.278  1.00 111.76 ? 2   DA  A OP1    1 
ATOM   33   O  OP2    . DA  A 1 2  ? -8.451  -14.300 12.342  1.00 121.75 ? 2   DA  A OP2    1 
ATOM   34   O  "O5'"  . DA  A 1 2  ? -7.468  -16.103 10.940  1.00 105.79 ? 2   DA  A "O5'"  1 
ATOM   35   C  "C5'"  . DA  A 1 2  ? -6.390  -15.511 10.224  1.00 109.72 ? 2   DA  A "C5'"  1 
ATOM   36   C  "C4'"  . DA  A 1 2  ? -6.232  -16.158 8.863   1.00 97.42  ? 2   DA  A "C4'"  1 
ATOM   37   O  "O4'"  . DA  A 1 2  ? -7.542  -16.529 8.364   1.00 99.39  ? 2   DA  A "O4'"  1 
ATOM   38   C  "C3'"  . DA  A 1 2  ? -5.645  -15.259 7.789   1.00 106.19 ? 2   DA  A "C3'"  1 
ATOM   39   O  "O3'"  . DA  A 1 2  ? -5.004  -16.026 6.769   1.00 115.11 ? 2   DA  A "O3'"  1 
ATOM   40   C  "C2'"  . DA  A 1 2  ? -6.877  -14.532 7.280   1.00 105.01 ? 2   DA  A "C2'"  1 
ATOM   41   C  "C1'"  . DA  A 1 2  ? -7.967  -15.592 7.386   1.00 103.69 ? 2   DA  A "C1'"  1 
ATOM   42   N  N9     . DA  A 1 2  ? -9.258  -15.050 7.786   1.00 102.57 ? 2   DA  A N9     1 
ATOM   43   C  C8     . DA  A 1 2  ? -9.663  -14.737 9.053   1.00 101.68 ? 2   DA  A C8     1 
ATOM   44   N  N7     . DA  A 1 2  ? -10.882 -14.255 9.114   1.00 101.41 ? 2   DA  A N7     1 
ATOM   45   C  C5     . DA  A 1 2  ? -11.300 -14.244 7.792   1.00 100.16 ? 2   DA  A C5     1 
ATOM   46   C  C6     . DA  A 1 2  ? -12.506 -13.842 7.179   1.00 105.46 ? 2   DA  A C6     1 
ATOM   47   N  N6     . DA  A 1 2  ? -13.551 -13.353 7.855   1.00 107.30 ? 2   DA  A N6     1 
ATOM   48   N  N1     . DA  A 1 2  ? -12.594 -13.962 5.836   1.00 104.80 ? 2   DA  A N1     1 
ATOM   49   C  C2     . DA  A 1 2  ? -11.545 -14.448 5.162   1.00 105.61 ? 2   DA  A C2     1 
ATOM   50   N  N3     . DA  A 1 2  ? -10.366 -14.858 5.628   1.00 108.24 ? 2   DA  A N3     1 
ATOM   51   C  C4     . DA  A 1 2  ? -10.309 -14.728 6.962   1.00 101.70 ? 2   DA  A C4     1 
ATOM   52   H  "H5'"  . DA  A 1 2  ? -5.570  -15.626 10.729  1.00 131.67 ? 2   DA  A "H5'"  1 
ATOM   53   H  "H5''" . DA  A 1 2  ? -6.565  -14.564 10.110  1.00 131.67 ? 2   DA  A "H5''" 1 
ATOM   54   H  "H4'"  . DA  A 1 2  ? -5.686  -16.955 8.949   1.00 116.91 ? 2   DA  A "H4'"  1 
ATOM   55   H  "H3'"  . DA  A 1 2  ? -5.021  -14.630 8.183   1.00 127.43 ? 2   DA  A "H3'"  1 
ATOM   56   H  "H2'"  . DA  A 1 2  ? -7.083  -13.770 7.845   1.00 126.02 ? 2   DA  A "H2'"  1 
ATOM   57   H  "H2''" . DA  A 1 2  ? -6.756  -14.255 6.358   1.00 126.02 ? 2   DA  A "H2''" 1 
ATOM   58   H  "H1'"  . DA  A 1 2  ? -8.061  -16.042 6.532   1.00 124.43 ? 2   DA  A "H1'"  1 
ATOM   59   H  H8     . DA  A 1 2  ? -9.129  -14.863 9.803   1.00 122.02 ? 2   DA  A H8     1 
ATOM   60   H  H61    . DA  A 1 2  ? -14.265 -13.124 7.434   1.00 128.76 ? 2   DA  A H61    1 
ATOM   61   H  H62    . DA  A 1 2  ? -13.508 -13.269 8.709   1.00 128.76 ? 2   DA  A H62    1 
ATOM   62   H  H2     . DA  A 1 2  ? -11.656 -14.511 4.241   1.00 126.73 ? 2   DA  A H2     1 
ATOM   63   P  P      . DG  A 1 3  ? -4.057  -15.307 5.685   1.00 113.00 ? 3   DG  A P      1 
ATOM   64   O  OP1    . DG  A 1 3  ? -4.020  -16.155 4.472   1.00 115.95 ? 3   DG  A OP1    1 
ATOM   65   O  OP2    . DG  A 1 3  ? -2.800  -14.939 6.373   1.00 84.24  ? 3   DG  A OP2    1 
ATOM   66   O  "O5'"  . DG  A 1 3  ? -4.840  -13.965 5.322   1.00 92.59  ? 3   DG  A "O5'"  1 
ATOM   67   C  "C5'"  . DG  A 1 3  ? -4.647  -13.347 4.064   1.00 104.68 ? 3   DG  A "C5'"  1 
ATOM   68   C  "C4'"  . DG  A 1 3  ? -5.934  -13.337 3.261   1.00 109.84 ? 3   DG  A "C4'"  1 
ATOM   69   O  "O4'"  . DG  A 1 3  ? -7.071  -13.338 4.165   1.00 107.32 ? 3   DG  A "O4'"  1 
ATOM   70   C  "C3'"  . DG  A 1 3  ? -6.108  -12.119 2.350   1.00 115.36 ? 3   DG  A "C3'"  1 
ATOM   71   O  "O3'"  . DG  A 1 3  ? -6.330  -12.534 1.010   1.00 118.07 ? 3   DG  A "O3'"  1 
ATOM   72   C  "C2'"  . DG  A 1 3  ? -7.308  -11.371 2.938   1.00 111.33 ? 3   DG  A "C2'"  1 
ATOM   73   C  "C1'"  . DG  A 1 3  ? -8.059  -12.461 3.674   1.00 108.51 ? 3   DG  A "C1'"  1 
ATOM   74   N  N9     . DG  A 1 3  ? -8.868  -11.993 4.801   1.00 107.69 ? 3   DG  A N9     1 
ATOM   75   C  C8     . DG  A 1 3  ? -8.524  -12.016 6.132   1.00 109.45 ? 3   DG  A C8     1 
ATOM   76   N  N7     . DG  A 1 3  ? -9.454  -11.550 6.919   1.00 109.17 ? 3   DG  A N7     1 
ATOM   77   C  C5     . DG  A 1 3  ? -10.485 -11.202 6.057   1.00 104.66 ? 3   DG  A C5     1 
ATOM   78   C  C6     . DG  A 1 3  ? -11.754 -10.642 6.336   1.00 100.74 ? 3   DG  A C6     1 
ATOM   79   O  O6     . DG  A 1 3  ? -12.234 -10.335 7.436   1.00 102.24 ? 3   DG  A O6     1 
ATOM   80   N  N1     . DG  A 1 3  ? -12.495 -10.444 5.177   1.00 102.07 ? 3   DG  A N1     1 
ATOM   81   C  C2     . DG  A 1 3  ? -12.065 -10.747 3.908   1.00 108.05 ? 3   DG  A C2     1 
ATOM   82   N  N2     . DG  A 1 3  ? -12.924 -10.483 2.912   1.00 113.98 ? 3   DG  A N2     1 
ATOM   83   N  N3     . DG  A 1 3  ? -10.877 -11.271 3.631   1.00 100.37 ? 3   DG  A N3     1 
ATOM   84   C  C4     . DG  A 1 3  ? -10.142 -11.470 4.750   1.00 99.83  ? 3   DG  A C4     1 
ATOM   85   H  "H5'"  . DG  A 1 3  ? -3.968  -13.832 3.571   1.00 125.61 ? 3   DG  A "H5'"  1 
ATOM   86   H  "H5''" . DG  A 1 3  ? -4.350  -12.433 4.199   1.00 125.61 ? 3   DG  A "H5''" 1 
ATOM   87   H  "H4'"  . DG  A 1 3  ? -5.968  -14.140 2.718   1.00 131.81 ? 3   DG  A "H4'"  1 
ATOM   88   H  "H3'"  . DG  A 1 3  ? -5.318  -11.560 2.396   1.00 138.43 ? 3   DG  A "H3'"  1 
ATOM   89   H  "H2'"  . DG  A 1 3  ? -7.014  -10.681 3.553   1.00 133.59 ? 3   DG  A "H2'"  1 
ATOM   90   H  "H2''" . DG  A 1 3  ? -7.856  -10.994 2.232   1.00 133.59 ? 3   DG  A "H2''" 1 
ATOM   91   H  "H1'"  . DG  A 1 3  ? -8.627  -12.938 3.049   1.00 130.21 ? 3   DG  A "H1'"  1 
ATOM   92   H  H8     . DG  A 1 3  ? -7.705  -12.331 6.440   1.00 131.34 ? 3   DG  A H8     1 
ATOM   93   H  H1     . DG  A 1 3  ? -13.282 -10.107 5.259   1.00 122.48 ? 3   DG  A H1     1 
ATOM   94   H  H21    . DG  A 1 3  ? -12.704 -10.653 2.099   1.00 136.77 ? 3   DG  A H21    1 
ATOM   95   H  H22    . DG  A 1 3  ? -13.694 -10.143 3.088   1.00 136.77 ? 3   DG  A H22    1 
ATOM   96   P  P      . DC  A 1 4  ? -5.616  -11.760 -0.203  1.00 138.10 ? 4   DC  A P      1 
ATOM   97   O  OP1    . DC  A 1 4  ? -5.601  -12.676 -1.365  1.00 131.00 ? 4   DC  A OP1    1 
ATOM   98   O  OP2    . DC  A 1 4  ? -4.347  -11.184 0.296   1.00 123.73 ? 4   DC  A OP2    1 
ATOM   99   O  "O5'"  . DC  A 1 4  ? -6.616  -10.556 -0.515  1.00 130.07 ? 4   DC  A "O5'"  1 
ATOM   100  C  "C5'"  . DC  A 1 4  ? -7.972  -10.830 -0.849  1.00 138.29 ? 4   DC  A "C5'"  1 
ATOM   101  C  "C4'"  . DC  A 1 4  ? -8.802  -9.563  -0.815  1.00 130.66 ? 4   DC  A "C4'"  1 
ATOM   102  O  "O4'"  . DC  A 1 4  ? -9.457  -9.436  0.488   1.00 132.97 ? 4   DC  A "O4'"  1 
ATOM   103  C  "C3'"  . DC  A 1 4  ? -8.001  -8.270  -1.003  1.00 137.16 ? 4   DC  A "C3'"  1 
ATOM   104  O  "O3'"  . DC  A 1 4  ? -8.678  -7.382  -1.881  1.00 138.26 ? 4   DC  A "O3'"  1 
ATOM   105  C  "C2'"  . DC  A 1 4  ? -7.915  -7.727  0.413   1.00 142.06 ? 4   DC  A "C2'"  1 
ATOM   106  C  "C1'"  . DC  A 1 4  ? -9.282  -8.115  0.937   1.00 130.86 ? 4   DC  A "C1'"  1 
ATOM   107  N  N1     . DC  A 1 4  ? -9.436  -8.045  2.431   1.00 118.71 ? 4   DC  A N1     1 
ATOM   108  C  C2     . DC  A 1 4  ? -10.648 -7.599  2.971   1.00 123.97 ? 4   DC  A C2     1 
ATOM   109  O  O2     . DC  A 1 4  ? -11.574 -7.295  2.209   1.00 132.67 ? 4   DC  A O2     1 
ATOM   110  N  N3     . DC  A 1 4  ? -10.778 -7.521  4.318   1.00 116.70 ? 4   DC  A N3     1 
ATOM   111  C  C4     . DC  A 1 4  ? -9.760  -7.859  5.107   1.00 118.80 ? 4   DC  A C4     1 
ATOM   112  N  N4     . DC  A 1 4  ? -9.937  -7.764  6.429   1.00 125.91 ? 4   DC  A N4     1 
ATOM   113  C  C5     . DC  A 1 4  ? -8.514  -8.306  4.578   1.00 120.42 ? 4   DC  A C5     1 
ATOM   114  C  C6     . DC  A 1 4  ? -8.396  -8.379  3.247   1.00 115.93 ? 4   DC  A C6     1 
ATOM   115  H  "H5'"  . DC  A 1 4  ? -8.335  -11.466 -0.213  1.00 165.95 ? 4   DC  A "H5'"  1 
ATOM   116  H  "H5''" . DC  A 1 4  ? -8.011  -11.212 -1.739  1.00 165.95 ? 4   DC  A "H5''" 1 
ATOM   117  H  "H4'"  . DC  A 1 4  ? -9.482  -9.615  -1.505  1.00 156.80 ? 4   DC  A "H4'"  1 
ATOM   118  H  "H3'"  . DC  A 1 4  ? -7.114  -8.470  -1.342  1.00 164.59 ? 4   DC  A "H3'"  1 
ATOM   119  H  "H2'"  . DC  A 1 4  ? -7.209  -8.167  0.913   1.00 170.48 ? 4   DC  A "H2'"  1 
ATOM   120  H  "H2''" . DC  A 1 4  ? -7.800  -6.764  0.412   1.00 170.48 ? 4   DC  A "H2''" 1 
ATOM   121  H  "H1'"  . DC  A 1 4  ? -9.952  -7.548  0.523   1.00 157.03 ? 4   DC  A "H1'"  1 
ATOM   122  H  H41    . DC  A 1 4  ? -9.297  -7.975  6.965   1.00 151.09 ? 4   DC  A H41    1 
ATOM   123  H  H42    . DC  A 1 4  ? -10.690 -7.492  6.744   1.00 151.09 ? 4   DC  A H42    1 
ATOM   124  H  H5     . DC  A 1 4  ? -7.809  -8.540  5.137   1.00 144.50 ? 4   DC  A H5     1 
ATOM   125  H  H6     . DC  A 1 4  ? -7.596  -8.669  2.873   1.00 139.12 ? 4   DC  A H6     1 
ATOM   126  P  P      . DA  A 1 5  ? -7.998  -6.942  -3.267  1.00 141.26 ? 5   DA  A P      1 
ATOM   127  O  OP1    . DA  A 1 5  ? -8.275  -8.012  -4.253  1.00 137.42 ? 5   DA  A OP1    1 
ATOM   128  O  OP2    . DA  A 1 5  ? -6.600  -6.547  -2.977  1.00 140.86 ? 5   DA  A OP2    1 
ATOM   129  O  "O5'"  . DA  A 1 5  ? -8.802  -5.625  -3.690  1.00 143.36 ? 5   DA  A "O5'"  1 
ATOM   130  C  "C5'"  . DA  A 1 5  ? -10.150 -5.724  -4.137  1.00 147.56 ? 5   DA  A "C5'"  1 
ATOM   131  C  "C4'"  . DA  A 1 5  ? -11.065 -4.848  -3.300  1.00 145.74 ? 5   DA  A "C4'"  1 
ATOM   132  O  "O4'"  . DA  A 1 5  ? -10.933 -5.208  -1.912  1.00 146.17 ? 5   DA  A "O4'"  1 
ATOM   133  C  "C3'"  . DA  A 1 5  ? -10.761 -3.351  -3.371  1.00 139.85 ? 5   DA  A "C3'"  1 
ATOM   134  O  "O3'"  . DA  A 1 5  ? -11.711 -2.694  -4.202  1.00 142.19 ? 5   DA  A "O3'"  1 
ATOM   135  C  "C2'"  . DA  A 1 5  ? -10.823 -2.863  -1.913  1.00 137.06 ? 5   DA  A "C2'"  1 
ATOM   136  C  "C1'"  . DA  A 1 5  ? -11.248 -4.094  -1.118  1.00 136.60 ? 5   DA  A "C1'"  1 
ATOM   137  N  N9     . DA  A 1 5  ? -10.563 -4.242  0.159   1.00 134.08 ? 5   DA  A N9     1 
ATOM   138  C  C8     . DA  A 1 5  ? -9.297  -4.710  0.357   1.00 134.67 ? 5   DA  A C8     1 
ATOM   139  N  N7     . DA  A 1 5  ? -8.935  -4.749  1.616   1.00 133.29 ? 5   DA  A N7     1 
ATOM   140  C  C5     . DA  A 1 5  ? -10.043 -4.272  2.294   1.00 132.75 ? 5   DA  A C5     1 
ATOM   141  C  C6     . DA  A 1 5  ? -10.299 -4.064  3.664   1.00 129.23 ? 5   DA  A C6     1 
ATOM   142  N  N6     . DA  A 1 5  ? -9.409  -4.323  4.629   1.00 129.60 ? 5   DA  A N6     1 
ATOM   143  N  N1     . DA  A 1 5  ? -11.510 -3.576  4.004   1.00 128.76 ? 5   DA  A N1     1 
ATOM   144  C  C2     . DA  A 1 5  ? -12.398 -3.318  3.036   1.00 130.28 ? 5   DA  A C2     1 
ATOM   145  N  N3     . DA  A 1 5  ? -12.270 -3.471  1.718   1.00 132.88 ? 5   DA  A N3     1 
ATOM   146  C  C4     . DA  A 1 5  ? -11.059 -3.959  1.411   1.00 133.87 ? 5   DA  A C4     1 
ATOM   147  H  "H5'"  . DA  A 1 5  ? -10.442 -6.646  -4.067  1.00 177.07 ? 5   DA  A "H5'"  1 
ATOM   148  H  "H5''" . DA  A 1 5  ? -10.200 -5.443  -5.064  1.00 177.07 ? 5   DA  A "H5''" 1 
ATOM   149  H  "H4'"  . DA  A 1 5  ? -11.983 -4.996  -3.578  1.00 174.88 ? 5   DA  A "H4'"  1 
ATOM   150  H  "H3'"  . DA  A 1 5  ? -9.868  -3.216  -3.724  1.00 167.82 ? 5   DA  A "H3'"  1 
ATOM   151  H  "H2'"  . DA  A 1 5  ? -9.949  -2.558  -1.622  1.00 164.47 ? 5   DA  A "H2'"  1 
ATOM   152  H  "H2''" . DA  A 1 5  ? -11.480 -2.157  -1.820  1.00 164.47 ? 5   DA  A "H2''" 1 
ATOM   153  H  "H1'"  . DA  A 1 5  ? -12.206 -4.066  -0.968  1.00 163.92 ? 5   DA  A "H1'"  1 
ATOM   154  H  H8     . DA  A 1 5  ? -8.743  -4.982  -0.339  1.00 161.60 ? 5   DA  A H8     1 
ATOM   155  H  H61    . DA  A 1 5  ? -9.612  -4.179  5.451   1.00 155.52 ? 5   DA  A H61    1 
ATOM   156  H  H62    . DA  A 1 5  ? -8.632  -4.633  4.425   1.00 155.52 ? 5   DA  A H62    1 
ATOM   157  H  H2     . DA  A 1 5  ? -13.215 -2.980  3.322   1.00 156.34 ? 5   DA  A H2     1 
ATOM   158  P  P      . DG  A 1 6  ? -11.515 -1.147  -4.587  1.00 116.79 ? 6   DG  A P      1 
ATOM   159  O  OP1    . DG  A 1 6  ? -12.349 -0.879  -5.779  1.00 108.37 ? 6   DG  A OP1    1 
ATOM   160  O  OP2    . DG  A 1 6  ? -10.060 -0.880  -4.629  1.00 119.15 ? 6   DG  A OP2    1 
ATOM   161  O  "O5'"  . DG  A 1 6  ? -12.128 -0.363  -3.333  1.00 128.11 ? 6   DG  A "O5'"  1 
ATOM   162  C  "C5'"  . DG  A 1 6  ? -13.486 -0.575  -2.961  1.00 130.05 ? 6   DG  A "C5'"  1 
ATOM   163  C  "C4'"  . DG  A 1 6  ? -13.790 0.043   -1.606  1.00 131.95 ? 6   DG  A "C4'"  1 
ATOM   164  O  "O4'"  . DG  A 1 6  ? -13.057 -0.655  -0.579  1.00 126.81 ? 6   DG  A "O4'"  1 
ATOM   165  C  "C3'"  . DG  A 1 6  ? -13.394 1.515   -1.460  1.00 138.58 ? 6   DG  A "C3'"  1 
ATOM   166  O  "O3'"  . DG  A 1 6  ? -14.542 2.355   -1.543  1.00 151.24 ? 6   DG  A "O3'"  1 
ATOM   167  C  "C2'"  . DG  A 1 6  ? -12.713 1.603   -0.084  1.00 132.71 ? 6   DG  A "C2'"  1 
ATOM   168  C  "C1'"  . DG  A 1 6  ? -12.893 0.215   0.511   1.00 130.40 ? 6   DG  A "C1'"  1 
ATOM   169  N  N9     . DG  A 1 6  ? -11.760 -0.236  1.310   1.00 131.27 ? 6   DG  A N9     1 
ATOM   170  C  C8     . DG  A 1 6  ? -10.602 -0.815  0.852   1.00 136.42 ? 6   DG  A C8     1 
ATOM   171  N  N7     . DG  A 1 6  ? -9.763  -1.121  1.803   1.00 134.85 ? 6   DG  A N7     1 
ATOM   172  C  C5     . DG  A 1 6  ? -10.405 -0.715  2.966   1.00 125.14 ? 6   DG  A C5     1 
ATOM   173  C  C6     . DG  A 1 6  ? -9.983  -0.791  4.314   1.00 116.74 ? 6   DG  A C6     1 
ATOM   174  O  O6     . DG  A 1 6  ? -8.920  -1.244  4.762   1.00 108.47 ? 6   DG  A O6     1 
ATOM   175  N  N1     . DG  A 1 6  ? -10.938 -0.266  5.183   1.00 110.66 ? 6   DG  A N1     1 
ATOM   176  C  C2     . DG  A 1 6  ? -12.146 0.261   4.798   1.00 113.54 ? 6   DG  A C2     1 
ATOM   177  N  N2     . DG  A 1 6  ? -12.936 0.720   5.780   1.00 109.15 ? 6   DG  A N2     1 
ATOM   178  N  N3     . DG  A 1 6  ? -12.554 0.338   3.537   1.00 118.78 ? 6   DG  A N3     1 
ATOM   179  C  C4     . DG  A 1 6  ? -11.636 -0.167  2.679   1.00 125.28 ? 6   DG  A C4     1 
ATOM   180  H  "H5'"  . DG  A 1 6  ? -13.660 -1.528  -2.923  1.00 156.06 ? 6   DG  A "H5'"  1 
ATOM   181  H  "H5''" . DG  A 1 6  ? -14.064 -0.175  -3.629  1.00 156.06 ? 6   DG  A "H5''" 1 
ATOM   182  H  "H4'"  . DG  A 1 6  ? -14.740 -0.045  -1.427  1.00 158.34 ? 6   DG  A "H4'"  1 
ATOM   183  H  "H3'"  . DG  A 1 6  ? -12.761 1.754   -2.154  1.00 166.29 ? 6   DG  A "H3'"  1 
ATOM   184  H  "H2'"  . DG  A 1 6  ? -11.770 1.810   -0.185  1.00 159.26 ? 6   DG  A "H2'"  1 
ATOM   185  H  "H2''" . DG  A 1 6  ? -13.151 2.269   0.469   1.00 159.26 ? 6   DG  A "H2''" 1 
ATOM   186  H  "H1'"  . DG  A 1 6  ? -13.696 0.200   1.055   1.00 156.48 ? 6   DG  A "H1'"  1 
ATOM   187  H  H8     . DG  A 1 6  ? -10.436 -0.978  -0.048  1.00 163.70 ? 6   DG  A H8     1 
ATOM   188  H  H1     . DG  A 1 6  ? -10.756 -0.273  6.024   1.00 132.79 ? 6   DG  A H1     1 
ATOM   189  H  H21    . DG  A 1 6  ? -13.702 1.061   5.591   1.00 130.99 ? 6   DG  A H21    1 
ATOM   190  H  H22    . DG  A 1 6  ? -12.675 0.673   6.598   1.00 130.99 ? 6   DG  A H22    1 
ATOM   191  P  P      . DA  A 1 7  ? -14.376 3.953   -1.524  1.00 156.40 ? 7   DA  A P      1 
ATOM   192  O  OP1    . DA  A 1 7  ? -15.604 4.535   -2.114  1.00 145.56 ? 7   DA  A OP1    1 
ATOM   193  O  OP2    . DA  A 1 7  ? -13.054 4.276   -2.107  1.00 140.23 ? 7   DA  A OP2    1 
ATOM   194  O  "O5'"  . DA  A 1 7  ? -14.311 4.318   0.033   1.00 127.40 ? 7   DA  A "O5'"  1 
ATOM   195  C  "C5'"  . DA  A 1 7  ? -15.400 3.988   0.889   1.00 128.99 ? 7   DA  A "C5'"  1 
ATOM   196  C  "C4'"  . DA  A 1 7  ? -15.132 4.453   2.310   1.00 129.56 ? 7   DA  A "C4'"  1 
ATOM   197  O  "O4'"  . DA  A 1 7  ? -14.138 3.584   2.925   1.00 127.78 ? 7   DA  A "O4'"  1 
ATOM   198  C  "C3'"  . DA  A 1 7  ? -14.579 5.881   2.425   1.00 138.49 ? 7   DA  A "C3'"  1 
ATOM   199  O  "O3'"  . DA  A 1 7  ? -15.267 6.619   3.436   1.00 150.47 ? 7   DA  A "O3'"  1 
ATOM   200  C  "C2'"  . DA  A 1 7  ? -13.112 5.668   2.767   1.00 135.74 ? 7   DA  A "C2'"  1 
ATOM   201  C  "C1'"  . DA  A 1 7  ? -13.151 4.373   3.552   1.00 124.39 ? 7   DA  A "C1'"  1 
ATOM   202  N  N9     . DA  A 1 7  ? -11.884 3.651   3.557   1.00 120.20 ? 7   DA  A N9     1 
ATOM   203  C  C8     . DA  A 1 7  ? -11.208 3.163   2.474   1.00 122.83 ? 7   DA  A C8     1 
ATOM   204  N  N7     . DA  A 1 7  ? -10.084 2.556   2.780   1.00 123.98 ? 7   DA  A N7     1 
ATOM   205  C  C5     . DA  A 1 7  ? -10.017 2.657   4.161   1.00 125.41 ? 7   DA  A C5     1 
ATOM   206  C  C6     . DA  A 1 7  ? -9.065  2.212   5.102   1.00 127.25 ? 7   DA  A C6     1 
ATOM   207  N  N6     . DA  A 1 7  ? -7.953  1.547   4.768   1.00 127.35 ? 7   DA  A N6     1 
ATOM   208  N  N1     . DA  A 1 7  ? -9.304  2.475   6.405   1.00 123.87 ? 7   DA  A N1     1 
ATOM   209  C  C2     . DA  A 1 7  ? -10.418 3.139   6.736   1.00 126.71 ? 7   DA  A C2     1 
ATOM   210  N  N3     . DA  A 1 7  ? -11.382 3.608   5.943   1.00 122.07 ? 7   DA  A N3     1 
ATOM   211  C  C4     . DA  A 1 7  ? -11.118 3.331   4.655   1.00 120.68 ? 7   DA  A C4     1 
ATOM   212  H  "H5'"  . DA  A 1 7  ? -15.527 3.026   0.887   1.00 154.79 ? 7   DA  A "H5'"  1 
ATOM   213  H  "H5''" . DA  A 1 7  ? -16.205 4.416   0.561   1.00 154.79 ? 7   DA  A "H5''" 1 
ATOM   214  H  "H4'"  . DA  A 1 7  ? -15.957 4.394   2.819   1.00 155.48 ? 7   DA  A "H4'"  1 
ATOM   215  H  "H3'"  . DA  A 1 7  ? -14.658 6.335   1.571   1.00 166.19 ? 7   DA  A "H3'"  1 
ATOM   216  H  "H2'"  . DA  A 1 7  ? -12.581 5.566   1.961   1.00 162.88 ? 7   DA  A "H2'"  1 
ATOM   217  H  "H2''" . DA  A 1 7  ? -12.776 6.394   3.316   1.00 162.88 ? 7   DA  A "H2''" 1 
ATOM   218  H  "H1'"  . DA  A 1 7  ? -13.420 4.559   4.465   1.00 149.27 ? 7   DA  A "H1'"  1 
ATOM   219  H  H8     . DA  A 1 7  ? -11.515 3.252   1.601   1.00 147.40 ? 7   DA  A H8     1 
ATOM   220  H  H61    . DA  A 1 7  ? -7.403  1.294   5.379   1.00 152.82 ? 7   DA  A H61    1 
ATOM   221  H  H62    . DA  A 1 7  ? -7.789  1.371   3.943   1.00 152.82 ? 7   DA  A H62    1 
ATOM   222  H  H2     . DA  A 1 7  ? -10.536 3.296   7.645   1.00 152.05 ? 7   DA  A H2     1 
ATOM   223  P  P      . DC  A 1 8  ? -14.875 8.153   3.723   1.00 156.95 ? 8   DC  A P      1 
ATOM   224  O  OP1    . DC  A 1 8  ? -16.064 8.817   4.304   1.00 152.46 ? 8   DC  A OP1    1 
ATOM   225  O  OP2    . DC  A 1 8  ? -14.265 8.696   2.489   1.00 149.06 ? 8   DC  A OP2    1 
ATOM   226  O  "O5'"  . DC  A 1 8  ? -13.734 8.063   4.848   1.00 118.38 ? 8   DC  A "O5'"  1 
ATOM   227  C  "C5'"  . DC  A 1 8  ? -14.081 7.704   6.182   1.00 113.10 ? 8   DC  A "C5'"  1 
ATOM   228  C  "C4'"  . DC  A 1 8  ? -12.846 7.551   7.054   1.00 114.74 ? 8   DC  A "C4'"  1 
ATOM   229  O  "O4'"  . DC  A 1 8  ? -11.922 6.617   6.436   1.00 120.65 ? 8   DC  A "O4'"  1 
ATOM   230  C  "C3'"  . DC  A 1 8  ? -12.044 8.843   7.284   1.00 110.29 ? 8   DC  A "C3'"  1 
ATOM   231  O  "O3'"  . DC  A 1 8  ? -11.982 9.154   8.677   1.00 115.34 ? 8   DC  A "O3'"  1 
ATOM   232  C  "C2'"  . DC  A 1 8  ? -10.662 8.537   6.695   1.00 109.47 ? 8   DC  A "C2'"  1 
ATOM   233  C  "C1'"  . DC  A 1 8  ? -10.615 7.025   6.746   1.00 112.34 ? 8   DC  A "C1'"  1 
ATOM   234  N  N1     . DC  A 1 8  ? -9.655  6.399   5.781   1.00 113.40 ? 8   DC  A N1     1 
ATOM   235  C  C2     . DC  A 1 8  ? -8.511  5.749   6.267   1.00 106.61 ? 8   DC  A C2     1 
ATOM   236  O  O2     . DC  A 1 8  ? -8.312  5.704   7.487   1.00 100.32 ? 8   DC  A O2     1 
ATOM   237  N  N3     . DC  A 1 8  ? -7.652  5.185   5.383   1.00 104.57 ? 8   DC  A N3     1 
ATOM   238  C  C4     . DC  A 1 8  ? -7.900  5.254   4.074   1.00 111.60 ? 8   DC  A C4     1 
ATOM   239  N  N4     . DC  A 1 8  ? -7.021  4.681   3.243   1.00 109.36 ? 8   DC  A N4     1 
ATOM   240  C  C5     . DC  A 1 8  ? -9.059  5.910   3.560   1.00 113.09 ? 8   DC  A C5     1 
ATOM   241  C  C6     . DC  A 1 8  ? -9.901  6.463   4.440   1.00 110.99 ? 8   DC  A C6     1 
ATOM   242  H  "H5'"  . DC  A 1 8  ? -14.566 6.865   6.169   1.00 135.71 ? 8   DC  A "H5'"  1 
ATOM   243  H  "H5''" . DC  A 1 8  ? -14.650 8.394   6.558   1.00 135.71 ? 8   DC  A "H5''" 1 
ATOM   244  H  "H4'"  . DC  A 1 8  ? -13.116 7.197   7.915   1.00 137.69 ? 8   DC  A "H4'"  1 
ATOM   245  H  "H3'"  . DC  A 1 8  ? -12.454 9.577   6.799   1.00 132.35 ? 8   DC  A "H3'"  1 
ATOM   246  H  "H2'"  . DC  A 1 8  ? -10.600 8.853   5.779   1.00 131.36 ? 8   DC  A "H2'"  1 
ATOM   247  H  "H2''" . DC  A 1 8  ? -9.961  8.922   7.243   1.00 131.36 ? 8   DC  A "H2''" 1 
ATOM   248  H  "H1'"  . DC  A 1 8  ? -10.396 6.741   7.647   1.00 134.81 ? 8   DC  A "H1'"  1 
ATOM   249  H  H41    . DC  A 1 8  ? -7.153  4.706   2.394   1.00 131.23 ? 8   DC  A H41    1 
ATOM   250  H  H42    . DC  A 1 8  ? -6.324  4.288   3.559   1.00 131.23 ? 8   DC  A H42    1 
ATOM   251  H  H5     . DC  A 1 8  ? -9.222  5.952   2.645   1.00 135.71 ? 8   DC  A H5     1 
ATOM   252  H  H6     . DC  A 1 8  ? -10.664 6.898   4.134   1.00 133.19 ? 8   DC  A H6     1 
ATOM   253  P  P      . DC  A 1 9  ? -11.170 10.445  9.185   1.00 129.47 ? 9   DC  A P      1 
ATOM   254  O  OP1    . DC  A 1 9  ? -11.898 11.020  10.338  1.00 127.37 ? 9   DC  A OP1    1 
ATOM   255  O  OP2    . DC  A 1 9  ? -10.893 11.283  7.998   1.00 117.77 ? 9   DC  A OP2    1 
ATOM   256  O  "O5'"  . DC  A 1 9  ? -9.775  9.849   9.696   1.00 101.99 ? 9   DC  A "O5'"  1 
ATOM   257  C  "C5'"  . DC  A 1 9  ? -9.563  9.588   11.084  1.00 107.61 ? 9   DC  A "C5'"  1 
ATOM   258  C  "C4'"  . DC  A 1 9  ? -8.082  9.626   11.410  1.00 113.26 ? 9   DC  A "C4'"  1 
ATOM   259  O  "O4'"  . DC  A 1 9  ? -7.416  8.608   10.633  1.00 103.46 ? 9   DC  A "O4'"  1 
ATOM   260  C  "C3'"  . DC  A 1 9  ? -7.400  10.953  11.064  1.00 121.40 ? 9   DC  A "C3'"  1 
ATOM   261  O  "O3'"  . DC  A 1 9  ? -7.150  11.764  12.248  1.00 119.69 ? 9   DC  A "O3'"  1 
ATOM   262  C  "C2'"  . DC  A 1 9  ? -6.112  10.570  10.332  1.00 118.87 ? 9   DC  A "C2'"  1 
ATOM   263  C  "C1'"  . DC  A 1 9  ? -6.140  9.042   10.233  1.00 105.95 ? 9   DC  A "C1'"  1 
ATOM   264  N  N1     . DC  A 1 9  ? -5.889  8.539   8.845   1.00 88.63  ? 9   DC  A N1     1 
ATOM   265  C  C2     . DC  A 1 9  ? -4.742  7.783   8.574   1.00 81.12  ? 9   DC  A C2     1 
ATOM   266  O  O2     . DC  A 1 9  ? -3.954  7.528   9.492   1.00 85.70  ? 9   DC  A O2     1 
ATOM   267  N  N3     . DC  A 1 9  ? -4.529  7.349   7.306   1.00 76.54  ? 9   DC  A N3     1 
ATOM   268  C  C4     . DC  A 1 9  ? -5.400  7.647   6.341   1.00 82.71  ? 9   DC  A C4     1 
ATOM   269  N  N4     . DC  A 1 9  ? -5.146  7.195   5.109   1.00 82.09  ? 9   DC  A N4     1 
ATOM   270  C  C5     . DC  A 1 9  ? -6.570  8.418   6.597   1.00 87.67  ? 9   DC  A C5     1 
ATOM   271  C  C6     . DC  A 1 9  ? -6.772  8.841   7.849   1.00 90.76  ? 9   DC  A C6     1 
ATOM   272  H  "H5'"  . DC  A 1 9  ? -9.917  8.712   11.303  1.00 129.14 ? 9   DC  A "H5'"  1 
ATOM   273  H  "H5''" . DC  A 1 9  ? -10.025 10.260  11.610  1.00 129.14 ? 9   DC  A "H5''" 1 
ATOM   274  H  "H4'"  . DC  A 1 9  ? -7.958  9.441   12.353  1.00 135.91 ? 9   DC  A "H4'"  1 
ATOM   275  H  "H3'"  . DC  A 1 9  ? -7.970  11.450  10.458  1.00 145.68 ? 9   DC  A "H3'"  1 
ATOM   276  H  "H2'"  . DC  A 1 9  ? -6.100  10.964  9.445   1.00 142.64 ? 9   DC  A "H2'"  1 
ATOM   277  H  "H2''" . DC  A 1 9  ? -5.338  10.860  10.840  1.00 142.64 ? 9   DC  A "H2''" 1 
ATOM   278  H  "H1'"  . DC  A 1 9  ? -5.474  8.671   10.832  1.00 127.14 ? 9   DC  A "H1'"  1 
ATOM   279  H  H41    . DC  A 1 9  ? -5.690  7.371   4.467   1.00 98.51  ? 9   DC  A H41    1 
ATOM   280  H  H42    . DC  A 1 9  ? -4.439  6.729   4.959   1.00 98.51  ? 9   DC  A H42    1 
ATOM   281  H  H5     . DC  A 1 9  ? -7.172  8.620   5.918   1.00 105.21 ? 9   DC  A H5     1 
ATOM   282  H  H6     . DC  A 1 9  ? -7.527  9.349   8.044   1.00 108.91 ? 9   DC  A H6     1 
ATOM   283  P  P      . DT  A 1 10 ? -6.350  11.210  13.535  1.00 134.11 ? 10  DT  A P      1 
ATOM   284  O  OP1    . DT  A 1 10 ? -7.297  10.437  14.368  1.00 137.39 ? 10  DT  A OP1    1 
ATOM   285  O  OP2    . DT  A 1 10 ? -5.660  12.379  14.125  1.00 112.88 ? 10  DT  A OP2    1 
ATOM   286  O  "O5'"  . DT  A 1 10 ? -5.240  10.218  12.946  1.00 122.90 ? 10  DT  A "O5'"  1 
ATOM   287  C  "C5'"  . DT  A 1 10 ? -4.628  9.244   13.792  1.00 123.85 ? 10  DT  A "C5'"  1 
ATOM   288  C  "C4'"  . DT  A 1 10 ? -3.148  9.528   13.978  1.00 120.07 ? 10  DT  A "C4'"  1 
ATOM   289  O  "O4'"  . DT  A 1 10 ? -2.424  9.155   12.768  1.00 117.55 ? 10  DT  A "O4'"  1 
ATOM   290  C  "C3'"  . DT  A 1 10 ? -2.795  10.993  14.239  1.00 110.28 ? 10  DT  A "C3'"  1 
ATOM   291  O  "O3'"  . DT  A 1 10 ? -1.778  11.094  15.230  1.00 114.06 ? 10  DT  A "O3'"  1 
ATOM   292  C  "C2'"  . DT  A 1 10 ? -2.333  11.484  12.870  1.00 112.78 ? 10  DT  A "C2'"  1 
ATOM   293  C  "C1'"  . DT  A 1 10 ? -1.645  10.248  12.321  1.00 106.40 ? 10  DT  A "C1'"  1 
ATOM   294  N  N1     . DT  A 1 10 ? -1.540  10.179  10.819  1.00 92.84  ? 10  DT  A N1     1 
ATOM   295  C  C2     . DT  A 1 10 ? -0.369  9.720   10.258  1.00 88.24  ? 10  DT  A C2     1 
ATOM   296  O  O2     . DT  A 1 10 ? 0.601   9.381   10.919  1.00 87.04  ? 10  DT  A O2     1 
ATOM   297  N  N3     . DT  A 1 10 ? -0.366  9.676   8.890   1.00 76.43  ? 10  DT  A N3     1 
ATOM   298  C  C4     . DT  A 1 10 ? -1.398  10.028  8.042   1.00 72.63  ? 10  DT  A C4     1 
ATOM   299  O  O4     . DT  A 1 10 ? -1.297  9.957   6.822   1.00 70.90  ? 10  DT  A O4     1 
ATOM   300  C  C5     . DT  A 1 10 ? -2.596  10.497  8.687   1.00 81.37  ? 10  DT  A C5     1 
ATOM   301  C  C7     . DT  A 1 10 ? -3.773  10.918  7.857   1.00 86.80  ? 10  DT  A C7     1 
ATOM   302  C  C6     . DT  A 1 10 ? -2.616  10.546  10.031  1.00 88.27  ? 10  DT  A C6     1 
ATOM   303  H  "H5'"  . DT  A 1 10 ? -4.737  8.365   13.395  1.00 148.62 ? 10  DT  A "H5'"  1 
ATOM   304  H  "H5''" . DT  A 1 10 ? -5.065  9.257   14.659  1.00 148.62 ? 10  DT  A "H5''" 1 
ATOM   305  H  "H4'"  . DT  A 1 10 ? -2.817  8.991   14.716  1.00 144.08 ? 10  DT  A "H4'"  1 
ATOM   306  H  "H3'"  . DT  A 1 10 ? -3.585  11.480  14.519  1.00 132.33 ? 10  DT  A "H3'"  1 
ATOM   307  H  "H2'"  . DT  A 1 10 ? -3.091  11.733  12.318  1.00 135.33 ? 10  DT  A "H2'"  1 
ATOM   308  H  "H2''" . DT  A 1 10 ? -1.707  12.219  12.959  1.00 135.33 ? 10  DT  A "H2''" 1 
ATOM   309  H  "H1'"  . DT  A 1 10 ? -0.757  10.182  12.705  1.00 127.68 ? 10  DT  A "H1'"  1 
ATOM   310  H  H3     . DT  A 1 10 ? 0.357   9.396   8.519   1.00 91.72  ? 10  DT  A H3     1 
ATOM   311  H  H71    . DT  A 1 10 ? -3.561  10.813  6.917   1.00 104.16 ? 10  DT  A H71    1 
ATOM   312  H  H72    . DT  A 1 10 ? -4.540  10.365  8.079   1.00 104.16 ? 10  DT  A H72    1 
ATOM   313  H  H73    . DT  A 1 10 ? -3.983  11.847  8.041   1.00 104.16 ? 10  DT  A H73    1 
ATOM   314  H  H6     . DT  A 1 10 ? -3.389  10.847  10.451  1.00 105.92 ? 10  DT  A H6     1 
ATOM   315  P  P      . DG  A 1 11 ? -1.154  12.525  15.615  1.00 139.36 ? 11  DG  A P      1 
ATOM   316  O  OP1    . DG  A 1 11 ? -0.766  12.481  17.043  1.00 132.47 ? 11  DG  A OP1    1 
ATOM   317  O  OP2    . DG  A 1 11 ? -2.088  13.567  15.131  1.00 114.86 ? 11  DG  A OP2    1 
ATOM   318  O  "O5'"  . DG  A 1 11 ? 0.174   12.615  14.727  1.00 124.19 ? 11  DG  A "O5'"  1 
ATOM   319  C  "C5'"  . DG  A 1 11 ? 1.236   11.681  14.922  1.00 120.90 ? 11  DG  A "C5'"  1 
ATOM   320  C  "C4'"  . DG  A 1 11 ? 2.441   12.059  14.083  1.00 113.78 ? 11  DG  A "C4'"  1 
ATOM   321  O  "O4'"  . DG  A 1 11 ? 2.126   11.858  12.673  1.00 99.60  ? 11  DG  A "O4'"  1 
ATOM   322  C  "C3'"  . DG  A 1 11 ? 2.868   13.523  14.207  1.00 117.04 ? 11  DG  A "C3'"  1 
ATOM   323  O  "O3'"  . DG  A 1 11 ? 4.292   13.661  14.109  1.00 117.20 ? 11  DG  A "O3'"  1 
ATOM   324  C  "C2'"  . DG  A 1 11 ? 2.142   14.173  13.043  1.00 105.92 ? 11  DG  A "C2'"  1 
ATOM   325  C  "C1'"  . DG  A 1 11 ? 2.228   13.088  11.981  1.00 95.99  ? 11  DG  A "C1'"  1 
ATOM   326  N  N9     . DG  A 1 11 ? 1.180   13.163  10.968  1.00 80.79  ? 11  DG  A N9     1 
ATOM   327  C  C8     . DG  A 1 11 ? -0.124  13.558  11.149  1.00 82.94  ? 11  DG  A C8     1 
ATOM   328  N  N7     . DG  A 1 11 ? -0.831  13.530  10.054  1.00 83.82  ? 11  DG  A N7     1 
ATOM   329  C  C5     . DG  A 1 11 ? 0.063   13.093  9.082   1.00 82.77  ? 11  DG  A C5     1 
ATOM   330  C  C6     . DG  A 1 11 ? -0.130  12.871  7.698   1.00 75.58  ? 11  DG  A C6     1 
ATOM   331  O  O6     . DG  A 1 11 ? -1.166  13.014  7.035   1.00 81.97  ? 11  DG  A O6     1 
ATOM   332  N  N1     . DG  A 1 11 ? 1.035   12.428  7.078   1.00 68.62  ? 11  DG  A N1     1 
ATOM   333  C  C2     . DG  A 1 11 ? 2.238   12.231  7.716   1.00 74.35  ? 11  DG  A C2     1 
ATOM   334  N  N2     . DG  A 1 11 ? 3.253   11.802  6.952   1.00 67.57  ? 11  DG  A N2     1 
ATOM   335  N  N3     . DG  A 1 11 ? 2.434   12.438  9.013   1.00 71.90  ? 11  DG  A N3     1 
ATOM   336  C  C4     . DG  A 1 11 ? 1.305   12.868  9.630   1.00 78.70  ? 11  DG  A C4     1 
ATOM   337  H  "H5'"  . DG  A 1 11 ? 0.933   10.796  14.665  1.00 145.08 ? 11  DG  A "H5'"  1 
ATOM   338  H  "H5''" . DG  A 1 11 ? 1.487   11.674  15.858  1.00 145.08 ? 11  DG  A "H5''" 1 
ATOM   339  H  "H4'"  . DG  A 1 11 ? 3.188   11.489  14.325  1.00 136.54 ? 11  DG  A "H4'"  1 
ATOM   340  H  "H3'"  . DG  A 1 11 ? 2.553   13.892  15.046  1.00 140.44 ? 11  DG  A "H3'"  1 
ATOM   341  H  "H2'"  . DG  A 1 11 ? 1.219   14.361  13.272  1.00 127.10 ? 11  DG  A "H2'"  1 
ATOM   342  H  "H2''" . DG  A 1 11 ? 2.602   14.977  12.754  1.00 127.10 ? 11  DG  A "H2''" 1 
ATOM   343  H  "H1'"  . DG  A 1 11 ? 3.095   13.136  11.546  1.00 115.19 ? 11  DG  A "H1'"  1 
ATOM   344  H  H8     . DG  A 1 11 ? -0.471  13.814  11.973  1.00 99.53  ? 11  DG  A H8     1 
ATOM   345  H  H1     . DG  A 1 11 ? 1.002   12.269  6.234   1.00 82.35  ? 11  DG  A H1     1 
ATOM   346  H  H21    . DG  A 1 11 ? 4.026   11.665  7.301   1.00 81.09  ? 11  DG  A H21    1 
ATOM   347  H  H22    . DG  A 1 11 ? 3.130   11.665  6.112   1.00 81.09  ? 11  DG  A H22    1 
ATOM   348  P  P      . DA  A 1 12 ? 4.985   15.101  14.297  1.00 103.75 ? 12  DA  A P      1 
ATOM   349  O  OP1    . DA  A 1 12 ? 4.608   15.601  15.637  1.00 104.37 ? 12  DA  A OP1    1 
ATOM   350  O  OP2    . DA  A 1 12 ? 4.697   15.923  13.104  1.00 90.30  ? 12  DA  A OP2    1 
ATOM   351  O  "O5'"  . DA  A 1 12 ? 6.554   14.783  14.284  1.00 109.33 ? 12  DA  A "O5'"  1 
ATOM   352  C  "C5'"  . DA  A 1 12 ? 7.098   13.852  13.344  1.00 102.38 ? 12  DA  A "C5'"  1 
ATOM   353  C  "C4'"  . DA  A 1 12 ? 7.284   14.478  11.965  1.00 95.26  ? 12  DA  A "C4'"  1 
ATOM   354  O  "O4'"  . DA  A 1 12 ? 6.105   14.275  11.166  1.00 92.35  ? 12  DA  A "O4'"  1 
ATOM   355  C  "C3'"  . DA  A 1 12 ? 7.506   15.988  11.946  1.00 84.10  ? 12  DA  A "C3'"  1 
ATOM   356  O  "O3'"  . DA  A 1 12 ? 8.897   16.292  11.961  1.00 79.00  ? 12  DA  A "O3'"  1 
ATOM   357  C  "C2'"  . DA  A 1 12 ? 6.823   16.449  10.645  1.00 89.03  ? 12  DA  A "C2'"  1 
ATOM   358  C  "C1'"  . DA  A 1 12 ? 6.157   15.182  10.094  1.00 82.88  ? 12  DA  A "C1'"  1 
ATOM   359  N  N9     . DA  A 1 12 ? 4.802   15.394  9.577   1.00 75.92  ? 12  DA  A N9     1 
ATOM   360  C  C8     . DA  A 1 12 ? 3.694   15.753  10.291  1.00 80.94  ? 12  DA  A C8     1 
ATOM   361  N  N7     . DA  A 1 12 ? 2.607   15.870  9.563   1.00 81.37  ? 12  DA  A N7     1 
ATOM   362  C  C5     . DA  A 1 12 ? 3.029   15.564  8.281   1.00 77.72  ? 12  DA  A C5     1 
ATOM   363  C  C6     . DA  A 1 12 ? 2.351   15.507  7.044   1.00 71.43  ? 12  DA  A C6     1 
ATOM   364  N  N6     . DA  A 1 12 ? 1.048   15.769  6.907   1.00 67.66  ? 12  DA  A N6     1 
ATOM   365  N  N1     . DA  A 1 12 ? 3.068   15.166  5.953   1.00 64.52  ? 12  DA  A N1     1 
ATOM   366  C  C2     . DA  A 1 12 ? 4.373   14.904  6.096   1.00 71.24  ? 12  DA  A C2     1 
ATOM   367  N  N3     . DA  A 1 12 ? 5.120   14.924  7.202   1.00 74.77  ? 12  DA  A N3     1 
ATOM   368  C  C4     . DA  A 1 12 ? 4.380   15.263  8.271   1.00 76.81  ? 12  DA  A C4     1 
ATOM   369  H  "H5'"  . DA  A 1 12 ? 6.499   13.093  13.268  1.00 122.86 ? 12  DA  A "H5'"  1 
ATOM   370  H  "H5''" . DA  A 1 12 ? 7.958   13.542  13.669  1.00 122.86 ? 12  DA  A "H5''" 1 
ATOM   371  H  "H4'"  . DA  A 1 12 ? 8.035   14.047  11.527  1.00 114.31 ? 12  DA  A "H4'"  1 
ATOM   372  H  "H3'"  . DA  A 1 12 ? 7.070   16.395  12.711  1.00 100.92 ? 12  DA  A "H3'"  1 
ATOM   373  H  "HO3'" . DA  A 1 12 ? 9.238   16.728  11.328  1.00 94.80  ? 12  DA  A "HO3'" 1 
ATOM   374  H  "H2'"  . DA  A 1 12 ? 6.155   17.127  10.835  1.00 106.83 ? 12  DA  A "H2'"  1 
ATOM   375  H  "H2''" . DA  A 1 12 ? 7.480   16.785  10.018  1.00 106.83 ? 12  DA  A "H2''" 1 
ATOM   376  H  "H1'"  . DA  A 1 12 ? 6.711   14.812  9.390   1.00 99.45  ? 12  DA  A "H1'"  1 
ATOM   377  H  H8     . DA  A 1 12 ? 3.708   15.905  11.209  1.00 97.13  ? 12  DA  A H8     1 
ATOM   378  H  H61    . DA  A 1 12 ? 0.678   15.719  6.132   1.00 81.19  ? 12  DA  A H61    1 
ATOM   379  H  H62    . DA  A 1 12 ? 0.577   15.987  7.594   1.00 81.19  ? 12  DA  A H62    1 
ATOM   380  H  H2     . DA  A 1 12 ? 4.822   14.674  5.314   1.00 85.49  ? 12  DA  A H2     1 
ATOM   381  P  P      . DC  B 2 1  ? 20.808  13.697  -5.954  1.00 109.71 ? 12  DC  B P      1 
ATOM   382  O  OP1    . DC  B 2 1  ? 19.463  13.879  -6.543  1.00 90.45  ? 12  DC  B OP1    1 
ATOM   383  O  OP2    . DC  B 2 1  ? 21.327  14.675  -4.971  1.00 115.91 ? 12  DC  B OP2    1 
ATOM   384  O  "O5'"  . DC  B 2 1  ? 20.889  12.243  -5.293  1.00 86.64  ? 12  DC  B "O5'"  1 
ATOM   385  C  "C5'"  . DC  B 2 1  ? 20.340  11.124  -5.977  1.00 92.66  ? 12  DC  B "C5'"  1 
ATOM   386  C  "C4'"  . DC  B 2 1  ? 21.077  9.846   -5.611  1.00 93.88  ? 12  DC  B "C4'"  1 
ATOM   387  O  "O4'"  . DC  B 2 1  ? 20.897  9.574   -4.211  1.00 84.70  ? 12  DC  B "O4'"  1 
ATOM   388  C  "C3'"  . DC  B 2 1  ? 20.583  8.598   -6.329  1.00 96.54  ? 12  DC  B "C3'"  1 
ATOM   389  O  "O3'"  . DC  B 2 1  ? 21.338  8.377   -7.511  1.00 104.03 ? 12  DC  B "O3'"  1 
ATOM   390  C  "C2'"  . DC  B 2 1  ? 20.768  7.472   -5.307  1.00 85.70  ? 12  DC  B "C2'"  1 
ATOM   391  C  "C1'"  . DC  B 2 1  ? 20.997  8.185   -3.977  1.00 83.64  ? 12  DC  B "C1'"  1 
ATOM   392  N  N1     . DC  B 2 1  ? 20.018  7.830   -2.907  1.00 79.77  ? 12  DC  B N1     1 
ATOM   393  C  C2     . DC  B 2 1  ? 20.131  6.608   -2.229  1.00 82.83  ? 12  DC  B C2     1 
ATOM   394  O  O2     . DC  B 2 1  ? 21.029  5.818   -2.549  1.00 87.17  ? 12  DC  B O2     1 
ATOM   395  N  N3     . DC  B 2 1  ? 19.240  6.323   -1.244  1.00 76.82  ? 12  DC  B N3     1 
ATOM   396  C  C4     . DC  B 2 1  ? 18.286  7.203   -0.930  1.00 73.13  ? 12  DC  B C4     1 
ATOM   397  N  N4     . DC  B 2 1  ? 17.433  6.881   0.046   1.00 71.52  ? 12  DC  B N4     1 
ATOM   398  C  C5     . DC  B 2 1  ? 18.164  8.451   -1.604  1.00 73.33  ? 12  DC  B C5     1 
ATOM   399  C  C6     . DC  B 2 1  ? 19.045  8.723   -2.570  1.00 76.83  ? 12  DC  B C6     1 
ATOM   400  H  "H5'"  . DC  B 2 1  ? 20.411  11.269  -6.934  1.00 111.19 ? 12  DC  B "H5'"  1 
ATOM   401  H  "H5''" . DC  B 2 1  ? 19.405  11.031  -5.737  1.00 111.19 ? 12  DC  B "H5''" 1 
ATOM   402  H  "H4'"  . DC  B 2 1  ? 22.023  9.962   -5.793  1.00 112.66 ? 12  DC  B "H4'"  1 
ATOM   403  H  "H3'"  . DC  B 2 1  ? 19.643  8.694   -6.548  1.00 115.85 ? 12  DC  B "H3'"  1 
ATOM   404  H  "H2'"  . DC  B 2 1  ? 19.970  6.923   -5.262  1.00 102.84 ? 12  DC  B "H2'"  1 
ATOM   405  H  "H2''" . DC  B 2 1  ? 21.538  6.931   -5.538  1.00 102.84 ? 12  DC  B "H2''" 1 
ATOM   406  H  "H1'"  . DC  B 2 1  ? 21.893  7.983   -3.663  1.00 100.37 ? 12  DC  B "H1'"  1 
ATOM   407  H  H41    . DC  B 2 1  ? 16.813  7.432   0.273   1.00 85.82  ? 12  DC  B H41    1 
ATOM   408  H  H42    . DC  B 2 1  ? 17.505  6.123   0.447   1.00 85.82  ? 12  DC  B H42    1 
ATOM   409  H  H5     . DC  B 2 1  ? 17.498  9.058   -1.376  1.00 87.99  ? 12  DC  B H5     1 
ATOM   410  H  H6     . DC  B 2 1  ? 18.990  9.532   -3.024  1.00 92.20  ? 12  DC  B H6     1 
ATOM   411  P  P      . DG  B 2 2  ? 20.656  7.682   -8.788  1.00 112.67 ? 13  DG  B P      1 
ATOM   412  O  OP1    . DG  B 2 2  ? 21.536  7.931   -9.951  1.00 124.73 ? 13  DG  B OP1    1 
ATOM   413  O  OP2    . DG  B 2 2  ? 19.236  8.097   -8.827  1.00 116.65 ? 13  DG  B OP2    1 
ATOM   414  O  "O5'"  . DG  B 2 2  ? 20.696  6.127   -8.440  1.00 89.27  ? 13  DG  B "O5'"  1 
ATOM   415  C  "C5'"  . DG  B 2 2  ? 21.935  5.496   -8.175  1.00 91.76  ? 13  DG  B "C5'"  1 
ATOM   416  C  "C4'"  . DG  B 2 2  ? 21.719  4.114   -7.590  1.00 104.60 ? 13  DG  B "C4'"  1 
ATOM   417  O  "O4'"  . DG  B 2 2  ? 21.043  4.238   -6.309  1.00 104.70 ? 13  DG  B "O4'"  1 
ATOM   418  C  "C3'"  . DG  B 2 2  ? 20.858  3.183   -8.449  1.00 103.37 ? 13  DG  B "C3'"  1 
ATOM   419  O  "O3'"  . DG  B 2 2  ? 21.517  1.935   -8.641  1.00 112.33 ? 13  DG  B "O3'"  1 
ATOM   420  C  "C2'"  . DG  B 2 2  ? 19.553  3.045   -7.662  1.00 96.87  ? 13  DG  B "C2'"  1 
ATOM   421  C  "C1'"  . DG  B 2 2  ? 19.987  3.306   -6.230  1.00 97.60  ? 13  DG  B "C1'"  1 
ATOM   422  N  N9     . DG  B 2 2  ? 18.938  3.867   -5.378  1.00 90.76  ? 13  DG  B N9     1 
ATOM   423  C  C8     . DG  B 2 2  ? 18.316  5.083   -5.526  1.00 83.83  ? 13  DG  B C8     1 
ATOM   424  N  N7     . DG  B 2 2  ? 17.427  5.329   -4.605  1.00 78.48  ? 13  DG  B N7     1 
ATOM   425  C  C5     . DG  B 2 2  ? 17.454  4.203   -3.796  1.00 78.61  ? 13  DG  B C5     1 
ATOM   426  C  C6     . DG  B 2 2  ? 16.702  3.896   -2.639  1.00 74.61  ? 13  DG  B C6     1 
ATOM   427  O  O6     . DG  B 2 2  ? 15.833  4.585   -2.084  1.00 72.45  ? 13  DG  B O6     1 
ATOM   428  N  N1     . DG  B 2 2  ? 17.039  2.646   -2.120  1.00 68.30  ? 13  DG  B N1     1 
ATOM   429  C  C2     . DG  B 2 2  ? 17.987  1.802   -2.654  1.00 67.21  ? 13  DG  B C2     1 
ATOM   430  N  N2     . DG  B 2 2  ? 18.178  0.638   -2.014  1.00 62.38  ? 13  DG  B N2     1 
ATOM   431  N  N3     . DG  B 2 2  ? 18.700  2.078   -3.740  1.00 72.90  ? 13  DG  B N3     1 
ATOM   432  C  C4     . DG  B 2 2  ? 18.381  3.291   -4.256  1.00 80.60  ? 13  DG  B C4     1 
ATOM   433  H  "H5'"  . DG  B 2 2  ? 22.438  6.034   -7.544  1.00 110.11 ? 13  DG  B "H5'"  1 
ATOM   434  H  "H5''" . DG  B 2 2  ? 22.438  5.418   -9.001  1.00 110.11 ? 13  DG  B "H5''" 1 
ATOM   435  H  "H4'"  . DG  B 2 2  ? 22.582  3.698   -7.449  1.00 125.52 ? 13  DG  B "H4'"  1 
ATOM   436  H  "H3'"  . DG  B 2 2  ? 20.681  3.599   -9.308  1.00 124.04 ? 13  DG  B "H3'"  1 
ATOM   437  H  "H2'"  . DG  B 2 2  ? 18.906  3.709   -7.951  1.00 116.24 ? 13  DG  B "H2'"  1 
ATOM   438  H  "H2''" . DG  B 2 2  ? 19.191  2.149   -7.753  1.00 116.24 ? 13  DG  B "H2''" 1 
ATOM   439  H  "H1'"  . DG  B 2 2  ? 20.314  2.482   -5.838  1.00 117.12 ? 13  DG  B "H1'"  1 
ATOM   440  H  H8     . DG  B 2 2  ? 18.519  5.678   -6.211  1.00 100.60 ? 13  DG  B H8     1 
ATOM   441  H  H1     . DG  B 2 2  ? 16.627  2.383   -1.413  1.00 81.96  ? 13  DG  B H1     1 
ATOM   442  H  H21    . DG  B 2 2  ? 18.761  0.077   -2.306  1.00 74.86  ? 13  DG  B H21    1 
ATOM   443  H  H22    . DG  B 2 2  ? 17.719  0.453   -1.311  1.00 74.86  ? 13  DG  B H22    1 
ATOM   444  P  P      . DG  B 2 3  ? 20.868  0.813   -9.590  1.00 115.63 ? 14  DG  B P      1 
ATOM   445  O  OP1    . DG  B 2 3  ? 21.967  -0.022  -10.125 1.00 117.60 ? 14  DG  B OP1    1 
ATOM   446  O  OP2    . DG  B 2 3  ? 19.945  1.500   -10.520 1.00 99.03  ? 14  DG  B OP2    1 
ATOM   447  O  "O5'"  . DG  B 2 3  ? 19.999  -0.071  -8.582  1.00 94.66  ? 14  DG  B "O5'"  1 
ATOM   448  C  "C5'"  . DG  B 2 3  ? 20.568  -0.491  -7.348  1.00 103.95 ? 14  DG  B "C5'"  1 
ATOM   449  C  "C4'"  . DG  B 2 3  ? 19.667  -1.486  -6.641  1.00 104.89 ? 14  DG  B "C4'"  1 
ATOM   450  O  "O4'"  . DG  B 2 3  ? 18.790  -0.775  -5.722  1.00 101.96 ? 14  DG  B "O4'"  1 
ATOM   451  C  "C3'"  . DG  B 2 3  ? 18.756  -2.297  -7.561  1.00 94.75  ? 14  DG  B "C3'"  1 
ATOM   452  O  "O3'"  . DG  B 2 3  ? 18.733  -3.659  -7.153  1.00 98.87  ? 14  DG  B "O3'"  1 
ATOM   453  C  "C2'"  . DG  B 2 3  ? 17.399  -1.609  -7.418  1.00 83.04  ? 14  DG  B "C2'"  1 
ATOM   454  C  "C1'"  . DG  B 2 3  ? 17.438  -1.084  -5.991  1.00 85.11  ? 14  DG  B "C1'"  1 
ATOM   455  N  N9     . DG  B 2 3  ? 16.637  0.121   -5.767  1.00 74.25  ? 14  DG  B N9     1 
ATOM   456  C  C8     . DG  B 2 3  ? 16.634  1.268   -6.525  1.00 72.04  ? 14  DG  B C8     1 
ATOM   457  N  N7     . DG  B 2 3  ? 15.826  2.187   -6.073  1.00 66.98  ? 14  DG  B N7     1 
ATOM   458  C  C5     . DG  B 2 3  ? 15.263  1.616   -4.938  1.00 65.32  ? 14  DG  B C5     1 
ATOM   459  C  C6     . DG  B 2 3  ? 14.312  2.141   -4.031  1.00 61.21  ? 14  DG  B C6     1 
ATOM   460  O  O6     . DG  B 2 3  ? 13.763  3.250   -4.051  1.00 58.40  ? 14  DG  B O6     1 
ATOM   461  N  N1     . DG  B 2 3  ? 14.011  1.237   -3.016  1.00 59.57  ? 14  DG  B N1     1 
ATOM   462  C  C2     . DG  B 2 3  ? 14.560  -0.018  -2.894  1.00 65.09  ? 14  DG  B C2     1 
ATOM   463  N  N2     . DG  B 2 3  ? 14.147  -0.752  -1.849  1.00 61.25  ? 14  DG  B N2     1 
ATOM   464  N  N3     . DG  B 2 3  ? 15.451  -0.523  -3.739  1.00 70.16  ? 14  DG  B N3     1 
ATOM   465  C  C4     . DG  B 2 3  ? 15.754  0.348   -4.733  1.00 68.35  ? 14  DG  B C4     1 
ATOM   466  H  "H5'"  . DG  B 2 3  ? 20.696  0.283   -6.778  1.00 124.74 ? 14  DG  B "H5'"  1 
ATOM   467  H  "H5''" . DG  B 2 3  ? 21.427  -0.906  -7.518  1.00 124.74 ? 14  DG  B "H5''" 1 
ATOM   468  H  "H4'"  . DG  B 2 3  ? 20.220  -2.099  -6.132  1.00 125.86 ? 14  DG  B "H4'"  1 
ATOM   469  H  "H3'"  . DG  B 2 3  ? 19.067  -2.230  -8.477  1.00 113.70 ? 14  DG  B "H3'"  1 
ATOM   470  H  "H2'"  . DG  B 2 3  ? 17.315  -0.879  -8.052  1.00 99.65  ? 14  DG  B "H2'"  1 
ATOM   471  H  "H2''" . DG  B 2 3  ? 16.677  -2.248  -7.530  1.00 99.65  ? 14  DG  B "H2''" 1 
ATOM   472  H  "H1'"  . DG  B 2 3  ? 17.143  -1.782  -5.385  1.00 102.13 ? 14  DG  B "H1'"  1 
ATOM   473  H  H8     . DG  B 2 3  ? 17.153  1.376   -7.289  1.00 86.44  ? 14  DG  B H8     1 
ATOM   474  H  H1     . DG  B 2 3  ? 13.440  1.480   -2.422  1.00 71.48  ? 14  DG  B H1     1 
ATOM   475  H  H21    . DG  B 2 3  ? 14.460  -1.544  -1.729  1.00 73.50  ? 14  DG  B H21    1 
ATOM   476  H  H22    . DG  B 2 3  ? 13.570  -0.430  -1.298  1.00 73.50  ? 14  DG  B H22    1 
ATOM   477  P  P      . DG  B 2 4  ? 17.861  -4.739  -7.958  1.00 109.67 ? 15  DG  B P      1 
ATOM   478  O  OP1    . DG  B 2 4  ? 18.735  -5.900  -8.246  1.00 95.76  ? 15  DG  B OP1    1 
ATOM   479  O  OP2    . DG  B 2 4  ? 17.185  -4.027  -9.067  1.00 94.15  ? 15  DG  B OP2    1 
ATOM   480  O  "O5'"  . DG  B 2 4  ? 16.755  -5.185  -6.893  1.00 99.75  ? 15  DG  B "O5'"  1 
ATOM   481  C  "C5'"  . DG  B 2 4  ? 17.081  -5.186  -5.506  1.00 106.48 ? 15  DG  B "C5'"  1 
ATOM   482  C  "C4'"  . DG  B 2 4  ? 15.999  -5.859  -4.683  1.00 103.83 ? 15  DG  B "C4'"  1 
ATOM   483  O  "O4'"  . DG  B 2 4  ? 15.136  -4.852  -4.088  1.00 93.73  ? 15  DG  B "O4'"  1 
ATOM   484  C  "C3'"  . DG  B 2 4  ? 15.069  -6.771  -5.457  1.00 104.68 ? 15  DG  B "C3'"  1 
ATOM   485  O  "O3'"  . DG  B 2 4  ? 14.613  -7.819  -4.615  1.00 110.93 ? 15  DG  B "O3'"  1 
ATOM   486  C  "C2'"  . DG  B 2 4  ? 13.957  -5.819  -5.886  1.00 100.46 ? 15  DG  B "C2'"  1 
ATOM   487  C  "C1'"  . DG  B 2 4  ? 13.849  -4.886  -4.688  1.00 86.47  ? 15  DG  B "C1'"  1 
ATOM   488  N  N9     . DG  B 2 4  ? 13.465  -3.511  -5.010  1.00 74.66  ? 15  DG  B N9     1 
ATOM   489  C  C8     . DG  B 2 4  ? 13.976  -2.712  -6.010  1.00 72.66  ? 15  DG  B C8     1 
ATOM   490  N  N7     . DG  B 2 4  ? 13.457  -1.514  -6.034  1.00 61.82  ? 15  DG  B N7     1 
ATOM   491  C  C5     . DG  B 2 4  ? 12.553  -1.514  -4.978  1.00 64.03  ? 15  DG  B C5     1 
ATOM   492  C  C6     . DG  B 2 4  ? 11.697  -0.487  -4.511  1.00 58.68  ? 15  DG  B C6     1 
ATOM   493  O  O6     . DG  B 2 4  ? 11.560  0.660   -4.956  1.00 59.20  ? 15  DG  B O6     1 
ATOM   494  N  N1     . DG  B 2 4  ? 10.943  -0.903  -3.413  1.00 56.79  ? 15  DG  B N1     1 
ATOM   495  C  C2     . DG  B 2 4  ? 11.014  -2.151  -2.837  1.00 61.78  ? 15  DG  B C2     1 
ATOM   496  N  N2     . DG  B 2 4  ? 10.209  -2.370  -1.785  1.00 55.05  ? 15  DG  B N2     1 
ATOM   497  N  N3     . DG  B 2 4  ? 11.814  -3.122  -3.264  1.00 64.53  ? 15  DG  B N3     1 
ATOM   498  C  C4     . DG  B 2 4  ? 12.552  -2.733  -4.334  1.00 69.64  ? 15  DG  B C4     1 
ATOM   499  H  "H5'"  . DG  B 2 4  ? 17.184  -4.269  -5.205  1.00 127.77 ? 15  DG  B "H5'"  1 
ATOM   500  H  "H5''" . DG  B 2 4  ? 17.918  -5.658  -5.378  1.00 127.77 ? 15  DG  B "H5''" 1 
ATOM   501  H  "H4'"  . DG  B 2 4  ? 16.420  -6.369  -3.973  1.00 124.60 ? 15  DG  B "H4'"  1 
ATOM   502  H  "H3'"  . DG  B 2 4  ? 15.523  -7.134  -6.234  1.00 125.62 ? 15  DG  B "H3'"  1 
ATOM   503  H  "H2'"  . DG  B 2 4  ? 14.211  -5.329  -6.684  1.00 120.55 ? 15  DG  B "H2'"  1 
ATOM   504  H  "H2''" . DG  B 2 4  ? 13.126  -6.300  -6.024  1.00 120.55 ? 15  DG  B "H2''" 1 
ATOM   505  H  "H1'"  . DG  B 2 4  ? 13.213  -5.254  -4.055  1.00 103.76 ? 15  DG  B "H1'"  1 
ATOM   506  H  H8     . DG  B 2 4  ? 14.621  -3.001  -6.614  1.00 87.19  ? 15  DG  B H8     1 
ATOM   507  H  H1     . DG  B 2 4  ? 10.396  -0.336  -3.068  1.00 68.15  ? 15  DG  B H1     1 
ATOM   508  H  H21    . DG  B 2 4  ? 10.214  -3.134  -1.391  1.00 66.06  ? 15  DG  B H21    1 
ATOM   509  H  H22    . DG  B 2 4  ? 9.688   -1.745  -1.505  1.00 66.06  ? 15  DG  B H22    1 
ATOM   510  P  P      . DA  B 2 5  ? 13.628  -8.958  -5.170  1.00 122.02 ? 16  DA  B P      1 
ATOM   511  O  OP1    . DA  B 2 5  ? 14.326  -10.251 -4.997  1.00 125.57 ? 16  DA  B OP1    1 
ATOM   512  O  OP2    . DA  B 2 5  ? 13.133  -8.553  -6.506  1.00 107.77 ? 16  DA  B OP2    1 
ATOM   513  O  "O5'"  . DA  B 2 5  ? 12.402  -8.905  -4.150  1.00 113.07 ? 16  DA  B "O5'"  1 
ATOM   514  C  "C5'"  . DA  B 2 5  ? 11.962  -7.653  -3.659  1.00 105.16 ? 16  DA  B "C5'"  1 
ATOM   515  C  "C4'"  . DA  B 2 5  ? 10.675  -7.788  -2.871  1.00 101.44 ? 16  DA  B "C4'"  1 
ATOM   516  O  "O4'"  . DA  B 2 5  ? 10.019  -6.501  -2.820  1.00 93.44  ? 16  DA  B "O4'"  1 
ATOM   517  C  "C3'"  . DA  B 2 5  ? 9.639   -8.721  -3.467  1.00 107.56 ? 16  DA  B "C3'"  1 
ATOM   518  O  "O3'"  . DA  B 2 5  ? 8.782   -9.240  -2.435  1.00 116.24 ? 16  DA  B "O3'"  1 
ATOM   519  C  "C2'"  . DA  B 2 5  ? 8.918   -7.815  -4.465  1.00 92.31  ? 16  DA  B "C2'"  1 
ATOM   520  C  "C1'"  . DA  B 2 5  ? 9.021   -6.430  -3.825  1.00 78.96  ? 16  DA  B "C1'"  1 
ATOM   521  N  N9     . DA  B 2 5  ? 9.383   -5.370  -4.765  1.00 77.22  ? 16  DA  B N9     1 
ATOM   522  C  C8     . DA  B 2 5  ? 10.200  -5.467  -5.860  1.00 81.27  ? 16  DA  B C8     1 
ATOM   523  N  N7     . DA  B 2 5  ? 10.341  -4.340  -6.518  1.00 74.86  ? 16  DA  B N7     1 
ATOM   524  C  C5     . DA  B 2 5  ? 9.565   -3.441  -5.805  1.00 69.97  ? 16  DA  B C5     1 
ATOM   525  C  C6     . DA  B 2 5  ? 9.287   -2.072  -5.984  1.00 62.12  ? 16  DA  B C6     1 
ATOM   526  N  N6     . DA  B 2 5  ? 9.796   -1.340  -6.982  1.00 60.47  ? 16  DA  B N6     1 
ATOM   527  N  N1     . DA  B 2 5  ? 8.473   -1.478  -5.088  1.00 58.11  ? 16  DA  B N1     1 
ATOM   528  C  C2     . DA  B 2 5  ? 7.969   -2.211  -4.088  1.00 65.65  ? 16  DA  B C2     1 
ATOM   529  N  N3     . DA  B 2 5  ? 8.154   -3.499  -3.818  1.00 74.18  ? 16  DA  B N3     1 
ATOM   530  C  C4     . DA  B 2 5  ? 8.969   -4.061  -4.721  1.00 77.24  ? 16  DA  B C4     1 
ATOM   531  H  "H5'"  . DA  B 2 5  ? 11.813  -7.053  -4.407  1.00 126.19 ? 16  DA  B "H5'"  1 
ATOM   532  H  "H5''" . DA  B 2 5  ? 12.647  -7.279  -3.085  1.00 126.19 ? 16  DA  B "H5''" 1 
ATOM   533  H  "H4'"  . DA  B 2 5  ? 10.883  -8.076  -1.968  1.00 121.73 ? 16  DA  B "H4'"  1 
ATOM   534  H  "H3'"  . DA  B 2 5  ? 10.077  -9.450  -3.934  1.00 129.07 ? 16  DA  B "H3'"  1 
ATOM   535  H  "H2'"  . DA  B 2 5  ? 9.367   -7.830  -5.325  1.00 110.77 ? 16  DA  B "H2'"  1 
ATOM   536  H  "H2''" . DA  B 2 5  ? 7.990   -8.081  -4.558  1.00 110.77 ? 16  DA  B "H2''" 1 
ATOM   537  H  "H1'"  . DA  B 2 5  ? 8.172   -6.209  -3.413  1.00 94.75  ? 16  DA  B "H1'"  1 
ATOM   538  H  H8     . DA  B 2 5  ? 10.615  -6.259  -6.115  1.00 97.52  ? 16  DA  B H8     1 
ATOM   539  H  H61    . DA  B 2 5  ? 9.600   -0.505  -7.046  1.00 72.56  ? 16  DA  B H61    1 
ATOM   540  H  H62    . DA  B 2 5  ? 10.318  -1.705  -7.560  1.00 72.56  ? 16  DA  B H62    1 
ATOM   541  H  H2     . DA  B 2 5  ? 7.412   -1.755  -3.499  1.00 78.78  ? 16  DA  B H2     1 
ATOM   542  P  P      . DC  B 2 6  ? 7.315   -9.807  -2.771  1.00 125.39 ? 17  DC  B P      1 
ATOM   543  O  OP1    . DC  B 2 6  ? 6.977   -10.792 -1.717  1.00 108.01 ? 17  DC  B OP1    1 
ATOM   544  O  OP2    . DC  B 2 6  ? 7.285   -10.217 -4.193  1.00 108.58 ? 17  DC  B OP2    1 
ATOM   545  O  "O5'"  . DC  B 2 6  ? 6.380   -8.520  -2.605  1.00 108.11 ? 17  DC  B "O5'"  1 
ATOM   546  C  "C5'"  . DC  B 2 6  ? 5.070   -8.493  -3.160  1.00 92.55  ? 17  DC  B "C5'"  1 
ATOM   547  C  "C4'"  . DC  B 2 6  ? 4.374   -7.195  -2.797  1.00 97.56  ? 17  DC  B "C4'"  1 
ATOM   548  O  "O4'"  . DC  B 2 6  ? 5.255   -6.094  -3.126  1.00 94.26  ? 17  DC  B "O4'"  1 
ATOM   549  C  "C3'"  . DC  B 2 6  ? 3.057   -6.948  -3.529  1.00 90.40  ? 17  DC  B "C3'"  1 
ATOM   550  O  "O3'"  . DC  B 2 6  ? 1.917   -7.182  -2.655  1.00 83.16  ? 17  DC  B "O3'"  1 
ATOM   551  C  "C2'"  . DC  B 2 6  ? 3.133   -5.502  -4.032  1.00 83.56  ? 17  DC  B "C2'"  1 
ATOM   552  C  "C1'"  . DC  B 2 6  ? 4.564   -5.052  -3.780  1.00 82.93  ? 17  DC  B "C1'"  1 
ATOM   553  N  N1     . DC  B 2 6  ? 5.315   -4.705  -5.032  1.00 80.11  ? 17  DC  B N1     1 
ATOM   554  C  C2     . DC  B 2 6  ? 5.255   -3.401  -5.542  1.00 85.10  ? 17  DC  B C2     1 
ATOM   555  O  O2     . DC  B 2 6  ? 4.568   -2.553  -4.957  1.00 84.57  ? 17  DC  B O2     1 
ATOM   556  N  N3     . DC  B 2 6  ? 5.950   -3.103  -6.671  1.00 78.05  ? 17  DC  B N3     1 
ATOM   557  C  C4     . DC  B 2 6  ? 6.678   -4.043  -7.275  1.00 81.90  ? 17  DC  B C4     1 
ATOM   558  N  N4     . DC  B 2 6  ? 7.344   -3.701  -8.385  1.00 74.51  ? 17  DC  B N4     1 
ATOM   559  C  C5     . DC  B 2 6  ? 6.755   -5.376  -6.770  1.00 79.79  ? 17  DC  B C5     1 
ATOM   560  C  C6     . DC  B 2 6  ? 6.066   -5.659  -5.656  1.00 80.48  ? 17  DC  B C6     1 
ATOM   561  H  "H5'"  . DC  B 2 6  ? 4.559   -9.240  -2.811  1.00 111.06 ? 17  DC  B "H5'"  1 
ATOM   562  H  "H5''" . DC  B 2 6  ? 5.129   -8.567  -4.124  1.00 111.06 ? 17  DC  B "H5''" 1 
ATOM   563  H  "H4'"  . DC  B 2 6  ? 4.207   -7.186  -1.842  1.00 117.07 ? 17  DC  B "H4'"  1 
ATOM   564  H  "H3'"  . DC  B 2 6  ? 3.001   -7.546  -4.290  1.00 108.48 ? 17  DC  B "H3'"  1 
ATOM   565  H  "H2'"  . DC  B 2 6  ? 2.933   -5.467  -4.980  1.00 100.27 ? 17  DC  B "H2'"  1 
ATOM   566  H  "H2''" . DC  B 2 6  ? 2.514   -4.941  -3.538  1.00 100.27 ? 17  DC  B "H2''" 1 
ATOM   567  H  "H1'"  . DC  B 2 6  ? 4.549   -4.275  -3.200  1.00 99.52  ? 17  DC  B "H1'"  1 
ATOM   568  H  H41    . DC  B 2 6  ? 7.820   -4.287  -8.798  1.00 89.41  ? 17  DC  B H41    1 
ATOM   569  H  H42    . DC  B 2 6  ? 7.297   -2.897  -8.685  1.00 89.41  ? 17  DC  B H42    1 
ATOM   570  H  H5     . DC  B 2 6  ? 7.266   -6.024  -7.198  1.00 95.75  ? 17  DC  B H5     1 
ATOM   571  H  H6     . DC  B 2 6  ? 6.097   -6.520  -5.306  1.00 96.57  ? 17  DC  B H6     1 
ATOM   572  P  P      . DT  B 2 7  ? 1.588   -6.235  -1.390  1.00 108.02 ? 18  DT  B P      1 
ATOM   573  O  OP1    . DT  B 2 7  ? 2.834   -5.912  -0.656  1.00 108.09 ? 18  DT  B OP1    1 
ATOM   574  O  OP2    . DT  B 2 7  ? 0.461   -6.871  -0.675  1.00 100.33 ? 18  DT  B OP2    1 
ATOM   575  O  "O5'"  . DT  B 2 7  ? 1.019   -4.886  -2.028  1.00 81.70  ? 18  DT  B "O5'"  1 
ATOM   576  C  "C5'"  . DT  B 2 7  ? -0.161  -4.906  -2.810  1.00 88.63  ? 18  DT  B "C5'"  1 
ATOM   577  C  "C4'"  . DT  B 2 7  ? -0.528  -3.503  -3.244  1.00 75.88  ? 18  DT  B "C4'"  1 
ATOM   578  O  "O4'"  . DT  B 2 7  ? 0.464   -3.009  -4.189  1.00 79.47  ? 18  DT  B "O4'"  1 
ATOM   579  C  "C3'"  . DT  B 2 7  ? -1.858  -3.372  -3.962  1.00 81.20  ? 18  DT  B "C3'"  1 
ATOM   580  O  "O3'"  . DT  B 2 7  ? -2.427  -2.095  -3.680  1.00 90.01  ? 18  DT  B "O3'"  1 
ATOM   581  C  "C2'"  . DT  B 2 7  ? -1.452  -3.528  -5.427  1.00 86.52  ? 18  DT  B "C2'"  1 
ATOM   582  C  "C1'"  . DT  B 2 7  ? -0.148  -2.755  -5.450  1.00 84.20  ? 18  DT  B "C1'"  1 
ATOM   583  N  N1     . DT  B 2 7  ? 0.844   -3.130  -6.527  1.00 81.28  ? 18  DT  B N1     1 
ATOM   584  C  C2     . DT  B 2 7  ? 1.339   -2.140  -7.353  1.00 82.36  ? 18  DT  B C2     1 
ATOM   585  O  O2     . DT  B 2 7  ? 0.971   -0.978  -7.303  1.00 79.27  ? 18  DT  B O2     1 
ATOM   586  N  N3     . DT  B 2 7  ? 2.273   -2.562  -8.262  1.00 80.74  ? 18  DT  B N3     1 
ATOM   587  C  C4     . DT  B 2 7  ? 2.768   -3.842  -8.418  1.00 70.08  ? 18  DT  B C4     1 
ATOM   588  O  O4     . DT  B 2 7  ? 3.609   -4.124  -9.266  1.00 64.82  ? 18  DT  B O4     1 
ATOM   589  C  C5     . DT  B 2 7  ? 2.229   -4.827  -7.517  1.00 68.30  ? 18  DT  B C5     1 
ATOM   590  C  C7     . DT  B 2 7  ? 2.694   -6.251  -7.609  1.00 75.12  ? 18  DT  B C7     1 
ATOM   591  C  C6     . DT  B 2 7  ? 1.305   -4.430  -6.618  1.00 71.18  ? 18  DT  B C6     1 
ATOM   592  H  "H5'"  . DT  B 2 7  ? -0.887  -5.279  -2.284  1.00 106.35 ? 18  DT  B "H5'"  1 
ATOM   593  H  "H5''" . DT  B 2 7  ? -0.016  -5.457  -3.594  1.00 106.35 ? 18  DT  B "H5''" 1 
ATOM   594  H  "H4'"  . DT  B 2 7  ? -0.534  -2.924  -2.466  1.00 91.05  ? 18  DT  B "H4'"  1 
ATOM   595  H  "H3'"  . DT  B 2 7  ? -2.460  -4.084  -3.696  1.00 97.44  ? 18  DT  B "H3'"  1 
ATOM   596  H  "H2'"  . DT  B 2 7  ? -1.308  -4.462  -5.651  1.00 103.82 ? 18  DT  B "H2'"  1 
ATOM   597  H  "H2''" . DT  B 2 7  ? -2.109  -3.123  -6.014  1.00 103.82 ? 18  DT  B "H2''" 1 
ATOM   598  H  "H1'"  . DT  B 2 7  ? -0.345  -1.808  -5.520  1.00 101.04 ? 18  DT  B "H1'"  1 
ATOM   599  H  H3     . DT  B 2 7  ? 2.591   -1.962  -8.790  1.00 96.89  ? 18  DT  B H3     1 
ATOM   600  H  H71    . DT  B 2 7  ? 3.356   -6.330  -8.314  1.00 90.15  ? 18  DT  B H71    1 
ATOM   601  H  H72    . DT  B 2 7  ? 3.090   -6.516  -6.764  1.00 90.15  ? 18  DT  B H72    1 
ATOM   602  H  H73    . DT  B 2 7  ? 1.939   -6.826  -7.808  1.00 90.15  ? 18  DT  B H73    1 
ATOM   603  H  H6     . DT  B 2 7  ? 0.955   -5.064  -6.033  1.00 85.41  ? 18  DT  B H6     1 
ATOM   604  P  P      . DC  B 2 8  ? -3.990  -1.927  -3.350  1.00 100.77 ? 19  DC  B P      1 
ATOM   605  O  OP1    . DC  B 2 8  ? -4.114  -0.925  -2.271  1.00 96.31  ? 19  DC  B OP1    1 
ATOM   606  O  OP2    . DC  B 2 8  ? -4.579  -3.272  -3.167  1.00 96.64  ? 19  DC  B OP2    1 
ATOM   607  O  "O5'"  . DC  B 2 8  ? -4.577  -1.283  -4.688  1.00 88.88  ? 19  DC  B "O5'"  1 
ATOM   608  C  "C5'"  . DC  B 2 8  ? -3.907  -0.179  -5.287  1.00 80.04  ? 19  DC  B "C5'"  1 
ATOM   609  C  "C4'"  . DC  B 2 8  ? -4.185  -0.116  -6.777  1.00 90.65  ? 19  DC  B "C4'"  1 
ATOM   610  O  "O4'"  . DC  B 2 8  ? -3.131  -0.814  -7.506  1.00 89.85  ? 19  DC  B "O4'"  1 
ATOM   611  C  "C3'"  . DC  B 2 8  ? -5.497  -0.773  -7.217  1.00 75.11  ? 19  DC  B "C3'"  1 
ATOM   612  O  "O3'"  . DC  B 2 8  ? -6.145  0.019   -8.184  1.00 78.19  ? 19  DC  B "O3'"  1 
ATOM   613  C  "C2'"  . DC  B 2 8  ? -5.036  -2.102  -7.784  1.00 69.50  ? 19  DC  B "C2'"  1 
ATOM   614  C  "C1'"  . DC  B 2 8  ? -3.728  -1.695  -8.433  1.00 69.69  ? 19  DC  B "C1'"  1 
ATOM   615  N  N1     . DC  B 2 8  ? -2.784  -2.819  -8.735  1.00 64.83  ? 19  DC  B N1     1 
ATOM   616  C  C2     . DC  B 2 8  ? -1.637  -2.560  -9.490  1.00 69.69  ? 19  DC  B C2     1 
ATOM   617  O  O2     . DC  B 2 8  ? -1.423  -1.405  -9.880  1.00 85.90  ? 19  DC  B O2     1 
ATOM   618  N  N3     . DC  B 2 8  ? -0.789  -3.577  -9.769  1.00 66.09  ? 19  DC  B N3     1 
ATOM   619  C  C4     . DC  B 2 8  ? -1.055  -4.808  -9.331  1.00 71.88  ? 19  DC  B C4     1 
ATOM   620  N  N4     . DC  B 2 8  ? -0.188  -5.778  -9.632  1.00 68.65  ? 19  DC  B N4     1 
ATOM   621  C  C5     . DC  B 2 8  ? -2.220  -5.097  -8.564  1.00 69.10  ? 19  DC  B C5     1 
ATOM   622  C  C6     . DC  B 2 8  ? -3.053  -4.086  -8.296  1.00 70.58  ? 19  DC  B C6     1 
ATOM   623  H  "H5'"  . DC  B 2 8  ? -2.952  -0.271  -5.145  1.00 96.05  ? 19  DC  B "H5'"  1 
ATOM   624  H  "H5''" . DC  B 2 8  ? -4.212  0.642   -4.872  1.00 96.05  ? 19  DC  B "H5''" 1 
ATOM   625  H  "H4'"  . DC  B 2 8  ? -4.193  0.814   -7.054  1.00 108.78 ? 19  DC  B "H4'"  1 
ATOM   626  H  "H3'"  . DC  B 2 8  ? -6.076  -0.915  -6.451  1.00 90.14  ? 19  DC  B "H3'"  1 
ATOM   627  H  "H2'"  . DC  B 2 8  ? -4.887  -2.750  -7.077  1.00 83.40  ? 19  DC  B "H2'"  1 
ATOM   628  H  "H2''" . DC  B 2 8  ? -5.662  -2.436  -8.443  1.00 83.40  ? 19  DC  B "H2''" 1 
ATOM   629  H  "H1'"  . DC  B 2 8  ? -3.918  -1.212  -9.253  1.00 83.63  ? 19  DC  B "H1'"  1 
ATOM   630  H  H41    . DC  B 2 8  ? -0.332  -6.583  -9.363  1.00 82.39  ? 19  DC  B H41    1 
ATOM   631  H  H42    . DC  B 2 8  ? 0.514   -5.600  -10.097 1.00 82.39  ? 19  DC  B H42    1 
ATOM   632  H  H5     . DC  B 2 8  ? -2.397  -5.959  -8.262  1.00 82.92  ? 19  DC  B H5     1 
ATOM   633  H  H6     . DC  B 2 8  ? -3.820  -4.245  -7.796  1.00 84.70  ? 19  DC  B H6     1 
ATOM   634  P  P      . DA  B 2 9  ? -7.276  1.068   -7.743  1.00 100.04 ? 20  DA  B P      1 
ATOM   635  O  OP1    . DA  B 2 9  ? -6.724  1.870   -6.626  1.00 84.33  ? 20  DA  B OP1    1 
ATOM   636  O  OP2    . DA  B 2 9  ? -8.538  0.313   -7.571  1.00 93.32  ? 20  DA  B OP2    1 
ATOM   637  O  "O5'"  . DA  B 2 9  ? -7.428  2.016   -9.022  1.00 92.46  ? 20  DA  B "O5'"  1 
ATOM   638  C  "C5'"  . DA  B 2 9  ? -6.454  3.017   -9.271  1.00 99.31  ? 20  DA  B "C5'"  1 
ATOM   639  C  "C4'"  . DA  B 2 9  ? -5.981  2.975   -10.713 1.00 92.71  ? 20  DA  B "C4'"  1 
ATOM   640  O  "O4'"  . DA  B 2 9  ? -5.309  1.710   -10.960 1.00 82.83  ? 20  DA  B "O4'"  1 
ATOM   641  C  "C3'"  . DA  B 2 9  ? -7.086  3.072   -11.761 1.00 83.64  ? 20  DA  B "C3'"  1 
ATOM   642  O  "O3'"  . DA  B 2 9  ? -6.653  3.840   -12.881 1.00 93.63  ? 20  DA  B "O3'"  1 
ATOM   643  C  "C2'"  . DA  B 2 9  ? -7.350  1.617   -12.119 1.00 85.57  ? 20  DA  B "C2'"  1 
ATOM   644  C  "C1'"  . DA  B 2 9  ? -5.966  0.999   -11.988 1.00 67.75  ? 20  DA  B "C1'"  1 
ATOM   645  N  N9     . DA  B 2 9  ? -5.960  -0.418  -11.642 1.00 69.90  ? 20  DA  B N9     1 
ATOM   646  C  C8     . DA  B 2 9  ? -6.879  -1.103  -10.893 1.00 73.86  ? 20  DA  B C8     1 
ATOM   647  N  N7     . DA  B 2 9  ? -6.596  -2.378  -10.746 1.00 67.31  ? 20  DA  B N7     1 
ATOM   648  C  C5     . DA  B 2 9  ? -5.409  -2.534  -11.437 1.00 63.57  ? 20  DA  B C5     1 
ATOM   649  C  C6     . DA  B 2 9  ? -4.583  -3.647  -11.666 1.00 59.63  ? 20  DA  B C6     1 
ATOM   650  N  N6     . DA  B 2 9  ? -4.844  -4.868  -11.191 1.00 54.67  ? 20  DA  B N6     1 
ATOM   651  N  N1     . DA  B 2 9  ? -3.471  -3.457  -12.402 1.00 57.58  ? 20  DA  B N1     1 
ATOM   652  C  C2     . DA  B 2 9  ? -3.213  -2.231  -12.871 1.00 67.53  ? 20  DA  B C2     1 
ATOM   653  N  N3     . DA  B 2 9  ? -3.912  -1.114  -12.726 1.00 70.72  ? 20  DA  B N3     1 
ATOM   654  C  C4     . DA  B 2 9  ? -5.005  -1.334  -11.991 1.00 70.07  ? 20  DA  B C4     1 
ATOM   655  H  "H5'"  . DA  B 2 9  ? -5.695  2.878   -8.684  1.00 119.17 ? 20  DA  B "H5'"  1 
ATOM   656  H  "H5''" . DA  B 2 9  ? -6.841  3.889   -9.089  1.00 119.17 ? 20  DA  B "H5''" 1 
ATOM   657  H  "H4'"  . DA  B 2 9  ? -5.351  3.698   -10.857 1.00 111.26 ? 20  DA  B "H4'"  1 
ATOM   658  H  "H3'"  . DA  B 2 9  ? -7.881  3.468   -11.370 1.00 100.37 ? 20  DA  B "H3'"  1 
ATOM   659  H  "HO3'" . DA  B 2 9  ? -6.634  3.493   -13.646 1.00 112.35 ? 20  DA  B "HO3'" 1 
ATOM   660  H  "H2'"  . DA  B 2 9  ? -7.969  1.214   -11.492 1.00 102.68 ? 20  DA  B "H2'"  1 
ATOM   661  H  "H2''" . DA  B 2 9  ? -7.676  1.541   -13.030 1.00 102.68 ? 20  DA  B "H2''" 1 
ATOM   662  H  "H1'"  . DA  B 2 9  ? -5.481  1.125   -12.819 1.00 81.30  ? 20  DA  B "H1'"  1 
ATOM   663  H  H8     . DA  B 2 9  ? -7.635  -0.704  -10.527 1.00 88.63  ? 20  DA  B H8     1 
ATOM   664  H  H61    . DA  B 2 9  ? -4.306  -5.518  -11.357 1.00 65.60  ? 20  DA  B H61    1 
ATOM   665  H  H62    . DA  B 2 9  ? -5.551  -5.004  -10.720 1.00 65.60  ? 20  DA  B H62    1 
ATOM   666  H  H2     . DA  B 2 9  ? -2.434  -2.152  -13.374 1.00 81.03  ? 20  DA  B H2     1 
ATOM   667  P  P      . DT  C 3 1  ? 0.443   16.535  -4.284  1.00 111.37 ? 0   DT  C P      1 
ATOM   668  O  OP1    . DT  C 3 1  ? 1.254   17.371  -3.369  1.00 93.72  ? 0   DT  C OP1    1 
ATOM   669  O  OP2    . DT  C 3 1  ? -0.722  17.110  -4.994  1.00 94.24  ? 0   DT  C OP2    1 
ATOM   670  O  "O5'"  . DT  C 3 1  ? -0.058  15.249  -3.482  1.00 60.43  ? 0   DT  C "O5'"  1 
ATOM   671  C  "C5'"  . DT  C 3 1  ? 0.799   14.134  -3.347  1.00 64.55  ? 0   DT  C "C5'"  1 
ATOM   672  C  "C4'"  . DT  C 3 1  ? 2.133   14.540  -2.751  1.00 68.50  ? 0   DT  C "C4'"  1 
ATOM   673  O  "O4'"  . DT  C 3 1  ? 1.908   15.241  -1.499  1.00 66.32  ? 0   DT  C "O4'"  1 
ATOM   674  C  "C3'"  . DT  C 3 1  ? 3.064   13.366  -2.435  1.00 90.24  ? 0   DT  C "C3'"  1 
ATOM   675  O  "O3'"  . DT  C 3 1  ? 4.333   13.544  -3.057  1.00 101.65 ? 0   DT  C "O3'"  1 
ATOM   676  C  "C2'"  . DT  C 3 1  ? 3.160   13.353  -0.909  1.00 76.79  ? 0   DT  C "C2'"  1 
ATOM   677  C  "C1'"  . DT  C 3 1  ? 2.810   14.774  -0.521  1.00 65.35  ? 0   DT  C "C1'"  1 
ATOM   678  N  N1     . DT  C 3 1  ? 2.169   14.891  0.823   1.00 59.71  ? 0   DT  C N1     1 
ATOM   679  C  C2     . DT  C 3 1  ? 2.935   14.716  1.953   1.00 63.96  ? 0   DT  C C2     1 
ATOM   680  O  O2     . DT  C 3 1  ? 4.125   14.456  1.923   1.00 68.94  ? 0   DT  C O2     1 
ATOM   681  N  N3     . DT  C 3 1  ? 2.253   14.855  3.133   1.00 64.48  ? 0   DT  C N3     1 
ATOM   682  C  C4     . DT  C 3 1  ? 0.911   15.146  3.291   1.00 64.94  ? 0   DT  C C4     1 
ATOM   683  O  O4     . DT  C 3 1  ? 0.389   15.250  4.397   1.00 68.82  ? 0   DT  C O4     1 
ATOM   684  C  C5     . DT  C 3 1  ? 0.168   15.318  2.067   1.00 61.90  ? 0   DT  C C5     1 
ATOM   685  C  C7     . DT  C 3 1  ? -1.298  15.635  2.112   1.00 63.30  ? 0   DT  C C7     1 
ATOM   686  C  C6     . DT  C 3 1  ? 0.824   15.186  0.904   1.00 62.88  ? 0   DT  C C6     1 
ATOM   687  H  "H5'"  . DT  C 3 1  ? 0.947   13.739  -4.221  1.00 77.46  ? 0   DT  C "H5'"  1 
ATOM   688  H  "H5''" . DT  C 3 1  ? 0.379   13.479  -2.768  1.00 77.46  ? 0   DT  C "H5''" 1 
ATOM   689  H  "H4'"  . DT  C 3 1  ? 2.583   15.138  -3.369  1.00 82.20  ? 0   DT  C "H4'"  1 
ATOM   690  H  "H3'"  . DT  C 3 1  ? 2.662   12.539  -2.743  1.00 108.29 ? 0   DT  C "H3'"  1 
ATOM   691  H  "H2'"  . DT  C 3 1  ? 2.519   12.729  -0.532  1.00 92.15  ? 0   DT  C "H2'"  1 
ATOM   692  H  "H2''" . DT  C 3 1  ? 4.061   13.134  -0.625  1.00 92.15  ? 0   DT  C "H2''" 1 
ATOM   693  H  "H1'"  . DT  C 3 1  ? 3.613   15.318  -0.541  1.00 78.42  ? 0   DT  C "H1'"  1 
ATOM   694  H  H3     . DT  C 3 1  ? 2.711   14.750  3.854   1.00 77.37  ? 0   DT  C H3     1 
ATOM   695  H  H71    . DT  C 3 1  ? -1.457  16.490  1.682   1.00 75.96  ? 0   DT  C H71    1 
ATOM   696  H  H72    . DT  C 3 1  ? -1.793  14.943  1.648   1.00 75.96  ? 0   DT  C H72    1 
ATOM   697  H  H73    . DT  C 3 1  ? -1.590  15.679  3.036   1.00 75.96  ? 0   DT  C H73    1 
ATOM   698  H  H6     . DT  C 3 1  ? 0.347   15.295  0.113   1.00 75.45  ? 0   DT  C H6     1 
ATOM   699  P  P      . DC  C 3 2  ? 5.212   12.264  -3.479  1.00 124.20 ? 1   DC  C P      1 
ATOM   700  O  OP1    . DC  C 3 2  ? 6.147   12.704  -4.539  1.00 118.04 ? 1   DC  C OP1    1 
ATOM   701  O  OP2    . DC  C 3 2  ? 4.289   11.135  -3.740  1.00 89.26  ? 1   DC  C OP2    1 
ATOM   702  O  "O5'"  . DC  C 3 2  ? 6.041   11.914  -2.153  1.00 60.75  ? 1   DC  C "O5'"  1 
ATOM   703  C  "C5'"  . DC  C 3 2  ? 5.574   10.906  -1.269  1.00 57.83  ? 1   DC  C "C5'"  1 
ATOM   704  C  "C4'"  . DC  C 3 2  ? 6.525   10.730  -0.097  1.00 59.30  ? 1   DC  C "C4'"  1 
ATOM   705  O  "O4'"  . DC  C 3 2  ? 6.005   11.413  1.073   1.00 49.15  ? 1   DC  C "O4'"  1 
ATOM   706  C  "C3'"  . DC  C 3 2  ? 6.733   9.297   0.345   1.00 58.98  ? 1   DC  C "C3'"  1 
ATOM   707  O  "O3'"  . DC  C 3 2  ? 8.033   9.136   0.872   1.00 42.31  ? 1   DC  C "O3'"  1 
ATOM   708  C  "C2'"  . DC  C 3 2  ? 5.639   9.094   1.391   1.00 56.27  ? 1   DC  C "C2'"  1 
ATOM   709  C  "C1'"  . DC  C 3 2  ? 5.529   10.470  2.031   1.00 52.79  ? 1   DC  C "C1'"  1 
ATOM   710  N  N1     . DC  C 3 2  ? 4.144   10.881  2.414   1.00 57.52  ? 1   DC  C N1     1 
ATOM   711  C  C2     . DC  C 3 2  ? 3.840   11.150  3.754   1.00 50.76  ? 1   DC  C C2     1 
ATOM   712  O  O2     . DC  C 3 2  ? 4.715   11.001  4.614   1.00 49.82  ? 1   DC  C O2     1 
ATOM   713  N  N3     . DC  C 3 2  ? 2.587   11.556  4.074   1.00 54.51  ? 1   DC  C N3     1 
ATOM   714  C  C4     . DC  C 3 2  ? 1.668   11.707  3.117   1.00 57.46  ? 1   DC  C C4     1 
ATOM   715  N  N4     . DC  C 3 2  ? 0.445   12.106  3.478   1.00 59.56  ? 1   DC  C N4     1 
ATOM   716  C  C5     . DC  C 3 2  ? 1.961   11.449  1.747   1.00 49.00  ? 1   DC  C C5     1 
ATOM   717  C  C6     . DC  C 3 2  ? 3.198   11.048  1.444   1.00 54.55  ? 1   DC  C C6     1 
ATOM   718  H  "H5'"  . DC  C 3 2  ? 5.502   10.067  -1.750  1.00 69.39  ? 1   DC  C "H5'"  1 
ATOM   719  H  "H5''" . DC  C 3 2  ? 4.699   11.157  -0.934  1.00 69.39  ? 1   DC  C "H5''" 1 
ATOM   720  H  "H4'"  . DC  C 3 2  ? 7.384   11.115  -0.330  1.00 71.16  ? 1   DC  C "H4'"  1 
ATOM   721  H  "H3'"  . DC  C 3 2  ? 6.597   8.693   -0.402  1.00 70.77  ? 1   DC  C "H3'"  1 
ATOM   722  H  "H2'"  . DC  C 3 2  ? 4.802   8.844   0.970   1.00 67.53  ? 1   DC  C "H2'"  1 
ATOM   723  H  "H2''" . DC  C 3 2  ? 5.909   8.432   2.047   1.00 67.53  ? 1   DC  C "H2''" 1 
ATOM   724  H  "H1'"  . DC  C 3 2  ? 6.098   10.502  2.816   1.00 63.34  ? 1   DC  C "H1'"  1 
ATOM   725  H  H41    . DC  C 3 2  ? -0.165  12.214  2.881   1.00 71.47  ? 1   DC  C H41    1 
ATOM   726  H  H42    . DC  C 3 2  ? 0.269   12.256  4.306   1.00 71.47  ? 1   DC  C H42    1 
ATOM   727  H  H5     . DC  C 3 2  ? 1.313   11.552  1.088   1.00 58.80  ? 1   DC  C H5     1 
ATOM   728  H  H6     . DC  C 3 2  ? 3.417   10.871  0.557   1.00 65.46  ? 1   DC  C H6     1 
ATOM   729  P  P      . DA  C 3 3  ? 8.804   7.744   0.690   1.00 43.78  ? 2   DA  C P      1 
ATOM   730  O  OP1    . DA  C 3 3  ? 10.243  7.981   0.941   1.00 77.72  ? 2   DA  C OP1    1 
ATOM   731  O  OP2    . DA  C 3 3  ? 8.375   7.144   -0.590  1.00 68.58  ? 2   DA  C OP2    1 
ATOM   732  O  "O5'"  . DA  C 3 3  ? 8.227   6.856   1.877   1.00 51.08  ? 2   DA  C "O5'"  1 
ATOM   733  C  "C5'"  . DA  C 3 3  ? 8.538   7.203   3.210   1.00 67.17  ? 2   DA  C "C5'"  1 
ATOM   734  C  "C4'"  . DA  C 3 3  ? 7.582   6.544   4.183   1.00 68.93  ? 2   DA  C "C4'"  1 
ATOM   735  O  "O4'"  . DA  C 3 3  ? 6.439   7.394   4.412   1.00 67.75  ? 2   DA  C "O4'"  1 
ATOM   736  C  "C3'"  . DA  C 3 3  ? 6.959   5.242   3.710   1.00 65.95  ? 2   DA  C "C3'"  1 
ATOM   737  O  "O3'"  . DA  C 3 3  ? 7.859   4.117   3.830   1.00 62.33  ? 2   DA  C "O3'"  1 
ATOM   738  C  "C2'"  . DA  C 3 3  ? 5.741   5.130   4.616   1.00 63.82  ? 2   DA  C "C2'"  1 
ATOM   739  C  "C1'"  . DA  C 3 3  ? 5.381   6.595   4.919   1.00 55.52  ? 2   DA  C "C1'"  1 
ATOM   740  N  N9     . DA  C 3 3  ? 4.125   7.023   4.311   1.00 49.31  ? 2   DA  C N9     1 
ATOM   741  C  C8     . DA  C 3 3  ? 3.727   6.830   3.017   1.00 55.09  ? 2   DA  C C8     1 
ATOM   742  N  N7     . DA  C 3 3  ? 2.535   7.313   2.753   1.00 53.93  ? 2   DA  C N7     1 
ATOM   743  C  C5     . DA  C 3 3  ? 2.121   7.853   3.957   1.00 57.29  ? 2   DA  C C5     1 
ATOM   744  C  C6     . DA  C 3 3  ? 0.939   8.520   4.344   1.00 58.37  ? 2   DA  C C6     1 
ATOM   745  N  N6     . DA  C 3 3  ? -0.080  8.762   3.511   1.00 52.50  ? 2   DA  C N6     1 
ATOM   746  N  N1     . DA  C 3 3  ? 0.849   8.931   5.625   1.00 61.49  ? 2   DA  C N1     1 
ATOM   747  C  C2     . DA  C 3 3  ? 1.868   8.689   6.455   1.00 57.99  ? 2   DA  C C2     1 
ATOM   748  N  N3     . DA  C 3 3  ? 3.023   8.075   6.207   1.00 54.11  ? 2   DA  C N3     1 
ATOM   749  C  C4     . DA  C 3 3  ? 3.086   7.678   4.929   1.00 52.63  ? 2   DA  C C4     1 
ATOM   750  H  "H5'"  . DA  C 3 3  ? 8.479   8.166   3.311   1.00 80.60  ? 2   DA  C "H5'"  1 
ATOM   751  H  "H5''" . DA  C 3 3  ? 9.443   6.918   3.411   1.00 80.60  ? 2   DA  C "H5''" 1 
ATOM   752  H  "H4'"  . DA  C 3 3  ? 8.040   6.390   5.025   1.00 82.72  ? 2   DA  C "H4'"  1 
ATOM   753  H  "H3'"  . DA  C 3 3  ? 6.672   5.335   2.788   1.00 79.14  ? 2   DA  C "H3'"  1 
ATOM   754  H  "H2'"  . DA  C 3 3  ? 5.011   4.689   4.155   1.00 76.58  ? 2   DA  C "H2'"  1 
ATOM   755  H  "H2''" . DA  C 3 3  ? 5.966   4.659   5.434   1.00 76.58  ? 2   DA  C "H2''" 1 
ATOM   756  H  "H1'"  . DA  C 3 3  ? 5.324   6.715   5.880   1.00 66.62  ? 2   DA  C "H1'"  1 
ATOM   757  H  H8     . DA  C 3 3  ? 4.253   6.401   2.383   1.00 66.11  ? 2   DA  C H8     1 
ATOM   758  H  H61    . DA  C 3 3  ? -0.778  9.175   3.796   1.00 63.00  ? 2   DA  C H61    1 
ATOM   759  H  H62    . DA  C 3 3  ? -0.036  8.504   2.692   1.00 63.00  ? 2   DA  C H62    1 
ATOM   760  H  H2     . DA  C 3 3  ? 1.755   8.992   7.326   1.00 69.58  ? 2   DA  C H2     1 
ATOM   761  P  P      . DC  C 3 4  ? 8.753   3.885   5.147   1.00 66.91  ? 3   DC  C P      1 
ATOM   762  O  OP1    . DC  C 3 4  ? 8.070   4.470   6.321   1.00 70.65  ? 3   DC  C OP1    1 
ATOM   763  O  OP2    . DC  C 3 4  ? 10.119  4.322   4.791   1.00 59.99  ? 3   DC  C OP2    1 
ATOM   764  O  "O5'"  . DC  C 3 4  ? 8.762   2.295   5.349   1.00 73.40  ? 3   DC  C "O5'"  1 
ATOM   765  C  "C5'"  . DC  C 3 4  ? 7.883   1.452   4.599   1.00 64.69  ? 3   DC  C "C5'"  1 
ATOM   766  C  "C4'"  . DC  C 3 4  ? 8.669   0.464   3.757   1.00 61.15  ? 3   DC  C "C4'"  1 
ATOM   767  O  "O4'"  . DC  C 3 4  ? 8.834   0.971   2.422   1.00 57.96  ? 3   DC  C "O4'"  1 
ATOM   768  C  "C3'"  . DC  C 3 4  ? 10.087  0.211   4.226   1.00 68.08  ? 3   DC  C "C3'"  1 
ATOM   769  O  "O3'"  . DC  C 3 4  ? 10.117  -0.783  5.218   1.00 79.28  ? 3   DC  C "O3'"  1 
ATOM   770  C  "C2'"  . DC  C 3 4  ? 10.813  -0.220  2.948   1.00 62.30  ? 3   DC  C "C2'"  1 
ATOM   771  C  "C1'"  . DC  C 3 4  ? 9.920   0.297   1.820   1.00 60.18  ? 3   DC  C "C1'"  1 
ATOM   772  N  N1     . DC  C 3 4  ? 10.601  1.232   0.878   1.00 52.39  ? 3   DC  C N1     1 
ATOM   773  C  C2     . DC  C 3 4  ? 11.506  0.729   -0.064  1.00 56.22  ? 3   DC  C C2     1 
ATOM   774  O  O2     . DC  C 3 4  ? 11.744  -0.485  -0.082  1.00 63.17  ? 3   DC  C O2     1 
ATOM   775  N  N3     . DC  C 3 4  ? 12.101  1.588   -0.926  1.00 52.98  ? 3   DC  C N3     1 
ATOM   776  C  C4     . DC  C 3 4  ? 11.817  2.887   -0.873  1.00 56.22  ? 3   DC  C C4     1 
ATOM   777  N  N4     . DC  C 3 4  ? 12.427  3.697   -1.742  1.00 58.31  ? 3   DC  C N4     1 
ATOM   778  C  C5     . DC  C 3 4  ? 10.894  3.417   0.075   1.00 58.59  ? 3   DC  C C5     1 
ATOM   779  C  C6     . DC  C 3 4  ? 10.314  2.561   0.920   1.00 51.60  ? 3   DC  C C6     1 
ATOM   780  H  "H5'"  . DC  C 3 4  ? 7.333   2.000   4.017   1.00 77.62  ? 3   DC  C "H5'"  1 
ATOM   781  H  "H5''" . DC  C 3 4  ? 7.309   0.964   5.211   1.00 77.62  ? 3   DC  C "H5''" 1 
ATOM   782  H  "H4'"  . DC  C 3 4  ? 8.190   -0.379  3.721   1.00 73.38  ? 3   DC  C "H4'"  1 
ATOM   783  H  "H3'"  . DC  C 3 4  ? 10.475  1.032   4.566   1.00 81.70  ? 3   DC  C "H3'"  1 
ATOM   784  H  "H2'"  . DC  C 3 4  ? 11.690  0.191   2.902   1.00 74.76  ? 3   DC  C "H2'"  1 
ATOM   785  H  "H2''" . DC  C 3 4  ? 10.886  -1.187  2.909   1.00 74.76  ? 3   DC  C "H2''" 1 
ATOM   786  H  "H1'"  . DC  C 3 4  ? 9.580   -0.461  1.318   1.00 72.22  ? 3   DC  C "H1'"  1 
ATOM   787  H  H41    . DC  C 3 4  ? 12.262  4.542   -1.732  1.00 69.97  ? 3   DC  C H41    1 
ATOM   788  H  H42    . DC  C 3 4  ? 12.984  3.375   -2.312  1.00 69.97  ? 3   DC  C H42    1 
ATOM   789  H  H5     . DC  C 3 4  ? 10.703  4.327   0.104   1.00 70.31  ? 3   DC  C H5     1 
ATOM   790  H  H6     . DC  C 3 4  ? 9.706   2.878   1.549   1.00 61.92  ? 3   DC  C H6     1 
ATOM   791  P  P      . DC  C 3 5  ? 11.355  -0.835  6.234   1.00 83.70  ? 4   DC  C P      1 
ATOM   792  O  OP1    . DC  C 3 5  ? 11.825  -2.239  6.267   1.00 79.92  ? 4   DC  C OP1    1 
ATOM   793  O  OP2    . DC  C 3 5  ? 10.926  -0.164  7.482   1.00 81.45  ? 4   DC  C OP2    1 
ATOM   794  O  "O5'"  . DC  C 3 5  ? 12.455  0.105   5.538   1.00 67.50  ? 4   DC  C "O5'"  1 
ATOM   795  C  "C5'"  . DC  C 3 5  ? 13.841  -0.205  5.652   1.00 76.73  ? 4   DC  C "C5'"  1 
ATOM   796  C  "C4'"  . DC  C 3 5  ? 14.211  -1.373  4.751   1.00 76.93  ? 4   DC  C "C4'"  1 
ATOM   797  O  "O4'"  . DC  C 3 5  ? 13.613  -1.171  3.450   1.00 77.70  ? 4   DC  C "O4'"  1 
ATOM   798  C  "C3'"  . DC  C 3 5  ? 15.710  -1.558  4.525   1.00 81.59  ? 4   DC  C "C3'"  1 
ATOM   799  O  "O3'"  . DC  C 3 5  ? 16.185  -2.691  5.246   1.00 82.67  ? 4   DC  C "O3'"  1 
ATOM   800  C  "C2'"  . DC  C 3 5  ? 15.859  -1.752  3.018   1.00 68.46  ? 4   DC  C "C2'"  1 
ATOM   801  C  "C1'"  . DC  C 3 5  ? 14.593  -1.161  2.435   1.00 73.24  ? 4   DC  C "C1'"  1 
ATOM   802  N  N1     . DC  C 3 5  ? 14.738  0.239   1.924   1.00 72.09  ? 4   DC  C N1     1 
ATOM   803  C  C2     . DC  C 3 5  ? 15.516  0.481   0.786   1.00 72.07  ? 4   DC  C C2     1 
ATOM   804  O  O2     . DC  C 3 5  ? 16.102  -0.467  0.244   1.00 76.80  ? 4   DC  C O2     1 
ATOM   805  N  N3     . DC  C 3 5  ? 15.615  1.750   0.315   1.00 65.87  ? 4   DC  C N3     1 
ATOM   806  C  C4     . DC  C 3 5  ? 14.967  2.742   0.930   1.00 63.22  ? 4   DC  C C4     1 
ATOM   807  N  N4     . DC  C 3 5  ? 15.095  3.974   0.431   1.00 60.64  ? 4   DC  C N4     1 
ATOM   808  C  C5     . DC  C 3 5  ? 14.162  2.514   2.082   1.00 68.12  ? 4   DC  C C5     1 
ATOM   809  C  C6     . DC  C 3 5  ? 14.073  1.261   2.539   1.00 67.36  ? 4   DC  C C6     1 
ATOM   810  H  "H5'"  . DC  C 3 5  ? 14.041  -0.437  6.571   1.00 92.08  ? 4   DC  C "H5'"  1 
ATOM   811  H  "H5''" . DC  C 3 5  ? 14.363  0.571   5.398   1.00 92.08  ? 4   DC  C "H5''" 1 
ATOM   812  H  "H4'"  . DC  C 3 5  ? 13.852  -2.189  5.135   1.00 92.31  ? 4   DC  C "H4'"  1 
ATOM   813  H  "H3'"  . DC  C 3 5  ? 16.188  -0.761  4.806   1.00 97.91  ? 4   DC  C "H3'"  1 
ATOM   814  H  "H2'"  . DC  C 3 5  ? 16.638  -1.274  2.690   1.00 82.15  ? 4   DC  C "H2'"  1 
ATOM   815  H  "H2''" . DC  C 3 5  ? 15.924  -2.695  2.802   1.00 82.15  ? 4   DC  C "H2''" 1 
ATOM   816  H  "H1'"  . DC  C 3 5  ? 14.292  -1.728  1.708   1.00 87.88  ? 4   DC  C "H1'"  1 
ATOM   817  H  H41    . DC  C 3 5  ? 14.689  4.634   0.805   1.00 72.77  ? 4   DC  C H41    1 
ATOM   818  H  H42    . DC  C 3 5  ? 15.584  4.108   -0.265  1.00 72.77  ? 4   DC  C H42    1 
ATOM   819  H  H5     . DC  C 3 5  ? 13.715  3.213   2.503   1.00 81.74  ? 4   DC  C H5     1 
ATOM   820  H  H6     . DC  C 3 5  ? 13.551  1.081   3.288   1.00 80.83  ? 4   DC  C H6     1 
ATOM   821  P  P      . DG  C 3 6  ? 16.762  -2.525  6.734   1.00 87.36  ? 5   DG  C P      1 
ATOM   822  O  OP1    . DG  C 3 6  ? 16.869  -3.886  7.303   1.00 85.76  ? 5   DG  C OP1    1 
ATOM   823  O  OP2    . DG  C 3 6  ? 15.957  -1.494  7.427   1.00 91.51  ? 5   DG  C OP2    1 
ATOM   824  O  "O5'"  . DG  C 3 6  ? 18.224  -1.911  6.520   1.00 97.49  ? 5   DG  C "O5'"  1 
ATOM   825  C  "C5'"  . DG  C 3 6  ? 19.208  -2.639  5.796   1.00 92.97  ? 5   DG  C "C5'"  1 
ATOM   826  C  "C4'"  . DG  C 3 6  ? 19.170  -2.281  4.322   1.00 79.71  ? 5   DG  C "C4'"  1 
ATOM   827  O  "O4'"  . DG  C 3 6  ? 18.437  -1.046  4.146   1.00 76.50  ? 5   DG  C "O4'"  1 
ATOM   828  C  "C3'"  . DG  C 3 6  ? 20.542  -2.049  3.668   1.00 80.99  ? 5   DG  C "C3'"  1 
ATOM   829  O  "O3'"  . DG  C 3 6  ? 20.741  -2.963  2.595   1.00 73.13  ? 5   DG  C "O3'"  1 
ATOM   830  C  "C2'"  . DG  C 3 6  ? 20.488  -0.590  3.192   1.00 63.29  ? 5   DG  C "C2'"  1 
ATOM   831  C  "C1'"  . DG  C 3 6  ? 18.998  -0.355  3.065   1.00 71.94  ? 5   DG  C "C1'"  1 
ATOM   832  N  N9     . DG  C 3 6  ? 18.585  1.041   3.126   1.00 68.95  ? 5   DG  C N9     1 
ATOM   833  C  C8     . DG  C 3 6  ? 17.768  1.626   4.064   1.00 70.64  ? 5   DG  C C8     1 
ATOM   834  N  N7     . DG  C 3 6  ? 17.563  2.896   3.854   1.00 60.95  ? 5   DG  C N7     1 
ATOM   835  C  C5     . DG  C 3 6  ? 18.281  3.166   2.696   1.00 58.60  ? 5   DG  C C5     1 
ATOM   836  C  C6     . DG  C 3 6  ? 18.433  4.374   1.980   1.00 60.18  ? 5   DG  C C6     1 
ATOM   837  O  O6     . DG  C 3 6  ? 17.949  5.485   2.239   1.00 62.26  ? 5   DG  C O6     1 
ATOM   838  N  N1     . DG  C 3 6  ? 19.245  4.210   0.859   1.00 60.63  ? 5   DG  C N1     1 
ATOM   839  C  C2     . DG  C 3 6  ? 19.832  3.025   0.482   1.00 60.74  ? 5   DG  C C2     1 
ATOM   840  N  N2     . DG  C 3 6  ? 20.583  3.060   -0.628  1.00 64.12  ? 5   DG  C N2     1 
ATOM   841  N  N3     . DG  C 3 6  ? 19.697  1.888   1.143   1.00 57.11  ? 5   DG  C N3     1 
ATOM   842  C  C4     . DG  C 3 6  ? 18.910  2.032   2.234   1.00 60.96  ? 5   DG  C C4     1 
ATOM   843  H  "H5'"  . DG  C 3 6  ? 19.040  -3.589  5.897   1.00 111.57 ? 5   DG  C "H5'"  1 
ATOM   844  H  "H5''" . DG  C 3 6  ? 20.086  -2.430  6.151   1.00 111.57 ? 5   DG  C "H5''" 1 
ATOM   845  H  "H4'"  . DG  C 3 6  ? 18.712  -2.987  3.841   1.00 95.66  ? 5   DG  C "H4'"  1 
ATOM   846  H  "H3'"  . DG  C 3 6  ? 21.245  -2.155  4.329   1.00 97.18  ? 5   DG  C "H3'"  1 
ATOM   847  H  "HO3'" . DG  C 3 6  ? 20.866  -2.675  1.816   1.00 87.76  ? 5   DG  C "HO3'" 1 
ATOM   848  H  "H2'"  . DG  C 3 6  ? 20.876  0.004   3.854   1.00 75.95  ? 5   DG  C "H2'"  1 
ATOM   849  H  "H2''" . DG  C 3 6  ? 20.928  -0.491  2.334   1.00 75.95  ? 5   DG  C "H2''" 1 
ATOM   850  H  "H1'"  . DG  C 3 6  ? 18.681  -0.747  2.235   1.00 86.33  ? 5   DG  C "H1'"  1 
ATOM   851  H  H8     . DG  C 3 6  ? 17.407  1.163   4.786   1.00 84.76  ? 5   DG  C H8     1 
ATOM   852  H  H1     . DG  C 3 6  ? 19.390  4.901   0.369   1.00 72.76  ? 5   DG  C H1     1 
ATOM   853  H  H21    . DG  C 3 6  ? 20.974  2.346   -0.906  1.00 76.95  ? 5   DG  C H21    1 
ATOM   854  H  H22    . DG  C 3 6  ? 20.675  3.798   -1.062  1.00 76.95  ? 5   DG  C H22    1 
ATOM   855  O  "O5'"  . DT  D 4 1  ? -7.100  -15.978 -13.948 1.00 96.88  ? 2   DT  D "O5'"  1 
ATOM   856  C  "C5'"  . DT  D 4 1  ? -5.751  -15.532 -14.008 1.00 94.05  ? 2   DT  D "C5'"  1 
ATOM   857  C  "C4'"  . DT  D 4 1  ? -5.479  -14.805 -15.310 1.00 96.43  ? 2   DT  D "C4'"  1 
ATOM   858  O  "O4'"  . DT  D 4 1  ? -6.379  -13.683 -15.429 1.00 99.02  ? 2   DT  D "O4'"  1 
ATOM   859  C  "C3'"  . DT  D 4 1  ? -4.067  -14.225 -15.443 1.00 92.52  ? 2   DT  D "C3'"  1 
ATOM   860  O  "O3'"  . DT  D 4 1  ? -3.300  -14.982 -16.380 1.00 99.35  ? 2   DT  D "O3'"  1 
ATOM   861  C  "C2'"  . DT  D 4 1  ? -4.281  -12.773 -15.901 1.00 81.94  ? 2   DT  D "C2'"  1 
ATOM   862  C  "C1'"  . DT  D 4 1  ? -5.766  -12.703 -16.221 1.00 94.39  ? 2   DT  D "C1'"  1 
ATOM   863  N  N1     . DT  D 4 1  ? -6.390  -11.383 -15.926 1.00 98.73  ? 2   DT  D N1     1 
ATOM   864  C  C2     . DT  D 4 1  ? -5.953  -10.268 -16.602 1.00 102.65 ? 2   DT  D C2     1 
ATOM   865  O  O2     . DT  D 4 1  ? -5.063  -10.296 -17.433 1.00 101.29 ? 2   DT  D O2     1 
ATOM   866  N  N3     . DT  D 4 1  ? -6.595  -9.106  -16.267 1.00 101.14 ? 2   DT  D N3     1 
ATOM   867  C  C4     . DT  D 4 1  ? -7.612  -8.952  -15.344 1.00 104.30 ? 2   DT  D C4     1 
ATOM   868  O  O4     . DT  D 4 1  ? -8.126  -7.862  -15.113 1.00 99.67  ? 2   DT  D O4     1 
ATOM   869  C  C5     . DT  D 4 1  ? -8.026  -10.163 -14.672 1.00 105.14 ? 2   DT  D C5     1 
ATOM   870  C  C7     . DT  D 4 1  ? -9.122  -10.121 -13.649 1.00 106.77 ? 2   DT  D C7     1 
ATOM   871  C  C6     . DT  D 4 1  ? -7.404  -11.307 -14.993 1.00 100.66 ? 2   DT  D C6     1 
ATOM   872  H  "H5'"  . DT  D 4 1  ? -5.159  -16.299 -13.941 1.00 112.86 ? 2   DT  D "H5'"  1 
ATOM   873  H  "H5''" . DT  D 4 1  ? -5.579  -14.932 -13.265 1.00 112.86 ? 2   DT  D "H5''" 1 
ATOM   874  H  "H4'"  . DT  D 4 1  ? -5.637  -15.414 -16.049 1.00 115.72 ? 2   DT  D "H4'"  1 
ATOM   875  H  "H3'"  . DT  D 4 1  ? -3.628  -14.232 -14.577 1.00 111.03 ? 2   DT  D "H3'"  1 
ATOM   876  H  "H2'"  . DT  D 4 1  ? -4.058  -12.155 -15.187 1.00 98.32  ? 2   DT  D "H2'"  1 
ATOM   877  H  "H2''" . DT  D 4 1  ? -3.752  -12.586 -16.692 1.00 98.32  ? 2   DT  D "H2''" 1 
ATOM   878  H  "H1'"  . DT  D 4 1  ? -5.901  -12.919 -17.158 1.00 113.27 ? 2   DT  D "H1'"  1 
ATOM   879  H  H3     . DT  D 4 1  ? -6.336  -8.394  -16.675 1.00 121.37 ? 2   DT  D H3     1 
ATOM   880  H  H71    . DT  D 4 1  ? -8.779  -10.429 -12.796 1.00 128.12 ? 2   DT  D H71    1 
ATOM   881  H  H72    . DT  D 4 1  ? -9.445  -9.211  -13.559 1.00 128.12 ? 2   DT  D H72    1 
ATOM   882  H  H73    . DT  D 4 1  ? -9.850  -10.696 -13.933 1.00 128.12 ? 2   DT  D H73    1 
ATOM   883  H  H6     . DT  D 4 1  ? -7.668  -12.090 -14.565 1.00 120.80 ? 2   DT  D H6     1 
ATOM   884  P  P      . DC  D 4 2  ? -1.693  -15.000 -16.299 1.00 101.89 ? 3   DC  D P      1 
ATOM   885  O  OP1    . DC  D 4 2  ? -1.214  -16.229 -16.969 1.00 91.67  ? 3   DC  D OP1    1 
ATOM   886  O  OP2    . DC  D 4 2  ? -1.315  -14.761 -14.890 1.00 112.69 ? 3   DC  D OP2    1 
ATOM   887  O  "O5'"  . DC  D 4 2  ? -1.250  -13.744 -17.189 1.00 98.55  ? 3   DC  D "O5'"  1 
ATOM   888  C  "C5'"  . DC  D 4 2  ? 0.068   -13.682 -17.735 1.00 105.75 ? 3   DC  D "C5'"  1 
ATOM   889  C  "C4'"  . DC  D 4 2  ? 0.351   -12.310 -18.328 1.00 111.00 ? 3   DC  D "C4'"  1 
ATOM   890  O  "O4'"  . DC  D 4 2  ? -0.838  -11.494 -18.220 1.00 104.33 ? 3   DC  D "O4'"  1 
ATOM   891  C  "C3'"  . DC  D 4 2  ? 1.479   -11.535 -17.640 1.00 113.80 ? 3   DC  D "C3'"  1 
ATOM   892  O  "O3'"  . DC  D 4 2  ? 2.642   -11.464 -18.485 1.00 120.31 ? 3   DC  D "O3'"  1 
ATOM   893  C  "C2'"  . DC  D 4 2  ? 0.892   -10.151 -17.326 1.00 111.93 ? 3   DC  D "C2'"  1 
ATOM   894  C  "C1'"  . DC  D 4 2  ? -0.492  -10.152 -17.965 1.00 112.41 ? 3   DC  D "C1'"  1 
ATOM   895  N  N1     . DC  D 4 2  ? -1.545  -9.556  -17.091 1.00 105.20 ? 3   DC  D N1     1 
ATOM   896  C  C2     . DC  D 4 2  ? -2.114  -10.326 -16.070 1.00 96.52  ? 3   DC  D C2     1 
ATOM   897  O  O2     . DC  D 4 2  ? -1.732  -11.491 -15.909 1.00 96.30  ? 3   DC  D O2     1 
ATOM   898  N  N3     . DC  D 4 2  ? -3.067  -9.774  -15.283 1.00 89.06  ? 3   DC  D N3     1 
ATOM   899  C  C4     . DC  D 4 2  ? -3.450  -8.515  -15.484 1.00 89.91  ? 3   DC  D C4     1 
ATOM   900  N  N4     . DC  D 4 2  ? -4.396  -8.018  -14.679 1.00 84.23  ? 3   DC  D N4     1 
ATOM   901  C  C5     . DC  D 4 2  ? -2.882  -7.713  -16.518 1.00 81.60  ? 3   DC  D C5     1 
ATOM   902  C  C6     . DC  D 4 2  ? -1.943  -8.267  -17.290 1.00 88.56  ? 3   DC  D C6     1 
ATOM   903  H  "H5'"  . DC  D 4 2  ? 0.156   -14.354 -18.430 1.00 126.90 ? 3   DC  D "H5'"  1 
ATOM   904  H  "H5''" . DC  D 4 2  ? 0.713   -13.865 -17.033 1.00 126.90 ? 3   DC  D "H5''" 1 
ATOM   905  H  "H4'"  . DC  D 4 2  ? 0.572   -12.415 -19.267 1.00 133.20 ? 3   DC  D "H4'"  1 
ATOM   906  H  "H3'"  . DC  D 4 2  ? 1.713   -11.979 -16.809 1.00 136.56 ? 3   DC  D "H3'"  1 
ATOM   907  H  "H2'"  . DC  D 4 2  ? 0.819   -10.026 -16.366 1.00 134.31 ? 3   DC  D "H2'"  1 
ATOM   908  H  "H2''" . DC  D 4 2  ? 1.442   -9.455  -17.717 1.00 134.31 ? 3   DC  D "H2''" 1 
ATOM   909  H  "H1'"  . DC  D 4 2  ? -0.458  -9.666  -18.803 1.00 134.89 ? 3   DC  D "H1'"  1 
ATOM   910  H  H41    . DC  D 4 2  ? -4.666  -7.207  -14.782 1.00 101.07 ? 3   DC  D H41    1 
ATOM   911  H  H42    . DC  D 4 2  ? -4.733  -8.508  -14.059 1.00 101.07 ? 3   DC  D H42    1 
ATOM   912  H  H5     . DC  D 4 2  ? -3.158  -6.835  -16.652 1.00 97.92  ? 3   DC  D H5     1 
ATOM   913  H  H6     . DC  D 4 2  ? -1.555  -7.766  -17.972 1.00 106.27 ? 3   DC  D H6     1 
ATOM   914  P  P      . DT  D 4 3  ? 2.650   -10.564 -19.820 1.00 135.13 ? 4   DT  D P      1 
ATOM   915  O  OP1    . DT  D 4 3  ? 1.269   -10.465 -20.344 1.00 125.81 ? 4   DT  D OP1    1 
ATOM   916  O  OP2    . DT  D 4 3  ? 3.738   -11.074 -20.683 1.00 137.37 ? 4   DT  D OP2    1 
ATOM   917  O  "O5'"  . DT  D 4 3  ? 3.093   -9.118  -19.312 1.00 108.35 ? 4   DT  D "O5'"  1 
ATOM   918  C  "C5'"  . DT  D 4 3  ? 3.093   -8.022  -20.216 1.00 111.58 ? 4   DT  D "C5'"  1 
ATOM   919  C  "C4'"  . DT  D 4 3  ? 3.252   -6.712  -19.473 1.00 105.42 ? 4   DT  D "C4'"  1 
ATOM   920  O  "O4'"  . DT  D 4 3  ? 2.078   -6.470  -18.676 1.00 102.28 ? 4   DT  D "O4'"  1 
ATOM   921  C  "C3'"  . DT  D 4 3  ? 4.426   -6.674  -18.485 1.00 106.35 ? 4   DT  D "C3'"  1 
ATOM   922  O  "O3'"  . DT  D 4 3  ? 5.572   -5.991  -19.039 1.00 101.38 ? 4   DT  D "O3'"  1 
ATOM   923  C  "C2'"  . DT  D 4 3  ? 3.863   -5.969  -17.238 1.00 99.50  ? 4   DT  D "C2'"  1 
ATOM   924  C  "C1'"  . DT  D 4 3  ? 2.432   -5.597  -17.637 1.00 99.06  ? 4   DT  D "C1'"  1 
ATOM   925  N  N1     . DT  D 4 3  ? 1.425   -5.722  -16.542 1.00 97.03  ? 4   DT  D N1     1 
ATOM   926  C  C2     . DT  D 4 3  ? 1.305   -6.906  -15.847 1.00 92.64  ? 4   DT  D C2     1 
ATOM   927  O  O2     . DT  D 4 3  ? 1.997   -7.885  -16.066 1.00 90.75  ? 4   DT  D O2     1 
ATOM   928  N  N3     . DT  D 4 3  ? 0.345   -6.901  -14.870 1.00 82.05  ? 4   DT  D N3     1 
ATOM   929  C  C4     . DT  D 4 3  ? -0.497  -5.853  -14.530 1.00 78.79  ? 4   DT  D C4     1 
ATOM   930  O  O4     . DT  D 4 3  ? -1.333  -5.946  -13.633 1.00 65.98  ? 4   DT  D O4     1 
ATOM   931  C  C5     . DT  D 4 3  ? -0.319  -4.642  -15.309 1.00 81.58  ? 4   DT  D C5     1 
ATOM   932  C  C7     . DT  D 4 3  ? -1.161  -3.429  -15.049 1.00 72.69  ? 4   DT  D C7     1 
ATOM   933  C  C6     . DT  D 4 3  ? 0.619   -4.640  -16.262 1.00 88.49  ? 4   DT  D C6     1 
ATOM   934  H  "H5'"  . DT  D 4 3  ? 2.255   -8.012  -20.704 1.00 133.90 ? 4   DT  D "H5'"  1 
ATOM   935  H  "H5''" . DT  D 4 3  ? 3.825   -8.126  -20.842 1.00 133.90 ? 4   DT  D "H5''" 1 
ATOM   936  H  "H4'"  . DT  D 4 3  ? 3.354   -5.992  -20.116 1.00 126.51 ? 4   DT  D "H4'"  1 
ATOM   937  H  "H3'"  . DT  D 4 3  ? 4.676   -7.581  -18.252 1.00 127.62 ? 4   DT  D "H3'"  1 
ATOM   938  H  "H2'"  . DT  D 4 3  ? 3.860   -6.572  -16.480 1.00 119.40 ? 4   DT  D "H2'"  1 
ATOM   939  H  "H2''" . DT  D 4 3  ? 4.379   -5.171  -17.039 1.00 119.40 ? 4   DT  D "H2''" 1 
ATOM   940  H  "H1'"  . DT  D 4 3  ? 2.423   -4.687  -17.972 1.00 118.87 ? 4   DT  D "H1'"  1 
ATOM   941  H  H3     . DT  D 4 3  ? 0.252   -7.627  -14.419 1.00 98.46  ? 4   DT  D H3     1 
ATOM   942  H  H71    . DT  D 4 3  ? -0.587  -2.677  -14.833 1.00 87.23  ? 4   DT  D H71    1 
ATOM   943  H  H72    . DT  D 4 3  ? -1.682  -3.221  -15.840 1.00 87.23  ? 4   DT  D H72    1 
ATOM   944  H  H73    . DT  D 4 3  ? -1.759  -3.603  -14.305 1.00 87.23  ? 4   DT  D H73    1 
ATOM   945  H  H6     . DT  D 4 3  ? 0.736   -3.865  -16.762 1.00 106.18 ? 4   DT  D H6     1 
ATOM   946  P  P      . DG  D 4 4  ? 5.466   -4.507  -19.657 1.00 116.91 ? 5   DG  D P      1 
ATOM   947  O  OP1    . DG  D 4 4  ? 5.005   -4.648  -21.056 1.00 126.08 ? 5   DG  D OP1    1 
ATOM   948  O  OP2    . DG  D 4 4  ? 6.747   -3.823  -19.371 1.00 97.95  ? 5   DG  D OP2    1 
ATOM   949  O  "O5'"  . DG  D 4 4  ? 4.321   -3.788  -18.800 1.00 107.57 ? 5   DG  D "O5'"  1 
ATOM   950  C  "C5'"  . DG  D 4 4  ? 3.956   -2.438  -19.069 1.00 104.74 ? 5   DG  D "C5'"  1 
ATOM   951  C  "C4'"  . DG  D 4 4  ? 4.230   -1.552  -17.866 1.00 95.71  ? 5   DG  D "C4'"  1 
ATOM   952  O  "O4'"  . DG  D 4 4  ? 3.477   -2.044  -16.718 1.00 94.72  ? 5   DG  D "O4'"  1 
ATOM   953  C  "C3'"  . DG  D 4 4  ? 5.697   -1.512  -17.420 1.00 93.57  ? 5   DG  D "C3'"  1 
ATOM   954  O  "O3'"  . DG  D 4 4  ? 6.089   -0.190  -17.111 1.00 79.08  ? 5   DG  D "O3'"  1 
ATOM   955  C  "C2'"  . DG  D 4 4  ? 5.712   -2.411  -16.195 1.00 94.19  ? 5   DG  D "C2'"  1 
ATOM   956  C  "C1'"  . DG  D 4 4  ? 4.342   -2.135  -15.608 1.00 90.21  ? 5   DG  D "C1'"  1 
ATOM   957  N  N9     . DG  D 4 4  ? 3.854   -3.163  -14.692 1.00 81.04  ? 5   DG  D N9     1 
ATOM   958  C  C8     . DG  D 4 4  ? 4.374   -4.417  -14.491 1.00 76.42  ? 5   DG  D C8     1 
ATOM   959  N  N7     . DG  D 4 4  ? 3.727   -5.110  -13.596 1.00 67.40  ? 5   DG  D N7     1 
ATOM   960  C  C5     . DG  D 4 4  ? 2.720   -4.254  -13.171 1.00 70.98  ? 5   DG  D C5     1 
ATOM   961  C  C6     . DG  D 4 4  ? 1.704   -4.450  -12.209 1.00 66.85  ? 5   DG  D C6     1 
ATOM   962  O  O6     . DG  D 4 4  ? 1.484   -5.453  -11.519 1.00 64.77  ? 5   DG  D O6     1 
ATOM   963  N  N1     . DG  D 4 4  ? 0.890   -3.327  -12.082 1.00 72.47  ? 5   DG  D N1     1 
ATOM   964  C  C2     . DG  D 4 4  ? 1.047   -2.159  -12.793 1.00 82.06  ? 5   DG  D C2     1 
ATOM   965  N  N2     . DG  D 4 4  ? 0.160   -1.183  -12.542 1.00 83.40  ? 5   DG  D N2     1 
ATOM   966  N  N3     . DG  D 4 4  ? 1.992   -1.967  -13.701 1.00 83.23  ? 5   DG  D N3     1 
ATOM   967  C  C4     . DG  D 4 4  ? 2.789   -3.051  -13.834 1.00 78.46  ? 5   DG  D C4     1 
ATOM   968  H  "H5'"  . DG  D 4 4  ? 3.012   -2.399  -19.285 1.00 125.69 ? 5   DG  D "H5'"  1 
ATOM   969  H  "H5''" . DG  D 4 4  ? 4.469   -2.113  -19.827 1.00 125.69 ? 5   DG  D "H5''" 1 
ATOM   970  H  "H4'"  . DG  D 4 4  ? 3.940   -0.649  -18.070 1.00 114.86 ? 5   DG  D "H4'"  1 
ATOM   971  H  "H3'"  . DG  D 4 4  ? 6.267   -1.879  -18.112 1.00 112.28 ? 5   DG  D "H3'"  1 
ATOM   972  H  "H2'"  . DG  D 4 4  ? 5.799   -3.343  -16.449 1.00 113.03 ? 5   DG  D "H2'"  1 
ATOM   973  H  "H2''" . DG  D 4 4  ? 6.413   -2.148  -15.579 1.00 113.03 ? 5   DG  D "H2''" 1 
ATOM   974  H  "H1'"  . DG  D 4 4  ? 4.360   -1.282  -15.147 1.00 108.25 ? 5   DG  D "H1'"  1 
ATOM   975  H  H8     . DG  D 4 4  ? 5.112   -4.745  -14.954 1.00 91.71  ? 5   DG  D H8     1 
ATOM   976  H  H1     . DG  D 4 4  ? 0.245   -3.364  -11.515 1.00 86.96  ? 5   DG  D H1     1 
ATOM   977  H  H21    . DG  D 4 4  ? 0.207   -0.439  -12.969 1.00 100.08 ? 5   DG  D H21    1 
ATOM   978  H  H22    . DG  D 4 4  ? -0.455  -1.302  -11.953 1.00 100.08 ? 5   DG  D H22    1 
ATOM   979  P  P      . DA  D 4 5  ? 6.417   0.845   -18.291 1.00 97.80  ? 6   DA  D P      1 
ATOM   980  O  OP1    . DA  D 4 5  ? 5.838   0.295   -19.539 1.00 106.65 ? 6   DA  D OP1    1 
ATOM   981  O  OP2    . DA  D 4 5  ? 7.864   1.146   -18.222 1.00 110.83 ? 6   DA  D OP2    1 
ATOM   982  O  "O5'"  . DA  D 4 5  ? 5.614   2.167   -17.872 1.00 96.36  ? 6   DA  D "O5'"  1 
ATOM   983  C  "C5'"  . DA  D 4 5  ? 6.159   3.053   -16.895 1.00 94.76  ? 6   DA  D "C5'"  1 
ATOM   984  C  "C4'"  . DA  D 4 5  ? 5.077   3.583   -15.967 1.00 90.89  ? 6   DA  D "C4'"  1 
ATOM   985  O  "O4'"  . DA  D 4 5  ? 4.463   2.469   -15.258 1.00 88.02  ? 6   DA  D "O4'"  1 
ATOM   986  C  "C3'"  . DA  D 4 5  ? 5.575   4.537   -14.884 1.00 86.25  ? 6   DA  D "C3'"  1 
ATOM   987  O  "O3'"  . DA  D 4 5  ? 4.602   5.547   -14.598 1.00 87.98  ? 6   DA  D "O3'"  1 
ATOM   988  C  "C2'"  . DA  D 4 5  ? 5.815   3.614   -13.700 1.00 89.95  ? 6   DA  D "C2'"  1 
ATOM   989  C  "C1'"  . DA  D 4 5  ? 4.722   2.569   -13.866 1.00 75.98  ? 6   DA  D "C1'"  1 
ATOM   990  N  N9     . DA  D 4 5  ? 5.087   1.246   -13.366 1.00 71.67  ? 6   DA  D N9     1 
ATOM   991  C  C8     . DA  D 4 5  ? 6.153   0.482   -13.753 1.00 74.16  ? 6   DA  D C8     1 
ATOM   992  N  N7     . DA  D 4 5  ? 6.230   -0.672  -13.134 1.00 73.25  ? 6   DA  D N7     1 
ATOM   993  C  C5     . DA  D 4 5  ? 5.137   -0.666  -12.282 1.00 70.88  ? 6   DA  D C5     1 
ATOM   994  C  C6     . DA  D 4 5  ? 4.652   -1.607  -11.351 1.00 64.77  ? 6   DA  D C6     1 
ATOM   995  N  N6     . DA  D 4 5  ? 5.241   -2.785  -11.120 1.00 74.76  ? 6   DA  D N6     1 
ATOM   996  N  N1     . DA  D 4 5  ? 3.535   -1.289  -10.663 1.00 56.72  ? 6   DA  D N1     1 
ATOM   997  C  C2     . DA  D 4 5  ? 2.950   -0.110  -10.894 1.00 68.17  ? 6   DA  D C2     1 
ATOM   998  N  N3     . DA  D 4 5  ? 3.310   0.854   -11.743 1.00 76.32  ? 6   DA  D N3     1 
ATOM   999  C  C4     . DA  D 4 5  ? 4.422   0.509   -12.411 1.00 73.96  ? 6   DA  D C4     1 
ATOM   1000 H  "H5'"  . DA  D 4 5  ? 6.585   3.799   -17.346 1.00 113.71 ? 6   DA  D "H5'"  1 
ATOM   1001 H  "H5''" . DA  D 4 5  ? 6.823   2.578   -16.371 1.00 113.71 ? 6   DA  D "H5''" 1 
ATOM   1002 H  "H4'"  . DA  D 4 5  ? 4.399   4.032   -16.496 1.00 109.07 ? 6   DA  D "H4'"  1 
ATOM   1003 H  "H3'"  . DA  D 4 5  ? 6.410   4.947   -15.161 1.00 103.50 ? 6   DA  D "H3'"  1 
ATOM   1004 H  "H2'"  . DA  D 4 5  ? 6.693   3.205   -13.757 1.00 107.94 ? 6   DA  D "H2'"  1 
ATOM   1005 H  "H2''" . DA  D 4 5  ? 5.709   4.093   -12.864 1.00 107.94 ? 6   DA  D "H2''" 1 
ATOM   1006 H  "H1'"  . DA  D 4 5  ? 3.919   2.871   -13.413 1.00 91.18  ? 6   DA  D "H1'"  1 
ATOM   1007 H  H8     . DA  D 4 5  ? 6.766   0.756   -14.396 1.00 88.99  ? 6   DA  D H8     1 
ATOM   1008 H  H61    . DA  D 4 5  ? 4.908   -3.327  -10.542 1.00 89.72  ? 6   DA  D H61    1 
ATOM   1009 H  H62    . DA  D 4 5  ? 5.954   -3.000  -11.551 1.00 89.72  ? 6   DA  D H62    1 
ATOM   1010 H  H2     . DA  D 4 5  ? 2.184   0.061   -10.396 1.00 81.81  ? 6   DA  D H2     1 
ATOM   1011 P  P      . DG  D 4 6  ? 4.961   6.756   -13.598 1.00 103.34 ? 7   DG  D P      1 
ATOM   1012 O  OP1    . DG  D 4 6  ? 4.120   7.910   -13.983 1.00 108.68 ? 7   DG  D OP1    1 
ATOM   1013 O  OP2    . DG  D 4 6  ? 6.434   6.894   -13.560 1.00 95.06  ? 7   DG  D OP2    1 
ATOM   1014 O  "O5'"  . DG  D 4 6  ? 4.482   6.233   -12.161 1.00 87.40  ? 7   DG  D "O5'"  1 
ATOM   1015 C  "C5'"  . DG  D 4 6  ? 3.090   6.155   -11.865 1.00 82.37  ? 7   DG  D "C5'"  1 
ATOM   1016 C  "C4'"  . DG  D 4 6  ? 2.844   5.501   -10.513 1.00 87.18  ? 7   DG  D "C4'"  1 
ATOM   1017 O  "O4'"  . DG  D 4 6  ? 3.412   4.159   -10.508 1.00 91.40  ? 7   DG  D "O4'"  1 
ATOM   1018 C  "C3'"  . DG  D 4 6  ? 3.467   6.230   -9.311  1.00 78.78  ? 7   DG  D "C3'"  1 
ATOM   1019 O  "O3'"  . DG  D 4 6  ? 2.491   6.412   -8.280  1.00 82.79  ? 7   DG  D "O3'"  1 
ATOM   1020 C  "C2'"  . DG  D 4 6  ? 4.605   5.308   -8.881  1.00 64.40  ? 7   DG  D "C2'"  1 
ATOM   1021 C  "C1'"  . DG  D 4 6  ? 4.080   3.946   -9.285  1.00 73.40  ? 7   DG  D "C1'"  1 
ATOM   1022 N  N9     . DG  D 4 6  ? 5.111   2.931   -9.472  1.00 62.66  ? 7   DG  D N9     1 
ATOM   1023 C  C8     . DG  D 4 6  ? 6.175   2.976   -10.340 1.00 62.84  ? 7   DG  D C8     1 
ATOM   1024 N  N7     . DG  D 4 6  ? 6.931   1.914   -10.289 1.00 59.81  ? 7   DG  D N7     1 
ATOM   1025 C  C5     . DG  D 4 6  ? 6.328   1.113   -9.327  1.00 59.82  ? 7   DG  D C5     1 
ATOM   1026 C  C6     . DG  D 4 6  ? 6.696   -0.163  -8.839  1.00 61.96  ? 7   DG  D C6     1 
ATOM   1027 O  O6     . DG  D 4 6  ? 7.662   -0.863  -9.173  1.00 60.60  ? 7   DG  D O6     1 
ATOM   1028 N  N1     . DG  D 4 6  ? 5.810   -0.619  -7.864  1.00 59.21  ? 7   DG  D N1     1 
ATOM   1029 C  C2     . DG  D 4 6  ? 4.707   0.076   -7.419  1.00 61.26  ? 7   DG  D C2     1 
ATOM   1030 N  N2     . DG  D 4 6  ? 3.970   -0.521  -6.471  1.00 53.39  ? 7   DG  D N2     1 
ATOM   1031 N  N3     . DG  D 4 6  ? 4.353   1.272   -7.869  1.00 59.50  ? 7   DG  D N3     1 
ATOM   1032 C  C4     . DG  D 4 6  ? 5.206   1.727   -8.817  1.00 57.93  ? 7   DG  D C4     1 
ATOM   1033 H  "H5'"  . DG  D 4 6  ? 2.648   5.633   -12.553 1.00 98.84  ? 7   DG  D "H5'"  1 
ATOM   1034 H  "H5''" . DG  D 4 6  ? 2.716   7.050   -11.857 1.00 98.84  ? 7   DG  D "H5''" 1 
ATOM   1035 H  "H4'"  . DG  D 4 6  ? 1.887   5.433   -10.372 1.00 104.62 ? 7   DG  D "H4'"  1 
ATOM   1036 H  "H3'"  . DG  D 4 6  ? 3.821   7.088   -9.590  1.00 94.54  ? 7   DG  D "H3'"  1 
ATOM   1037 H  "H2'"  . DG  D 4 6  ? 5.421   5.520   -9.360  1.00 77.28  ? 7   DG  D "H2'"  1 
ATOM   1038 H  "H2''" . DG  D 4 6  ? 4.742   5.354   -7.921  1.00 77.28  ? 7   DG  D "H2''" 1 
ATOM   1039 H  "H1'"  . DG  D 4 6  ? 3.442   3.638   -8.622  1.00 88.07  ? 7   DG  D "H1'"  1 
ATOM   1040 H  H8     . DG  D 4 6  ? 6.341   3.694   -10.907 1.00 75.41  ? 7   DG  D H8     1 
ATOM   1041 H  H1     . DG  D 4 6  ? 5.963   -1.389  -7.514  1.00 71.05  ? 7   DG  D H1     1 
ATOM   1042 H  H21    . DG  D 4 6  ? 3.274   -0.126  -6.155  1.00 64.07  ? 7   DG  D H21    1 
ATOM   1043 H  H22    . DG  D 4 6  ? 4.192   -1.298  -6.178  1.00 64.07  ? 7   DG  D H22    1 
ATOM   1044 P  P      . DT  D 4 7  ? 2.815   7.306   -6.982  1.00 94.79  ? 8   DT  D P      1 
ATOM   1045 O  OP1    . DT  D 4 7  ? 1.813   8.394   -6.940  1.00 97.16  ? 8   DT  D OP1    1 
ATOM   1046 O  OP2    . DT  D 4 7  ? 4.261   7.630   -6.980  1.00 77.25  ? 8   DT  D OP2    1 
ATOM   1047 O  "O5'"  . DT  D 4 7  ? 2.536   6.312   -5.760  1.00 87.73  ? 8   DT  D "O5'"  1 
ATOM   1048 C  "C5'"  . DT  D 4 7  ? 3.227   5.078   -5.693  1.00 71.27  ? 8   DT  D "C5'"  1 
ATOM   1049 C  "C4'"  . DT  D 4 7  ? 2.672   4.189   -4.598  1.00 64.57  ? 8   DT  D "C4'"  1 
ATOM   1050 O  "O4'"  . DT  D 4 7  ? 3.204   2.851   -4.763  1.00 60.61  ? 8   DT  D "O4'"  1 
ATOM   1051 C  "C3'"  . DT  D 4 7  ? 3.043   4.600   -3.182  1.00 62.70  ? 8   DT  D "C3'"  1 
ATOM   1052 O  "O3'"  . DT  D 4 7  ? 2.023   4.213   -2.250  1.00 68.61  ? 8   DT  D "O3'"  1 
ATOM   1053 C  "C2'"  . DT  D 4 7  ? 4.360   3.868   -2.950  1.00 65.95  ? 8   DT  D "C2'"  1 
ATOM   1054 C  "C1'"  . DT  D 4 7  ? 4.233   2.610   -3.815  1.00 64.33  ? 8   DT  D "C1'"  1 
ATOM   1055 N  N1     . DT  D 4 7  ? 5.501   2.249   -4.549  1.00 61.08  ? 8   DT  D N1     1 
ATOM   1056 C  C2     . DT  D 4 7  ? 6.091   1.027   -4.313  1.00 59.17  ? 8   DT  D C2     1 
ATOM   1057 O  O2     . DT  D 4 7  ? 5.640   0.201   -3.537  1.00 59.94  ? 8   DT  D O2     1 
ATOM   1058 N  N3     . DT  D 4 7  ? 7.239   0.799   -5.026  1.00 56.40  ? 8   DT  D N3     1 
ATOM   1059 C  C4     . DT  D 4 7  ? 7.848   1.651   -5.928  1.00 55.33  ? 8   DT  D C4     1 
ATOM   1060 O  O4     . DT  D 4 7  ? 8.883   1.354   -6.519  1.00 55.16  ? 8   DT  D O4     1 
ATOM   1061 C  C5     . DT  D 4 7  ? 7.184   2.911   -6.127  1.00 47.16  ? 8   DT  D C5     1 
ATOM   1062 C  C7     . DT  D 4 7  ? 7.753   3.909   -7.083  1.00 49.45  ? 8   DT  D C7     1 
ATOM   1063 C  C6     . DT  D 4 7  ? 6.056   3.152   -5.438  1.00 51.96  ? 8   DT  D C6     1 
ATOM   1064 H  "H5'"  . DT  D 4 7  ? 4.165   5.249   -5.517  1.00 85.52  ? 8   DT  D "H5'"  1 
ATOM   1065 H  "H5''" . DT  D 4 7  ? 3.143   4.621   -6.545  1.00 85.52  ? 8   DT  D "H5''" 1 
ATOM   1066 H  "H4'"  . DT  D 4 7  ? 1.705   4.157   -4.676  1.00 77.48  ? 8   DT  D "H4'"  1 
ATOM   1067 H  "H3'"  . DT  D 4 7  ? 3.184   5.560   -3.142  1.00 75.24  ? 8   DT  D "H3'"  1 
ATOM   1068 H  "H2'"  . DT  D 4 7  ? 5.108   4.411   -3.245  1.00 79.14  ? 8   DT  D "H2'"  1 
ATOM   1069 H  "H2''" . DT  D 4 7  ? 4.457   3.629   -2.014  1.00 79.14  ? 8   DT  D "H2''" 1 
ATOM   1070 H  "H1'"  . DT  D 4 7  ? 3.973   1.866   -3.250  1.00 77.20  ? 8   DT  D "H1'"  1 
ATOM   1071 H  H3     . DT  D 4 7  ? 7.625   0.042   -4.897  1.00 67.68  ? 8   DT  D H3     1 
ATOM   1072 H  H71    . DT  D 4 7  ? 7.105   4.096   -7.780  1.00 59.35  ? 8   DT  D H71    1 
ATOM   1073 H  H72    . DT  D 4 7  ? 7.963   4.728   -6.607  1.00 59.35  ? 8   DT  D H72    1 
ATOM   1074 H  H73    . DT  D 4 7  ? 8.562   3.551   -7.481  1.00 59.35  ? 8   DT  D H73    1 
ATOM   1075 H  H6     . DT  D 4 7  ? 5.626   3.967   -5.565  1.00 62.35  ? 8   DT  D H6     1 
ATOM   1076 P  P      . DC  D 4 8  ? 2.106   4.678   -0.711  1.00 66.10  ? 9   DC  D P      1 
ATOM   1077 O  OP1    . DC  D 4 8  ? 0.772   4.468   -0.099  1.00 44.61  ? 9   DC  D OP1    1 
ATOM   1078 O  OP2    . DC  D 4 8  ? 2.719   6.024   -0.687  1.00 69.19  ? 9   DC  D OP2    1 
ATOM   1079 O  "O5'"  . DC  D 4 8  ? 3.135   3.645   -0.050  1.00 42.17  ? 9   DC  D "O5'"  1 
ATOM   1080 C  "C5'"  . DC  D 4 8  ? 2.774   2.279   0.052   1.00 68.65  ? 9   DC  D "C5'"  1 
ATOM   1081 C  "C4'"  . DC  D 4 8  ? 3.965   1.409   0.414   1.00 66.64  ? 9   DC  D "C4'"  1 
ATOM   1082 O  "O4'"  . DC  D 4 8  ? 4.946   1.430   -0.659  1.00 65.27  ? 9   DC  D "O4'"  1 
ATOM   1083 C  "C3'"  . DC  D 4 8  ? 4.726   1.835   1.680   1.00 51.17  ? 9   DC  D "C3'"  1 
ATOM   1084 O  "O3'"  . DC  D 4 8  ? 4.735   0.783   2.627   1.00 52.42  ? 9   DC  D "O3'"  1 
ATOM   1085 C  "C2'"  . DC  D 4 8  ? 6.133   2.153   1.174   1.00 50.26  ? 9   DC  D "C2'"  1 
ATOM   1086 C  "C1'"  . DC  D 4 8  ? 6.214   1.300   -0.073  1.00 53.18  ? 9   DC  D "C1'"  1 
ATOM   1087 N  N1     . DC  D 4 8  ? 7.273   1.713   -1.046  1.00 51.47  ? 9   DC  D N1     1 
ATOM   1088 C  C2     . DC  D 4 8  ? 8.319   0.827   -1.342  1.00 50.65  ? 9   DC  D C2     1 
ATOM   1089 O  O2     . DC  D 4 8  ? 8.343   -0.281  -0.798  1.00 39.87  ? 9   DC  D O2     1 
ATOM   1090 N  N3     . DC  D 4 8  ? 9.274   1.212   -2.222  1.00 53.00  ? 9   DC  D N3     1 
ATOM   1091 C  C4     . DC  D 4 8  ? 9.214   2.414   -2.790  1.00 51.73  ? 9   DC  D C4     1 
ATOM   1092 N  N4     . DC  D 4 8  ? 10.181  2.745   -3.653  1.00 51.97  ? 9   DC  D N4     1 
ATOM   1093 C  C5     . DC  D 4 8  ? 8.160   3.331   -2.501  1.00 49.95  ? 9   DC  D C5     1 
ATOM   1094 C  C6     . DC  D 4 8  ? 7.220   2.942   -1.630  1.00 48.55  ? 9   DC  D C6     1 
ATOM   1095 H  "H5'"  . DC  D 4 8  ? 2.413   1.983   -0.799  1.00 82.38  ? 9   DC  D "H5'"  1 
ATOM   1096 H  "H5''" . DC  D 4 8  ? 2.092   2.182   0.735   1.00 82.38  ? 9   DC  D "H5''" 1 
ATOM   1097 H  "H4'"  . DC  D 4 8  ? 3.656   0.497   0.532   1.00 79.96  ? 9   DC  D "H4'"  1 
ATOM   1098 H  "H3'"  . DC  D 4 8  ? 4.320   2.628   2.061   1.00 61.40  ? 9   DC  D "H3'"  1 
ATOM   1099 H  "H2'"  . DC  D 4 8  ? 6.217   3.094   0.955   1.00 60.31  ? 9   DC  D "H2'"  1 
ATOM   1100 H  "H2''" . DC  D 4 8  ? 6.802   1.883   1.822   1.00 60.31  ? 9   DC  D "H2''" 1 
ATOM   1101 H  "H1'"  . DC  D 4 8  ? 6.356   0.375   0.181   1.00 63.82  ? 9   DC  D "H1'"  1 
ATOM   1102 H  H41    . DC  D 4 8  ? 10.170  3.513   -4.039  1.00 62.36  ? 9   DC  D H41    1 
ATOM   1103 H  H42    . DC  D 4 8  ? 10.816  2.188   -3.821  1.00 62.36  ? 9   DC  D H42    1 
ATOM   1104 H  H5     . DC  D 4 8  ? 8.126   4.169   -2.902  1.00 59.94  ? 9   DC  D H5     1 
ATOM   1105 H  H6     . DC  D 4 8  ? 6.521   3.519   -1.421  1.00 58.26  ? 9   DC  D H6     1 
ATOM   1106 P  P      . DG  D 4 9  ? 3.417   0.455   3.481   1.00 74.62  ? 10  DG  D P      1 
ATOM   1107 O  OP1    . DG  D 4 9  ? 3.653   -0.816  4.201   1.00 73.97  ? 10  DG  D OP1    1 
ATOM   1108 O  OP2    . DG  D 4 9  ? 2.240   0.605   2.593   1.00 68.68  ? 10  DG  D OP2    1 
ATOM   1109 O  "O5'"  . DG  D 4 9  ? 3.368   1.630   4.549   1.00 61.40  ? 10  DG  D "O5'"  1 
ATOM   1110 C  "C5'"  . DG  D 4 9  ? 4.524   1.934   5.298   1.00 64.80  ? 10  DG  D "C5'"  1 
ATOM   1111 C  "C4'"  . DG  D 4 9  ? 4.163   2.734   6.527   1.00 69.78  ? 10  DG  D "C4'"  1 
ATOM   1112 O  "O4'"  . DG  D 4 9  ? 3.754   4.068   6.135   1.00 69.24  ? 10  DG  D "O4'"  1 
ATOM   1113 C  "C3'"  . DG  D 4 9  ? 2.995   2.181   7.314   1.00 72.86  ? 10  DG  D "C3'"  1 
ATOM   1114 O  "O3'"  . DG  D 4 9  ? 3.434   1.200   8.232   1.00 71.88  ? 10  DG  D "O3'"  1 
ATOM   1115 C  "C2'"  . DG  D 4 9  ? 2.436   3.423   7.991   1.00 76.24  ? 10  DG  D "C2'"  1 
ATOM   1116 C  "C1'"  . DG  D 4 9  ? 2.689   4.512   6.953   1.00 64.47  ? 10  DG  D "C1'"  1 
ATOM   1117 N  N9     . DG  D 4 9  ? 1.534   4.791   6.103   1.00 59.84  ? 10  DG  D N9     1 
ATOM   1118 C  C8     . DG  D 4 9  ? 1.408   4.541   4.755   1.00 55.40  ? 10  DG  D C8     1 
ATOM   1119 N  N7     . DG  D 4 9  ? 0.255   4.905   4.268   1.00 54.42  ? 10  DG  D N7     1 
ATOM   1120 C  C5     . DG  D 4 9  ? -0.425  5.428   5.361   1.00 57.93  ? 10  DG  D C5     1 
ATOM   1121 C  C6     . DG  D 4 9  ? -1.724  5.981   5.450   1.00 58.82  ? 10  DG  D C6     1 
ATOM   1122 O  O6     . DG  D 4 9  ? -2.562  6.123   4.549   1.00 50.97  ? 10  DG  D O6     1 
ATOM   1123 N  N1     . DG  D 4 9  ? -2.019  6.392   6.751   1.00 63.08  ? 10  DG  D N1     1 
ATOM   1124 C  C2     . DG  D 4 9  ? -1.163  6.281   7.824   1.00 67.43  ? 10  DG  D C2     1 
ATOM   1125 N  N2     . DG  D 4 9  ? -1.615  6.728   9.005   1.00 74.21  ? 10  DG  D N2     1 
ATOM   1126 N  N3     . DG  D 4 9  ? 0.052   5.766   7.750   1.00 61.48  ? 10  DG  D N3     1 
ATOM   1127 C  C4     . DG  D 4 9  ? 0.352   5.363   6.494   1.00 58.92  ? 10  DG  D C4     1 
ATOM   1128 H  "H5'"  . DG  D 4 9  ? 5.136   2.450   4.749   1.00 77.76  ? 10  DG  D "H5'"  1 
ATOM   1129 H  "H5''" . DG  D 4 9  ? 4.956   1.110   5.570   1.00 77.76  ? 10  DG  D "H5''" 1 
ATOM   1130 H  "H4'"  . DG  D 4 9  ? 4.938   2.797   7.107   1.00 83.73  ? 10  DG  D "H4'"  1 
ATOM   1131 H  "H3'"  . DG  D 4 9  ? 2.335   1.805   6.712   1.00 87.43  ? 10  DG  D "H3'"  1 
ATOM   1132 H  "H2'"  . DG  D 4 9  ? 1.485   3.324   8.160   1.00 91.49  ? 10  DG  D "H2'"  1 
ATOM   1133 H  "H2''" . DG  D 4 9  ? 2.916   3.614   8.812   1.00 91.49  ? 10  DG  D "H2''" 1 
ATOM   1134 H  "H1'"  . DG  D 4 9  ? 2.954   5.327   7.406   1.00 77.36  ? 10  DG  D "H1'"  1 
ATOM   1135 H  H8     . DG  D 4 9  ? 2.080   4.152   4.243   1.00 66.48  ? 10  DG  D H8     1 
ATOM   1136 H  H1     . DG  D 4 9  ? -2.793  6.741   6.893   1.00 75.70  ? 10  DG  D H1     1 
ATOM   1137 H  H21    . DG  D 4 9  ? -1.117  6.676   9.704   1.00 89.05  ? 10  DG  D H21    1 
ATOM   1138 H  H22    . DG  D 4 9  ? -2.404  7.067   9.062   1.00 89.05  ? 10  DG  D H22    1 
ATOM   1139 P  P      . DG  D 4 10 ? 2.688   -0.217  8.302   1.00 91.51  ? 11  DG  D P      1 
ATOM   1140 O  OP1    . DG  D 4 10 ? 3.592   -1.168  8.991   1.00 83.38  ? 11  DG  D OP1    1 
ATOM   1141 O  OP2    . DG  D 4 10 ? 2.178   -0.524  6.947   1.00 77.05  ? 11  DG  D OP2    1 
ATOM   1142 O  "O5'"  . DG  D 4 10 ? 1.429   0.080   9.236   1.00 94.45  ? 11  DG  D "O5'"  1 
ATOM   1143 C  "C5'"  . DG  D 4 10 ? 1.625   0.737   10.475  1.00 87.42  ? 11  DG  D "C5'"  1 
ATOM   1144 C  "C4'"  . DG  D 4 10 ? 0.448   1.630   10.813  1.00 85.00  ? 11  DG  D "C4'"  1 
ATOM   1145 O  "O4'"  . DG  D 4 10 ? 0.078   2.414   9.665   1.00 76.63  ? 11  DG  D "O4'"  1 
ATOM   1146 C  "C3'"  . DG  D 4 10 ? -0.828  0.906   11.174  1.00 93.64  ? 11  DG  D "C3'"  1 
ATOM   1147 O  "O3'"  . DG  D 4 10 ? -0.819  0.518   12.531  1.00 115.73 ? 11  DG  D "O3'"  1 
ATOM   1148 C  "C2'"  . DG  D 4 10 ? -1.908  1.943   10.868  1.00 82.67  ? 11  DG  D "C2'"  1 
ATOM   1149 C  "C1'"  . DG  D 4 10 ? -1.244  2.876   9.851   1.00 74.62  ? 11  DG  D "C1'"  1 
ATOM   1150 N  N9     . DG  D 4 10 ? -1.920  2.903   8.565   1.00 58.79  ? 11  DG  D N9     1 
ATOM   1151 C  C8     . DG  D 4 10 ? -1.457  2.406   7.372   1.00 58.38  ? 11  DG  D C8     1 
ATOM   1152 N  N7     . DG  D 4 10 ? -2.291  2.575   6.383   1.00 60.31  ? 11  DG  D N7     1 
ATOM   1153 C  C5     . DG  D 4 10 ? -3.376  3.225   6.961   1.00 65.59  ? 11  DG  D C5     1 
ATOM   1154 C  C6     . DG  D 4 10 ? -4.590  3.670   6.385   1.00 72.88  ? 11  DG  D C6     1 
ATOM   1155 O  O6     . DG  D 4 10 ? -4.962  3.574   5.207   1.00 76.12  ? 11  DG  D O6     1 
ATOM   1156 N  N1     . DG  D 4 10 ? -5.415  4.279   7.328   1.00 76.02  ? 11  DG  D N1     1 
ATOM   1157 C  C2     . DG  D 4 10 ? -5.102  4.438   8.659   1.00 79.66  ? 11  DG  D C2     1 
ATOM   1158 N  N2     . DG  D 4 10 ? -6.021  5.051   9.418   1.00 87.77  ? 11  DG  D N2     1 
ATOM   1159 N  N3     . DG  D 4 10 ? -3.969  4.025   9.209   1.00 67.04  ? 11  DG  D N3     1 
ATOM   1160 C  C4     . DG  D 4 10 ? -3.158  3.431   8.305   1.00 63.31  ? 11  DG  D C4     1 
ATOM   1161 H  "H5'"  . DG  D 4 10 ? 2.430   1.276   10.425  1.00 104.90 ? 11  DG  D "H5'"  1 
ATOM   1162 H  "H5''" . DG  D 4 10 ? 1.730   0.072   11.173  1.00 104.90 ? 11  DG  D "H5''" 1 
ATOM   1163 H  "H4'"  . DG  D 4 10 ? 0.695   2.223   11.538  1.00 102.00 ? 11  DG  D "H4'"  1 
ATOM   1164 H  "H3'"  . DG  D 4 10 ? -0.942  0.129   10.604  1.00 112.37 ? 11  DG  D "H3'"  1 
ATOM   1165 H  "H2'"  . DG  D 4 10 ? -2.688  1.518   10.482  1.00 99.20  ? 11  DG  D "H2'"  1 
ATOM   1166 H  "H2''" . DG  D 4 10 ? -2.147  2.432   11.672  1.00 99.20  ? 11  DG  D "H2''" 1 
ATOM   1167 H  "H1'"  . DG  D 4 10 ? -1.217  3.775   10.214  1.00 89.54  ? 11  DG  D "H1'"  1 
ATOM   1168 H  H8     . DG  D 4 10 ? -0.632  1.989   7.278   1.00 70.05  ? 11  DG  D H8     1 
ATOM   1169 H  H1     . DG  D 4 10 ? -6.174  4.579   7.059   1.00 91.22  ? 11  DG  D H1     1 
ATOM   1170 H  H21    . DG  D 4 10 ? -5.873  5.174   10.257  1.00 105.32 ? 11  DG  D H21    1 
ATOM   1171 H  H22    . DG  D 4 10 ? -6.758  5.321   9.068   1.00 105.32 ? 11  DG  D H22    1 
ATOM   1172 P  P      . DT  D 4 11 ? -1.752  -0.694  13.012  1.00 120.15 ? 12  DT  D P      1 
ATOM   1173 O  OP1    . DT  D 4 11 ? -0.876  -1.730  13.607  1.00 117.99 ? 12  DT  D OP1    1 
ATOM   1174 O  OP2    . DT  D 4 11 ? -2.641  -1.024  11.874  1.00 102.78 ? 12  DT  D OP2    1 
ATOM   1175 O  "O5'"  . DT  D 4 11 ? -2.660  -0.048  14.155  1.00 117.14 ? 12  DT  D "O5'"  1 
ATOM   1176 C  "C5'"  . DT  D 4 11 ? -4.012  -0.450  14.290  1.00 111.30 ? 12  DT  D "C5'"  1 
ATOM   1177 C  "C4'"  . DT  D 4 11 ? -4.954  0.639   13.811  1.00 90.02  ? 12  DT  D "C4'"  1 
ATOM   1178 O  "O4'"  . DT  D 4 11 ? -4.739  0.894   12.412  1.00 74.74  ? 12  DT  D "O4'"  1 
ATOM   1179 C  "C3'"  . DT  D 4 11 ? -6.429  0.293   13.913  1.00 104.05 ? 12  DT  D "C3'"  1 
ATOM   1180 O  "O3'"  . DT  D 4 11 ? -6.948  0.673   15.179  1.00 116.53 ? 12  DT  D "O3'"  1 
ATOM   1181 C  "C2'"  . DT  D 4 11 ? -7.072  1.073   12.759  1.00 91.79  ? 12  DT  D "C2'"  1 
ATOM   1182 C  "C1'"  . DT  D 4 11 ? -5.886  1.535   11.904  1.00 89.68  ? 12  DT  D "C1'"  1 
ATOM   1183 N  N1     . DT  D 4 11 ? -6.027  1.208   10.460  1.00 89.69  ? 12  DT  D N1     1 
ATOM   1184 C  C2     . DT  D 4 11 ? -7.137  1.651   9.780   1.00 99.08  ? 12  DT  D C2     1 
ATOM   1185 O  O2     . DT  D 4 11 ? -8.029  2.292   10.307  1.00 109.15 ? 12  DT  D O2     1 
ATOM   1186 N  N3     . DT  D 4 11 ? -7.173  1.308   8.455   1.00 98.67  ? 12  DT  D N3     1 
ATOM   1187 C  C4     . DT  D 4 11 ? -6.226  0.586   7.754   1.00 93.18  ? 12  DT  D C4     1 
ATOM   1188 O  O4     . DT  D 4 11 ? -6.349  0.328   6.559   1.00 95.55  ? 12  DT  D O4     1 
ATOM   1189 C  C5     . DT  D 4 11 ? -5.082  0.154   8.526   1.00 89.60  ? 12  DT  D C5     1 
ATOM   1190 C  C7     . DT  D 4 11 ? -3.985  -0.635  7.875   1.00 95.77  ? 12  DT  D C7     1 
ATOM   1191 C  C6     . DT  D 4 11 ? -5.038  0.483   9.827   1.00 87.86  ? 12  DT  D C6     1 
ATOM   1192 H  "H5'"  . DT  D 4 11 ? -4.196  -0.642  15.223  1.00 133.55 ? 12  DT  D "H5'"  1 
ATOM   1193 H  "H5''" . DT  D 4 11 ? -4.160  -1.252  13.765  1.00 133.55 ? 12  DT  D "H5''" 1 
ATOM   1194 H  "H4'"  . DT  D 4 11 ? -4.782  1.451   14.313  1.00 108.02 ? 12  DT  D "H4'"  1 
ATOM   1195 H  "H3'"  . DT  D 4 11 ? -6.554  -0.659  13.777  1.00 124.86 ? 12  DT  D "H3'"  1 
ATOM   1196 H  "H2'"  . DT  D 4 11 ? -7.656  0.495   12.244  1.00 110.15 ? 12  DT  D "H2'"  1 
ATOM   1197 H  "H2''" . DT  D 4 11 ? -7.562  1.837   13.099  1.00 110.15 ? 12  DT  D "H2''" 1 
ATOM   1198 H  "H1'"  . DT  D 4 11 ? -5.782  2.494   12.002  1.00 107.62 ? 12  DT  D "H1'"  1 
ATOM   1199 H  H3     . DT  D 4 11 ? -7.861  1.571   8.011   1.00 118.40 ? 12  DT  D H3     1 
ATOM   1200 H  H71    . DT  D 4 11 ? -3.148  -0.151  7.951   1.00 114.92 ? 12  DT  D H71    1 
ATOM   1201 H  H72    . DT  D 4 11 ? -3.902  -1.496  8.315   1.00 114.92 ? 12  DT  D H72    1 
ATOM   1202 H  H73    . DT  D 4 11 ? -4.197  -0.770  6.938   1.00 114.92 ? 12  DT  D H73    1 
ATOM   1203 H  H6     . DT  D 4 11 ? -4.302  0.211   10.327  1.00 105.43 ? 12  DT  D H6     1 
ATOM   1204 P  P      . DC  D 4 12 ? -8.128  -0.183  15.853  1.00 138.09 ? 13  DC  D P      1 
ATOM   1205 O  OP1    . DC  D 4 12 ? -8.550  0.529   17.079  1.00 131.18 ? 13  DC  D OP1    1 
ATOM   1206 O  OP2    . DC  D 4 12 ? -7.675  -1.589  15.944  1.00 116.07 ? 13  DC  D OP2    1 
ATOM   1207 O  "O5'"  . DC  D 4 12 ? -9.305  -0.113  14.773  1.00 98.82  ? 13  DC  D "O5'"  1 
ATOM   1208 C  "C5'"  . DC  D 4 12 ? -10.657 -0.163  15.192  1.00 101.47 ? 13  DC  D "C5'"  1 
ATOM   1209 C  "C4'"  . DC  D 4 12 ? -11.560 0.449   14.143  1.00 109.55 ? 13  DC  D "C4'"  1 
ATOM   1210 O  "O4'"  . DC  D 4 12 ? -10.799 0.672   12.944  1.00 106.45 ? 13  DC  D "O4'"  1 
ATOM   1211 C  "C3'"  . DC  D 4 12 ? -12.737 -0.421  13.721  1.00 138.08 ? 13  DC  D "C3'"  1 
ATOM   1212 O  "O3'"  . DC  D 4 12 ? -13.908 -0.069  14.457  1.00 155.10 ? 13  DC  D "O3'"  1 
ATOM   1213 C  "C2'"  . DC  D 4 12 ? -12.892 -0.158  12.216  1.00 132.56 ? 13  DC  D "C2'"  1 
ATOM   1214 C  "C1'"  . DC  D 4 12 ? -11.667 0.673   11.835  1.00 122.40 ? 13  DC  D "C1'"  1 
ATOM   1215 N  N1     . DC  D 4 12 ? -10.915 0.153   10.655  1.00 120.25 ? 13  DC  D N1     1 
ATOM   1216 C  C2     . DC  D 4 12 ? -11.398 0.386   9.361   1.00 112.02 ? 13  DC  D C2     1 
ATOM   1217 O  O2     . DC  D 4 12 ? -12.457 1.006   9.216   1.00 111.06 ? 13  DC  D O2     1 
ATOM   1218 N  N3     . DC  D 4 12 ? -10.690 -0.082  8.302   1.00 108.34 ? 13  DC  D N3     1 
ATOM   1219 C  C4     . DC  D 4 12 ? -9.551  -0.749  8.504   1.00 115.38 ? 13  DC  D C4     1 
ATOM   1220 N  N4     . DC  D 4 12 ? -8.885  -1.192  7.433   1.00 117.24 ? 13  DC  D N4     1 
ATOM   1221 C  C5     . DC  D 4 12 ? -9.042  -0.990  9.814   1.00 116.01 ? 13  DC  D C5     1 
ATOM   1222 C  C6     . DC  D 4 12 ? -9.748  -0.525  10.848  1.00 115.53 ? 13  DC  D C6     1 
ATOM   1223 H  "H5'"  . DC  D 4 12 ? -10.753 0.328   16.023  1.00 121.76 ? 13  DC  D "H5'"  1 
ATOM   1224 H  "H5''" . DC  D 4 12 ? -10.913 -1.087  15.336  1.00 121.76 ? 13  DC  D "H5''" 1 
ATOM   1225 H  "H4'"  . DC  D 4 12 ? -11.894 1.299   14.470  1.00 131.46 ? 13  DC  D "H4'"  1 
ATOM   1226 H  "H3'"  . DC  D 4 12 ? -12.523 -1.356  13.871  1.00 165.69 ? 13  DC  D "H3'"  1 
ATOM   1227 H  "H2'"  . DC  D 4 12 ? -12.897 -0.995  11.725  1.00 159.07 ? 13  DC  D "H2'"  1 
ATOM   1228 H  "H2''" . DC  D 4 12 ? -13.705 0.340   12.041  1.00 159.07 ? 13  DC  D "H2''" 1 
ATOM   1229 H  "H1'"  . DC  D 4 12 ? -11.948 1.584   11.654  1.00 146.88 ? 13  DC  D "H1'"  1 
ATOM   1230 H  H41    . DC  D 4 12 ? -8.150  -1.627  7.533   1.00 140.69 ? 13  DC  D H41    1 
ATOM   1231 H  H42    . DC  D 4 12 ? -9.192  -1.042  6.644   1.00 140.69 ? 13  DC  D H42    1 
ATOM   1232 H  H5     . DC  D 4 12 ? -8.247  -1.455  9.944   1.00 139.22 ? 13  DC  D H5     1 
ATOM   1233 H  H6     . DC  D 4 12 ? -9.439  -0.667  11.715  1.00 138.64 ? 13  DC  D H6     1 
ATOM   1234 P  P      . DT  D 4 13 ? -15.091 -1.139  14.658  1.00 172.25 ? 14  DT  D P      1 
ATOM   1235 O  OP1    . DT  D 4 13 ? -16.065 -0.560  15.610  1.00 166.42 ? 14  DT  D OP1    1 
ATOM   1236 O  OP2    . DT  D 4 13 ? -14.475 -2.453  14.944  1.00 169.64 ? 14  DT  D OP2    1 
ATOM   1237 O  "O5'"  . DT  D 4 13 ? -15.774 -1.224  13.217  1.00 145.84 ? 14  DT  D "O5'"  1 
ATOM   1238 C  "C5'"  . DT  D 4 13 ? -16.376 -0.071  12.650  1.00 142.92 ? 14  DT  D "C5'"  1 
ATOM   1239 C  "C4'"  . DT  D 4 13 ? -16.841 -0.350  11.235  1.00 145.58 ? 14  DT  D "C4'"  1 
ATOM   1240 O  "O4'"  . DT  D 4 13 ? -15.691 -0.522  10.364  1.00 140.16 ? 14  DT  D "O4'"  1 
ATOM   1241 C  "C3'"  . DT  D 4 13 ? -17.679 -1.626  11.081  1.00 152.95 ? 14  DT  D "C3'"  1 
ATOM   1242 O  "O3'"  . DT  D 4 13 ? -19.007 -1.310  10.678  1.00 165.20 ? 14  DT  D "O3'"  1 
ATOM   1243 C  "C2'"  . DT  D 4 13 ? -16.931 -2.451  10.029  1.00 148.62 ? 14  DT  D "C2'"  1 
ATOM   1244 C  "C1'"  . DT  D 4 13 ? -16.050 -1.421  9.347   1.00 143.59 ? 14  DT  D "C1'"  1 
ATOM   1245 N  N1     . DT  D 4 13 ? -14.825 -2.002  8.724   1.00 139.79 ? 14  DT  D N1     1 
ATOM   1246 C  C2     . DT  D 4 13 ? -14.705 -2.005  7.352   1.00 135.43 ? 14  DT  D C2     1 
ATOM   1247 O  O2     . DT  D 4 13 ? -15.545 -1.532  6.604   1.00 126.92 ? 14  DT  D O2     1 
ATOM   1248 N  N3     . DT  D 4 13 ? -13.553 -2.575  6.880   1.00 132.73 ? 14  DT  D N3     1 
ATOM   1249 C  C4     . DT  D 4 13 ? -12.534 -3.139  7.625   1.00 121.37 ? 14  DT  D C4     1 
ATOM   1250 O  O4     . DT  D 4 13 ? -11.535 -3.628  7.108   1.00 113.40 ? 14  DT  D O4     1 
ATOM   1251 C  C5     . DT  D 4 13 ? -12.730 -3.112  9.056   1.00 118.54 ? 14  DT  D C5     1 
ATOM   1252 C  C7     . DT  D 4 13 ? -11.693 -3.694  9.967   1.00 120.14 ? 14  DT  D C7     1 
ATOM   1253 C  C6     . DT  D 4 13 ? -13.854 -2.555  9.531   1.00 124.83 ? 14  DT  D C6     1 
ATOM   1254 H  "H5'"  . DT  D 4 13 ? -15.730 0.653   12.637  1.00 171.51 ? 14  DT  D "H5'"  1 
ATOM   1255 H  "H5''" . DT  D 4 13 ? -17.138 0.190   13.190  1.00 171.51 ? 14  DT  D "H5''" 1 
ATOM   1256 H  "H4'"  . DT  D 4 13 ? -17.360 0.407   10.921  1.00 174.69 ? 14  DT  D "H4'"  1 
ATOM   1257 H  "H3'"  . DT  D 4 13 ? -17.698 -2.108  11.922  1.00 183.55 ? 14  DT  D "H3'"  1 
ATOM   1258 H  "H2'"  . DT  D 4 13 ? -16.391 -3.137  10.451  1.00 178.34 ? 14  DT  D "H2'"  1 
ATOM   1259 H  "H2''" . DT  D 4 13 ? -17.553 -2.843  9.396   1.00 178.34 ? 14  DT  D "H2''" 1 
ATOM   1260 H  "H1'"  . DT  D 4 13 ? -16.566 -0.952  8.671   1.00 172.31 ? 14  DT  D "H1'"  1 
ATOM   1261 H  H3     . DT  D 4 13 ? -13.451 -2.583  6.026   1.00 159.28 ? 14  DT  D H3     1 
ATOM   1262 H  H71    . DT  D 4 13 ? -11.361 -3.004  10.562  1.00 144.17 ? 14  DT  D H71    1 
ATOM   1263 H  H72    . DT  D 4 13 ? -12.088 -4.410  10.489  1.00 144.17 ? 14  DT  D H72    1 
ATOM   1264 H  H73    . DT  D 4 13 ? -10.960 -4.046  9.439   1.00 144.17 ? 14  DT  D H73    1 
ATOM   1265 H  H6     . DT  D 4 13 ? -13.982 -2.537  10.452  1.00 149.80 ? 14  DT  D H6     1 
ATOM   1266 P  P      . DG  D 4 14 ? -20.108 -2.473  10.542  1.00 178.16 ? 15  DG  D P      1 
ATOM   1267 O  OP1    . DG  D 4 14 ? -21.442 -1.832  10.554  1.00 166.66 ? 15  DG  D OP1    1 
ATOM   1268 O  OP2    . DG  D 4 14 ? -19.778 -3.516  11.541  1.00 152.69 ? 15  DG  D OP2    1 
ATOM   1269 O  "O5'"  . DG  D 4 14 ? -19.865 -3.057  9.072   1.00 159.10 ? 15  DG  D "O5'"  1 
ATOM   1270 C  "C5'"  . DG  D 4 14 ? -19.683 -2.166  7.971   1.00 144.17 ? 15  DG  D "C5'"  1 
ATOM   1271 C  "C4'"  . DG  D 4 14 ? -19.274 -2.924  6.722   1.00 141.27 ? 15  DG  D "C4'"  1 
ATOM   1272 O  "O4'"  . DG  D 4 14 ? -17.858 -3.284  6.804   1.00 139.39 ? 15  DG  D "O4'"  1 
ATOM   1273 C  "C3'"  . DG  D 4 14 ? -20.031 -4.247  6.493   1.00 144.76 ? 15  DG  D "C3'"  1 
ATOM   1274 O  "O3'"  . DG  D 4 14 ? -20.543 -4.330  5.162   1.00 154.23 ? 15  DG  D "O3'"  1 
ATOM   1275 C  "C2'"  . DG  D 4 14 ? -18.967 -5.299  6.759   1.00 141.11 ? 15  DG  D "C2'"  1 
ATOM   1276 C  "C1'"  . DG  D 4 14 ? -17.722 -4.586  6.291   1.00 140.73 ? 15  DG  D "C1'"  1 
ATOM   1277 N  N9     . DG  D 4 14 ? -16.489 -5.220  6.749   1.00 143.25 ? 15  DG  D N9     1 
ATOM   1278 C  C8     . DG  D 4 14 ? -16.118 -5.492  8.045   1.00 132.17 ? 15  DG  D C8     1 
ATOM   1279 N  N7     . DG  D 4 14 ? -14.973 -6.113  8.136   1.00 122.78 ? 15  DG  D N7     1 
ATOM   1280 C  C5     . DG  D 4 14 ? -14.571 -6.280  6.815   1.00 124.97 ? 15  DG  D C5     1 
ATOM   1281 C  C6     . DG  D 4 14 ? -13.408 -6.887  6.282   1.00 118.77 ? 15  DG  D C6     1 
ATOM   1282 O  O6     . DG  D 4 14 ? -12.470 -7.416  6.893   1.00 120.48 ? 15  DG  D O6     1 
ATOM   1283 N  N1     . DG  D 4 14 ? -13.394 -6.841  4.888   1.00 124.78 ? 15  DG  D N1     1 
ATOM   1284 C  C2     . DG  D 4 14 ? -14.380 -6.280  4.109   1.00 127.86 ? 15  DG  D C2     1 
ATOM   1285 N  N2     . DG  D 4 14 ? -14.193 -6.330  2.780   1.00 119.38 ? 15  DG  D N2     1 
ATOM   1286 N  N3     . DG  D 4 14 ? -15.472 -5.709  4.596   1.00 130.95 ? 15  DG  D N3     1 
ATOM   1287 C  C4     . DG  D 4 14 ? -15.499 -5.744  5.953   1.00 135.14 ? 15  DG  D C4     1 
ATOM   1288 H  "H5'"  . DG  D 4 14 ? -18.993 -1.521  8.193   1.00 173.00 ? 15  DG  D "H5'"  1 
ATOM   1289 H  "H5''" . DG  D 4 14 ? -20.515 -1.697  7.801   1.00 173.00 ? 15  DG  D "H5''" 1 
ATOM   1290 H  "H4'"  . DG  D 4 14 ? -19.407 -2.350  5.951   1.00 169.52 ? 15  DG  D "H4'"  1 
ATOM   1291 H  "H3'"  . DG  D 4 14 ? -20.753 -4.333  7.136   1.00 173.71 ? 15  DG  D "H3'"  1 
ATOM   1292 H  "H2'"  . DG  D 4 14 ? -18.914 -5.507  7.705   1.00 169.33 ? 15  DG  D "H2'"  1 
ATOM   1293 H  "H2''" . DG  D 4 14 ? -19.130 -6.097  6.231   1.00 169.33 ? 15  DG  D "H2''" 1 
ATOM   1294 H  "H1'"  . DG  D 4 14 ? -17.721 -4.548  5.322   1.00 168.88 ? 15  DG  D "H1'"  1 
ATOM   1295 H  H8     . DG  D 4 14 ? -16.626 -5.248  8.785   1.00 158.61 ? 15  DG  D H8     1 
ATOM   1296 H  H1     . DG  D 4 14 ? -12.719 -7.189  4.485   1.00 149.74 ? 15  DG  D H1     1 
ATOM   1297 H  H21    . DG  D 4 14 ? -14.782 -5.993  2.251   1.00 143.25 ? 15  DG  D H21    1 
ATOM   1298 H  H22    . DG  D 4 14 ? -13.487 -6.698  2.458   1.00 143.25 ? 15  DG  D H22    1 
ATOM   1299 P  P      . DC  D 4 15 ? -21.480 -5.562  4.717   1.00 154.41 ? 16  DC  D P      1 
ATOM   1300 O  OP1    . DC  D 4 15 ? -22.821 -5.308  5.286   1.00 167.74 ? 16  DC  D OP1    1 
ATOM   1301 O  OP2    . DC  D 4 15 ? -20.797 -6.839  5.016   1.00 132.28 ? 16  DC  D OP2    1 
ATOM   1302 O  "O5'"  . DC  D 4 15 ? -21.557 -5.428  3.122   1.00 149.75 ? 16  DC  D "O5'"  1 
ATOM   1303 C  "C5'"  . DC  D 4 15 ? -21.534 -6.597  2.297   1.00 135.63 ? 16  DC  D "C5'"  1 
ATOM   1304 C  "C4'"  . DC  D 4 15 ? -20.176 -6.777  1.639   1.00 127.70 ? 16  DC  D "C4'"  1 
ATOM   1305 O  "O4'"  . DC  D 4 15 ? -19.151 -6.772  2.650   1.00 122.85 ? 16  DC  D "O4'"  1 
ATOM   1306 C  "C3'"  . DC  D 4 15 ? -19.993 -8.091  0.885   1.00 122.63 ? 16  DC  D "C3'"  1 
ATOM   1307 O  "O3'"  . DC  D 4 15 ? -20.259 -7.914  -0.505  1.00 115.46 ? 16  DC  D "O3'"  1 
ATOM   1308 C  "C2'"  . DC  D 4 15 ? -18.534 -8.491  1.150   1.00 109.26 ? 16  DC  D "C2'"  1 
ATOM   1309 C  "C1'"  . DC  D 4 15 ? -18.030 -7.481  2.182   1.00 113.45 ? 16  DC  D "C1'"  1 
ATOM   1310 N  N1     . DC  D 4 15 ? -17.352 -8.103  3.350   1.00 116.87 ? 16  DC  D N1     1 
ATOM   1311 C  C2     . DC  D 4 15 ? -16.221 -8.903  3.153   1.00 115.10 ? 16  DC  D C2     1 
ATOM   1312 O  O2     . DC  D 4 15 ? -15.803 -9.084  2.003   1.00 109.17 ? 16  DC  D O2     1 
ATOM   1313 N  N3     . DC  D 4 15 ? -15.616 -9.458  4.235   1.00 116.07 ? 16  DC  D N3     1 
ATOM   1314 C  C4     . DC  D 4 15 ? -16.101 -9.236  5.460   1.00 117.19 ? 16  DC  D C4     1 
ATOM   1315 N  N4     . DC  D 4 15 ? -15.474 -9.805  6.497   1.00 110.89 ? 16  DC  D N4     1 
ATOM   1316 C  C5     . DC  D 4 15 ? -17.252 -8.425  5.676   1.00 120.69 ? 16  DC  D C5     1 
ATOM   1317 C  C6     . DC  D 4 15 ? -17.838 -7.883  4.604   1.00 120.80 ? 16  DC  D C6     1 
ATOM   1318 H  "H5'"  . DC  D 4 15 ? -22.213 -6.514  1.609   1.00 162.76 ? 16  DC  D "H5'"  1 
ATOM   1319 H  "H5''" . DC  D 4 15 ? -21.729 -7.375  2.843   1.00 162.76 ? 16  DC  D "H5''" 1 
ATOM   1320 H  "H4'"  . DC  D 4 15 ? -20.020 -6.039  1.028   1.00 153.24 ? 16  DC  D "H4'"  1 
ATOM   1321 H  "H3'"  . DC  D 4 15 ? -20.590 -8.763  1.251   1.00 147.15 ? 16  DC  D "H3'"  1 
ATOM   1322 H  "HO3'" . DC  D 4 15 ? -19.659 -8.073  -1.071  1.00 138.55 ? 16  DC  D "HO3'" 1 
ATOM   1323 H  "H2'"  . DC  D 4 15 ? -18.490 -9.391  1.510   1.00 131.12 ? 16  DC  D "H2'"  1 
ATOM   1324 H  "H2''" . DC  D 4 15 ? -18.013 -8.427  0.333   1.00 131.12 ? 16  DC  D "H2''" 1 
ATOM   1325 H  "H1'"  . DC  D 4 15 ? -17.419 -6.863  1.751   1.00 136.14 ? 16  DC  D "H1'"  1 
ATOM   1326 H  H41    . DC  D 4 15 ? -15.762 -9.676  7.297   1.00 133.07 ? 16  DC  D H41    1 
ATOM   1327 H  H42    . DC  D 4 15 ? -14.784 -10.299 6.363   1.00 133.07 ? 16  DC  D H42    1 
ATOM   1328 H  H5     . DC  D 4 15 ? -17.583 -8.276  6.533   1.00 144.83 ? 16  DC  D H5     1 
ATOM   1329 H  H6     . DC  D 4 15 ? -18.590 -7.347  4.716   1.00 144.96 ? 16  DC  D H6     1 
HETATM 1330 AS AS     . CAC E 5 .  ? 12.975  6.840   -3.463  1.00 186.72 ? 101 CAC B AS     1 
HETATM 1331 AS AS     . CAC F 5 .  ? -1.582  2.187   2.217   1.00 129.68 ? 101 CAC D AS     1 
HETATM 1332 MG MG     . MG  G 6 .  ? 9.358   0.186   -12.063 1.00 73.84  ? 102 MG  D MG     1 
HETATM 1333 MG MG     . MG  H 6 .  ? -4.010  4.526   11.799  1.00 87.40  ? 103 MG  D MG     1 
# 
loop_
_pdbx_poly_seq_scheme.asym_id 
_pdbx_poly_seq_scheme.entity_id 
_pdbx_poly_seq_scheme.seq_id 
_pdbx_poly_seq_scheme.mon_id 
_pdbx_poly_seq_scheme.ndb_seq_num 
_pdbx_poly_seq_scheme.pdb_seq_num 
_pdbx_poly_seq_scheme.auth_seq_num 
_pdbx_poly_seq_scheme.pdb_mon_id 
_pdbx_poly_seq_scheme.auth_mon_id 
_pdbx_poly_seq_scheme.pdb_strand_id 
_pdbx_poly_seq_scheme.pdb_ins_code 
_pdbx_poly_seq_scheme.hetero 
A 1 1  DG 1  1  1  DG DG A . n 
A 1 2  DA 2  2  2  DA DA A . n 
A 1 3  DG 3  3  3  DG DG A . n 
A 1 4  DC 4  4  4  DC DC A . n 
A 1 5  DA 5  5  5  DA DA A . n 
A 1 6  DG 6  6  6  DG DG A . n 
A 1 7  DA 7  7  7  DA DA A . n 
A 1 8  DC 8  8  8  DC DC A . n 
A 1 9  DC 9  9  9  DC DC A . n 
A 1 10 DT 10 10 10 DT DT A . n 
A 1 11 DG 11 11 11 DG DG A . n 
A 1 12 DA 12 12 12 DA DA A . n 
B 2 1  DC 1  12 12 DC DC B . n 
B 2 2  DG 2  13 13 DG DG B . n 
B 2 3  DG 3  14 14 DG DG B . n 
B 2 4  DG 4  15 15 DG DG B . n 
B 2 5  DA 5  16 16 DA DA B . n 
B 2 6  DC 6  17 17 DC DC B . n 
B 2 7  DT 7  18 18 DT DT B . n 
B 2 8  DC 8  19 19 DC DC B . n 
B 2 9  DA 9  20 20 DA DA B . n 
C 3 1  DT 1  0  0  DT DT C . n 
C 3 2  DC 2  1  1  DC DC C . n 
C 3 3  DA 3  2  2  DA DA C . n 
C 3 4  DC 4  3  3  DC DC C . n 
C 3 5  DC 5  4  4  DC DC C . n 
C 3 6  DG 6  5  5  DG DG C . n 
D 4 1  DT 1  2  2  DT DT D . n 
D 4 2  DC 2  3  3  DC DC D . n 
D 4 3  DT 3  4  4  DT DT D . n 
D 4 4  DG 4  5  5  DG DG D . n 
D 4 5  DA 5  6  6  DA DA D . n 
D 4 6  DG 6  7  7  DG DG D . n 
D 4 7  DT 7  8  8  DT DT D . n 
D 4 8  DC 8  9  9  DC DC D . n 
D 4 9  DG 9  10 10 DG DG D . n 
D 4 10 DG 10 11 11 DG DG D . n 
D 4 11 DT 11 12 12 DT DT D . n 
D 4 12 DC 12 13 13 DC DC D . n 
D 4 13 DT 13 14 14 DT DT D . n 
D 4 14 DG 14 15 15 DG DG D . n 
D 4 15 DC 15 16 16 DC DC D . n 
# 
loop_
_pdbx_nonpoly_scheme.asym_id 
_pdbx_nonpoly_scheme.entity_id 
_pdbx_nonpoly_scheme.mon_id 
_pdbx_nonpoly_scheme.ndb_seq_num 
_pdbx_nonpoly_scheme.pdb_seq_num 
_pdbx_nonpoly_scheme.auth_seq_num 
_pdbx_nonpoly_scheme.pdb_mon_id 
_pdbx_nonpoly_scheme.auth_mon_id 
_pdbx_nonpoly_scheme.pdb_strand_id 
_pdbx_nonpoly_scheme.pdb_ins_code 
E 5 CAC 1 101 2 CAC AS B . 
F 5 CAC 1 101 1 CAC AS D . 
G 6 MG  1 102 1 MG  MG D . 
H 6 MG  1 103 2 MG  MG D . 
# 
_pdbx_struct_assembly.id                   1 
_pdbx_struct_assembly.details              author_defined_assembly 
_pdbx_struct_assembly.method_details       ? 
_pdbx_struct_assembly.oligomeric_details   tetrameric 
_pdbx_struct_assembly.oligomeric_count     4 
# 
_pdbx_struct_assembly_gen.assembly_id       1 
_pdbx_struct_assembly_gen.oper_expression   1 
_pdbx_struct_assembly_gen.asym_id_list      A,B,C,D,E,F,G,H 
# 
_pdbx_struct_oper_list.id                   1 
_pdbx_struct_oper_list.type                 'identity operation' 
_pdbx_struct_oper_list.name                 1_555 
_pdbx_struct_oper_list.symmetry_operation   x,y,z 
_pdbx_struct_oper_list.matrix[1][1]         1.0000000000 
_pdbx_struct_oper_list.matrix[1][2]         0.0000000000 
_pdbx_struct_oper_list.matrix[1][3]         0.0000000000 
_pdbx_struct_oper_list.vector[1]            0.0000000000 
_pdbx_struct_oper_list.matrix[2][1]         0.0000000000 
_pdbx_struct_oper_list.matrix[2][2]         1.0000000000 
_pdbx_struct_oper_list.matrix[2][3]         0.0000000000 
_pdbx_struct_oper_list.vector[2]            0.0000000000 
_pdbx_struct_oper_list.matrix[3][1]         0.0000000000 
_pdbx_struct_oper_list.matrix[3][2]         0.0000000000 
_pdbx_struct_oper_list.matrix[3][3]         1.0000000000 
_pdbx_struct_oper_list.vector[3]            0.0000000000 
# 
loop_
_pdbx_audit_revision_history.ordinal 
_pdbx_audit_revision_history.data_content_type 
_pdbx_audit_revision_history.major_revision 
_pdbx_audit_revision_history.minor_revision 
_pdbx_audit_revision_history.revision_date 
1 'Structure model' 1 0 2021-07-14 
2 'Structure model' 1 1 2022-07-06 
3 'Structure model' 1 2 2023-10-18 
# 
_pdbx_audit_revision_details.ordinal             1 
_pdbx_audit_revision_details.revision_ordinal    1 
_pdbx_audit_revision_details.data_content_type   'Structure model' 
_pdbx_audit_revision_details.provider            repository 
_pdbx_audit_revision_details.type                'Initial release' 
_pdbx_audit_revision_details.description         ? 
_pdbx_audit_revision_details.details             ? 
# 
loop_
_pdbx_audit_revision_group.ordinal 
_pdbx_audit_revision_group.revision_ordinal 
_pdbx_audit_revision_group.data_content_type 
_pdbx_audit_revision_group.group 
1 2 'Structure model' 'Database references'    
2 3 'Structure model' 'Data collection'        
3 3 'Structure model' 'Refinement description' 
# 
loop_
_pdbx_audit_revision_category.ordinal 
_pdbx_audit_revision_category.revision_ordinal 
_pdbx_audit_revision_category.data_content_type 
_pdbx_audit_revision_category.category 
1 2 'Structure model' citation                      
2 2 'Structure model' citation_author               
3 2 'Structure model' database_2                    
4 3 'Structure model' chem_comp_atom                
5 3 'Structure model' chem_comp_bond                
6 3 'Structure model' pdbx_initial_refinement_model 
# 
loop_
_pdbx_audit_revision_item.ordinal 
_pdbx_audit_revision_item.revision_ordinal 
_pdbx_audit_revision_item.data_content_type 
_pdbx_audit_revision_item.item 
1  2 'Structure model' '_citation.country'                   
2  2 'Structure model' '_citation.journal_abbrev'            
3  2 'Structure model' '_citation.journal_id_CSD'            
4  2 'Structure model' '_citation.journal_id_ISSN'           
5  2 'Structure model' '_citation.journal_volume'            
6  2 'Structure model' '_citation.page_first'                
7  2 'Structure model' '_citation.page_last'                 
8  2 'Structure model' '_citation.pdbx_database_id_DOI'      
9  2 'Structure model' '_citation.pdbx_database_id_PubMed'   
10 2 'Structure model' '_citation.title'                     
11 2 'Structure model' '_citation.year'                      
12 2 'Structure model' '_database_2.pdbx_DOI'                
13 2 'Structure model' '_database_2.pdbx_database_accession' 
# 
loop_
_software.citation_id 
_software.classification 
_software.compiler_name 
_software.compiler_version 
_software.contact_author 
_software.contact_author_email 
_software.date 
_software.description 
_software.dependencies 
_software.hardware 
_software.language 
_software.location 
_software.mods 
_software.name 
_software.os 
_software.os_version 
_software.type 
_software.version 
_software.pdbx_ordinal 
? refinement        ? ? ? ? ? ? ? ? ? ? ? PHENIX      ? ? ? 1.11.1_2575 1 
? 'data reduction'  ? ? ? ? ? ? ? ? ? ? ? HKL-2000    ? ? ? .           2 
? 'data scaling'    ? ? ? ? ? ? ? ? ? ? ? HKL-2000    ? ? ? .           3 
? 'data extraction' ? ? ? ? ? ? ? ? ? ? ? PDB_EXTRACT ? ? ? 3.25        4 
? phasing           ? ? ? ? ? ? ? ? ? ? ? PHASER      ? ? ? .           5 
# 
_pdbx_entry_details.entry_id                 6XO7 
_pdbx_entry_details.nonpolymer_details       ? 
_pdbx_entry_details.sequence_details         ? 
_pdbx_entry_details.compound_details         ? 
_pdbx_entry_details.source_details           ? 
_pdbx_entry_details.has_ligand_of_interest   N 
# 
loop_
_pdbx_validate_rmsd_angle.id 
_pdbx_validate_rmsd_angle.PDB_model_num 
_pdbx_validate_rmsd_angle.auth_atom_id_1 
_pdbx_validate_rmsd_angle.auth_asym_id_1 
_pdbx_validate_rmsd_angle.auth_comp_id_1 
_pdbx_validate_rmsd_angle.auth_seq_id_1 
_pdbx_validate_rmsd_angle.PDB_ins_code_1 
_pdbx_validate_rmsd_angle.label_alt_id_1 
_pdbx_validate_rmsd_angle.auth_atom_id_2 
_pdbx_validate_rmsd_angle.auth_asym_id_2 
_pdbx_validate_rmsd_angle.auth_comp_id_2 
_pdbx_validate_rmsd_angle.auth_seq_id_2 
_pdbx_validate_rmsd_angle.PDB_ins_code_2 
_pdbx_validate_rmsd_angle.label_alt_id_2 
_pdbx_validate_rmsd_angle.auth_atom_id_3 
_pdbx_validate_rmsd_angle.auth_asym_id_3 
_pdbx_validate_rmsd_angle.auth_comp_id_3 
_pdbx_validate_rmsd_angle.auth_seq_id_3 
_pdbx_validate_rmsd_angle.PDB_ins_code_3 
_pdbx_validate_rmsd_angle.label_alt_id_3 
_pdbx_validate_rmsd_angle.angle_value 
_pdbx_validate_rmsd_angle.angle_target_value 
_pdbx_validate_rmsd_angle.angle_deviation 
_pdbx_validate_rmsd_angle.angle_standard_deviation 
_pdbx_validate_rmsd_angle.linker_flag 
1 1 "O4'" A DC 4  ? ? "C1'" A DC 4  ? ? N1 A DC 4  ? ? 110.38 108.30 2.08 0.30 N 
2 1 "O4'" D DG 15 ? ? "C1'" D DG 15 ? ? N9 D DG 15 ? ? 111.66 108.30 3.36 0.30 N 
# 
loop_
_pdbx_unobs_or_zero_occ_atoms.id 
_pdbx_unobs_or_zero_occ_atoms.PDB_model_num 
_pdbx_unobs_or_zero_occ_atoms.polymer_flag 
_pdbx_unobs_or_zero_occ_atoms.occupancy_flag 
_pdbx_unobs_or_zero_occ_atoms.auth_asym_id 
_pdbx_unobs_or_zero_occ_atoms.auth_comp_id 
_pdbx_unobs_or_zero_occ_atoms.auth_seq_id 
_pdbx_unobs_or_zero_occ_atoms.PDB_ins_code 
_pdbx_unobs_or_zero_occ_atoms.auth_atom_id 
_pdbx_unobs_or_zero_occ_atoms.label_alt_id 
_pdbx_unobs_or_zero_occ_atoms.label_asym_id 
_pdbx_unobs_or_zero_occ_atoms.label_comp_id 
_pdbx_unobs_or_zero_occ_atoms.label_seq_id 
_pdbx_unobs_or_zero_occ_atoms.label_atom_id 
1 1 N 1 B CAC 101 ? O1 ? E CAC 1 O1 
2 1 N 1 B CAC 101 ? O2 ? E CAC 1 O2 
3 1 N 1 B CAC 101 ? C1 ? E CAC 1 C1 
4 1 N 1 B CAC 101 ? C2 ? E CAC 1 C2 
5 1 N 1 D CAC 101 ? O1 ? F CAC 1 O1 
6 1 N 1 D CAC 101 ? O2 ? F CAC 1 O2 
7 1 N 1 D CAC 101 ? C1 ? F CAC 1 C1 
8 1 N 1 D CAC 101 ? C2 ? F CAC 1 C2 
# 
loop_
_chem_comp_atom.comp_id 
_chem_comp_atom.atom_id 
_chem_comp_atom.type_symbol 
_chem_comp_atom.pdbx_aromatic_flag 
_chem_comp_atom.pdbx_stereo_config 
_chem_comp_atom.pdbx_ordinal 
CAC AS     AS N N 1   
CAC O1     O  N N 2   
CAC O2     O  N N 3   
CAC C1     C  N N 4   
CAC C2     C  N N 5   
CAC H11    H  N N 6   
CAC H12    H  N N 7   
CAC H13    H  N N 8   
CAC H21    H  N N 9   
CAC H22    H  N N 10  
CAC H23    H  N N 11  
DA  OP3    O  N N 12  
DA  P      P  N N 13  
DA  OP1    O  N N 14  
DA  OP2    O  N N 15  
DA  "O5'"  O  N N 16  
DA  "C5'"  C  N N 17  
DA  "C4'"  C  N R 18  
DA  "O4'"  O  N N 19  
DA  "C3'"  C  N S 20  
DA  "O3'"  O  N N 21  
DA  "C2'"  C  N N 22  
DA  "C1'"  C  N R 23  
DA  N9     N  Y N 24  
DA  C8     C  Y N 25  
DA  N7     N  Y N 26  
DA  C5     C  Y N 27  
DA  C6     C  Y N 28  
DA  N6     N  N N 29  
DA  N1     N  Y N 30  
DA  C2     C  Y N 31  
DA  N3     N  Y N 32  
DA  C4     C  Y N 33  
DA  HOP3   H  N N 34  
DA  HOP2   H  N N 35  
DA  "H5'"  H  N N 36  
DA  "H5''" H  N N 37  
DA  "H4'"  H  N N 38  
DA  "H3'"  H  N N 39  
DA  "HO3'" H  N N 40  
DA  "H2'"  H  N N 41  
DA  "H2''" H  N N 42  
DA  "H1'"  H  N N 43  
DA  H8     H  N N 44  
DA  H61    H  N N 45  
DA  H62    H  N N 46  
DA  H2     H  N N 47  
DC  OP3    O  N N 48  
DC  P      P  N N 49  
DC  OP1    O  N N 50  
DC  OP2    O  N N 51  
DC  "O5'"  O  N N 52  
DC  "C5'"  C  N N 53  
DC  "C4'"  C  N R 54  
DC  "O4'"  O  N N 55  
DC  "C3'"  C  N S 56  
DC  "O3'"  O  N N 57  
DC  "C2'"  C  N N 58  
DC  "C1'"  C  N R 59  
DC  N1     N  N N 60  
DC  C2     C  N N 61  
DC  O2     O  N N 62  
DC  N3     N  N N 63  
DC  C4     C  N N 64  
DC  N4     N  N N 65  
DC  C5     C  N N 66  
DC  C6     C  N N 67  
DC  HOP3   H  N N 68  
DC  HOP2   H  N N 69  
DC  "H5'"  H  N N 70  
DC  "H5''" H  N N 71  
DC  "H4'"  H  N N 72  
DC  "H3'"  H  N N 73  
DC  "HO3'" H  N N 74  
DC  "H2'"  H  N N 75  
DC  "H2''" H  N N 76  
DC  "H1'"  H  N N 77  
DC  H41    H  N N 78  
DC  H42    H  N N 79  
DC  H5     H  N N 80  
DC  H6     H  N N 81  
DG  OP3    O  N N 82  
DG  P      P  N N 83  
DG  OP1    O  N N 84  
DG  OP2    O  N N 85  
DG  "O5'"  O  N N 86  
DG  "C5'"  C  N N 87  
DG  "C4'"  C  N R 88  
DG  "O4'"  O  N N 89  
DG  "C3'"  C  N S 90  
DG  "O3'"  O  N N 91  
DG  "C2'"  C  N N 92  
DG  "C1'"  C  N R 93  
DG  N9     N  Y N 94  
DG  C8     C  Y N 95  
DG  N7     N  Y N 96  
DG  C5     C  Y N 97  
DG  C6     C  N N 98  
DG  O6     O  N N 99  
DG  N1     N  N N 100 
DG  C2     C  N N 101 
DG  N2     N  N N 102 
DG  N3     N  N N 103 
DG  C4     C  Y N 104 
DG  HOP3   H  N N 105 
DG  HOP2   H  N N 106 
DG  "H5'"  H  N N 107 
DG  "H5''" H  N N 108 
DG  "H4'"  H  N N 109 
DG  "H3'"  H  N N 110 
DG  "HO3'" H  N N 111 
DG  "H2'"  H  N N 112 
DG  "H2''" H  N N 113 
DG  "H1'"  H  N N 114 
DG  H8     H  N N 115 
DG  H1     H  N N 116 
DG  H21    H  N N 117 
DG  H22    H  N N 118 
DT  OP3    O  N N 119 
DT  P      P  N N 120 
DT  OP1    O  N N 121 
DT  OP2    O  N N 122 
DT  "O5'"  O  N N 123 
DT  "C5'"  C  N N 124 
DT  "C4'"  C  N R 125 
DT  "O4'"  O  N N 126 
DT  "C3'"  C  N S 127 
DT  "O3'"  O  N N 128 
DT  "C2'"  C  N N 129 
DT  "C1'"  C  N R 130 
DT  N1     N  N N 131 
DT  C2     C  N N 132 
DT  O2     O  N N 133 
DT  N3     N  N N 134 
DT  C4     C  N N 135 
DT  O4     O  N N 136 
DT  C5     C  N N 137 
DT  C7     C  N N 138 
DT  C6     C  N N 139 
DT  HOP3   H  N N 140 
DT  HOP2   H  N N 141 
DT  "H5'"  H  N N 142 
DT  "H5''" H  N N 143 
DT  "H4'"  H  N N 144 
DT  "H3'"  H  N N 145 
DT  "HO3'" H  N N 146 
DT  "H2'"  H  N N 147 
DT  "H2''" H  N N 148 
DT  "H1'"  H  N N 149 
DT  H3     H  N N 150 
DT  H71    H  N N 151 
DT  H72    H  N N 152 
DT  H73    H  N N 153 
DT  H6     H  N N 154 
MG  MG     MG N N 155 
# 
loop_
_chem_comp_bond.comp_id 
_chem_comp_bond.atom_id_1 
_chem_comp_bond.atom_id_2 
_chem_comp_bond.value_order 
_chem_comp_bond.pdbx_aromatic_flag 
_chem_comp_bond.pdbx_stereo_config 
_chem_comp_bond.pdbx_ordinal 
CAC AS    O1     doub N N 1   
CAC AS    O2     sing N N 2   
CAC AS    C1     sing N N 3   
CAC AS    C2     sing N N 4   
CAC C1    H11    sing N N 5   
CAC C1    H12    sing N N 6   
CAC C1    H13    sing N N 7   
CAC C2    H21    sing N N 8   
CAC C2    H22    sing N N 9   
CAC C2    H23    sing N N 10  
DA  OP3   P      sing N N 11  
DA  OP3   HOP3   sing N N 12  
DA  P     OP1    doub N N 13  
DA  P     OP2    sing N N 14  
DA  P     "O5'"  sing N N 15  
DA  OP2   HOP2   sing N N 16  
DA  "O5'" "C5'"  sing N N 17  
DA  "C5'" "C4'"  sing N N 18  
DA  "C5'" "H5'"  sing N N 19  
DA  "C5'" "H5''" sing N N 20  
DA  "C4'" "O4'"  sing N N 21  
DA  "C4'" "C3'"  sing N N 22  
DA  "C4'" "H4'"  sing N N 23  
DA  "O4'" "C1'"  sing N N 24  
DA  "C3'" "O3'"  sing N N 25  
DA  "C3'" "C2'"  sing N N 26  
DA  "C3'" "H3'"  sing N N 27  
DA  "O3'" "HO3'" sing N N 28  
DA  "C2'" "C1'"  sing N N 29  
DA  "C2'" "H2'"  sing N N 30  
DA  "C2'" "H2''" sing N N 31  
DA  "C1'" N9     sing N N 32  
DA  "C1'" "H1'"  sing N N 33  
DA  N9    C8     sing Y N 34  
DA  N9    C4     sing Y N 35  
DA  C8    N7     doub Y N 36  
DA  C8    H8     sing N N 37  
DA  N7    C5     sing Y N 38  
DA  C5    C6     sing Y N 39  
DA  C5    C4     doub Y N 40  
DA  C6    N6     sing N N 41  
DA  C6    N1     doub Y N 42  
DA  N6    H61    sing N N 43  
DA  N6    H62    sing N N 44  
DA  N1    C2     sing Y N 45  
DA  C2    N3     doub Y N 46  
DA  C2    H2     sing N N 47  
DA  N3    C4     sing Y N 48  
DC  OP3   P      sing N N 49  
DC  OP3   HOP3   sing N N 50  
DC  P     OP1    doub N N 51  
DC  P     OP2    sing N N 52  
DC  P     "O5'"  sing N N 53  
DC  OP2   HOP2   sing N N 54  
DC  "O5'" "C5'"  sing N N 55  
DC  "C5'" "C4'"  sing N N 56  
DC  "C5'" "H5'"  sing N N 57  
DC  "C5'" "H5''" sing N N 58  
DC  "C4'" "O4'"  sing N N 59  
DC  "C4'" "C3'"  sing N N 60  
DC  "C4'" "H4'"  sing N N 61  
DC  "O4'" "C1'"  sing N N 62  
DC  "C3'" "O3'"  sing N N 63  
DC  "C3'" "C2'"  sing N N 64  
DC  "C3'" "H3'"  sing N N 65  
DC  "O3'" "HO3'" sing N N 66  
DC  "C2'" "C1'"  sing N N 67  
DC  "C2'" "H2'"  sing N N 68  
DC  "C2'" "H2''" sing N N 69  
DC  "C1'" N1     sing N N 70  
DC  "C1'" "H1'"  sing N N 71  
DC  N1    C2     sing N N 72  
DC  N1    C6     sing N N 73  
DC  C2    O2     doub N N 74  
DC  C2    N3     sing N N 75  
DC  N3    C4     doub N N 76  
DC  C4    N4     sing N N 77  
DC  C4    C5     sing N N 78  
DC  N4    H41    sing N N 79  
DC  N4    H42    sing N N 80  
DC  C5    C6     doub N N 81  
DC  C5    H5     sing N N 82  
DC  C6    H6     sing N N 83  
DG  OP3   P      sing N N 84  
DG  OP3   HOP3   sing N N 85  
DG  P     OP1    doub N N 86  
DG  P     OP2    sing N N 87  
DG  P     "O5'"  sing N N 88  
DG  OP2   HOP2   sing N N 89  
DG  "O5'" "C5'"  sing N N 90  
DG  "C5'" "C4'"  sing N N 91  
DG  "C5'" "H5'"  sing N N 92  
DG  "C5'" "H5''" sing N N 93  
DG  "C4'" "O4'"  sing N N 94  
DG  "C4'" "C3'"  sing N N 95  
DG  "C4'" "H4'"  sing N N 96  
DG  "O4'" "C1'"  sing N N 97  
DG  "C3'" "O3'"  sing N N 98  
DG  "C3'" "C2'"  sing N N 99  
DG  "C3'" "H3'"  sing N N 100 
DG  "O3'" "HO3'" sing N N 101 
DG  "C2'" "C1'"  sing N N 102 
DG  "C2'" "H2'"  sing N N 103 
DG  "C2'" "H2''" sing N N 104 
DG  "C1'" N9     sing N N 105 
DG  "C1'" "H1'"  sing N N 106 
DG  N9    C8     sing Y N 107 
DG  N9    C4     sing Y N 108 
DG  C8    N7     doub Y N 109 
DG  C8    H8     sing N N 110 
DG  N7    C5     sing Y N 111 
DG  C5    C6     sing N N 112 
DG  C5    C4     doub Y N 113 
DG  C6    O6     doub N N 114 
DG  C6    N1     sing N N 115 
DG  N1    C2     sing N N 116 
DG  N1    H1     sing N N 117 
DG  C2    N2     sing N N 118 
DG  C2    N3     doub N N 119 
DG  N2    H21    sing N N 120 
DG  N2    H22    sing N N 121 
DG  N3    C4     sing N N 122 
DT  OP3   P      sing N N 123 
DT  OP3   HOP3   sing N N 124 
DT  P     OP1    doub N N 125 
DT  P     OP2    sing N N 126 
DT  P     "O5'"  sing N N 127 
DT  OP2   HOP2   sing N N 128 
DT  "O5'" "C5'"  sing N N 129 
DT  "C5'" "C4'"  sing N N 130 
DT  "C5'" "H5'"  sing N N 131 
DT  "C5'" "H5''" sing N N 132 
DT  "C4'" "O4'"  sing N N 133 
DT  "C4'" "C3'"  sing N N 134 
DT  "C4'" "H4'"  sing N N 135 
DT  "O4'" "C1'"  sing N N 136 
DT  "C3'" "O3'"  sing N N 137 
DT  "C3'" "C2'"  sing N N 138 
DT  "C3'" "H3'"  sing N N 139 
DT  "O3'" "HO3'" sing N N 140 
DT  "C2'" "C1'"  sing N N 141 
DT  "C2'" "H2'"  sing N N 142 
DT  "C2'" "H2''" sing N N 143 
DT  "C1'" N1     sing N N 144 
DT  "C1'" "H1'"  sing N N 145 
DT  N1    C2     sing N N 146 
DT  N1    C6     sing N N 147 
DT  C2    O2     doub N N 148 
DT  C2    N3     sing N N 149 
DT  N3    C4     sing N N 150 
DT  N3    H3     sing N N 151 
DT  C4    O4     doub N N 152 
DT  C4    C5     sing N N 153 
DT  C5    C7     sing N N 154 
DT  C5    C6     doub N N 155 
DT  C7    H71    sing N N 156 
DT  C7    H72    sing N N 157 
DT  C7    H73    sing N N 158 
DT  C6    H6     sing N N 159 
# 
loop_
_ndb_struct_conf_na.entry_id 
_ndb_struct_conf_na.feature 
6XO7 'double helix'        
6XO7 'b-form double helix' 
# 
loop_
_ndb_struct_na_base_pair.model_number 
_ndb_struct_na_base_pair.i_label_asym_id 
_ndb_struct_na_base_pair.i_label_comp_id 
_ndb_struct_na_base_pair.i_label_seq_id 
_ndb_struct_na_base_pair.i_symmetry 
_ndb_struct_na_base_pair.j_label_asym_id 
_ndb_struct_na_base_pair.j_label_comp_id 
_ndb_struct_na_base_pair.j_label_seq_id 
_ndb_struct_na_base_pair.j_symmetry 
_ndb_struct_na_base_pair.shear 
_ndb_struct_na_base_pair.stretch 
_ndb_struct_na_base_pair.stagger 
_ndb_struct_na_base_pair.buckle 
_ndb_struct_na_base_pair.propeller 
_ndb_struct_na_base_pair.opening 
_ndb_struct_na_base_pair.pair_number 
_ndb_struct_na_base_pair.pair_name 
_ndb_struct_na_base_pair.i_auth_asym_id 
_ndb_struct_na_base_pair.i_auth_seq_id 
_ndb_struct_na_base_pair.i_PDB_ins_code 
_ndb_struct_na_base_pair.j_auth_asym_id 
_ndb_struct_na_base_pair.j_auth_seq_id 
_ndb_struct_na_base_pair.j_PDB_ins_code 
_ndb_struct_na_base_pair.hbond_type_28 
_ndb_struct_na_base_pair.hbond_type_12 
1 A DG 3  1_555 D DC 15 1_555 1.208  0.238  0.952  13.590  -9.593  -3.255  1  A_DG3:DC16_D A 3  ? D 16 ? 19 1 
1 A DC 4  1_555 D DG 14 1_555 0.602  -0.491 0.416  5.853   -7.923  -6.022  2  A_DC4:DG15_D A 4  ? D 15 ? 19 1 
1 A DA 5  1_555 D DT 13 1_555 1.815  0.422  -0.060 -4.375  -8.420  -13.335 3  A_DA5:DT14_D A 5  ? D 14 ? 20 1 
1 A DG 6  1_555 D DC 12 1_555 0.815  0.036  -0.104 -3.319  -5.206  -12.333 4  A_DG6:DC13_D A 6  ? D 13 ? 19 1 
1 A DA 7  1_555 D DT 11 1_555 0.296  0.105  0.421  6.171   -5.680  -16.361 5  A_DA7:DT12_D A 7  ? D 12 ? 20 1 
1 A DC 8  1_555 D DG 10 1_555 1.126  -0.253 -0.034 6.813   -7.617  -1.668  6  A_DC8:DG11_D A 8  ? D 11 ? 19 1 
1 A DC 9  1_555 D DG 9  1_555 0.132  -0.262 -0.475 8.257   -2.991  2.839   7  A_DC9:DG10_D A 9  ? D 10 ? 19 1 
1 A DT 10 1_555 C DA 3  1_555 -2.465 -0.060 -0.001 -10.441 -8.693  1.910   8  A_DT10:DA2_C A 10 ? C 2  ? 20 1 
1 A DG 11 1_555 C DC 2  1_555 0.917  0.563  -0.030 3.480   2.358   13.547  9  A_DG11:DC1_C A 11 ? C 1  ? ?  1 
1 A DA 12 1_555 C DT 1  1_555 0.924  -0.094 0.425  9.045   -3.613  -12.159 10 A_DA12:DT0_C A 12 ? C 0  ? 20 1 
1 B DC 1  1_555 C DG 6  1_555 -0.485 -0.184 0.668  3.022   -17.111 -15.368 11 B_DC12:DG5_C B 12 ? C 5  ? 19 1 
1 B DG 2  1_555 C DC 5  1_555 0.237  -0.111 0.247  4.021   -15.877 -9.667  12 B_DG13:DC4_C B 13 ? C 4  ? 19 1 
1 B DG 3  1_555 C DC 4  1_555 0.553  -0.183 0.066  1.147   -14.723 -5.334  13 B_DG14:DC3_C B 14 ? C 3  ? 19 1 
1 B DG 4  1_555 D DC 8  1_555 -0.117 -0.150 0.734  12.742  -4.574  -4.827  14 B_DG15:DC9_D B 15 ? D 9  ? 19 1 
1 B DA 5  1_555 D DT 7  1_555 0.522  -0.313 0.308  14.796  -13.650 2.829   15 B_DA16:DT8_D B 16 ? D 8  ? 20 1 
1 B DC 6  1_555 D DG 6  1_555 -0.084 -0.195 0.117  4.830   -18.328 2.831   16 B_DC17:DG7_D B 17 ? D 7  ? 19 1 
1 B DT 7  1_555 D DA 5  1_555 -0.850 -0.055 -0.352 0.696   -16.001 -7.624  17 B_DT18:DA6_D B 18 ? D 6  ? 20 1 
1 B DC 8  1_555 D DG 4  1_555 0.153  -0.333 -0.844 8.775   -10.241 -6.617  18 B_DC19:DG5_D B 19 ? D 5  ? 19 1 
# 
loop_
_ndb_struct_na_base_pair_step.model_number 
_ndb_struct_na_base_pair_step.i_label_asym_id_1 
_ndb_struct_na_base_pair_step.i_label_comp_id_1 
_ndb_struct_na_base_pair_step.i_label_seq_id_1 
_ndb_struct_na_base_pair_step.i_symmetry_1 
_ndb_struct_na_base_pair_step.j_label_asym_id_1 
_ndb_struct_na_base_pair_step.j_label_comp_id_1 
_ndb_struct_na_base_pair_step.j_label_seq_id_1 
_ndb_struct_na_base_pair_step.j_symmetry_1 
_ndb_struct_na_base_pair_step.i_label_asym_id_2 
_ndb_struct_na_base_pair_step.i_label_comp_id_2 
_ndb_struct_na_base_pair_step.i_label_seq_id_2 
_ndb_struct_na_base_pair_step.i_symmetry_2 
_ndb_struct_na_base_pair_step.j_label_asym_id_2 
_ndb_struct_na_base_pair_step.j_label_comp_id_2 
_ndb_struct_na_base_pair_step.j_label_seq_id_2 
_ndb_struct_na_base_pair_step.j_symmetry_2 
_ndb_struct_na_base_pair_step.shift 
_ndb_struct_na_base_pair_step.slide 
_ndb_struct_na_base_pair_step.rise 
_ndb_struct_na_base_pair_step.tilt 
_ndb_struct_na_base_pair_step.roll 
_ndb_struct_na_base_pair_step.twist 
_ndb_struct_na_base_pair_step.x_displacement 
_ndb_struct_na_base_pair_step.y_displacement 
_ndb_struct_na_base_pair_step.helical_rise 
_ndb_struct_na_base_pair_step.inclination 
_ndb_struct_na_base_pair_step.tip 
_ndb_struct_na_base_pair_step.helical_twist 
_ndb_struct_na_base_pair_step.step_number 
_ndb_struct_na_base_pair_step.step_name 
_ndb_struct_na_base_pair_step.i_auth_asym_id_1 
_ndb_struct_na_base_pair_step.i_auth_seq_id_1 
_ndb_struct_na_base_pair_step.i_PDB_ins_code_1 
_ndb_struct_na_base_pair_step.j_auth_asym_id_1 
_ndb_struct_na_base_pair_step.j_auth_seq_id_1 
_ndb_struct_na_base_pair_step.j_PDB_ins_code_1 
_ndb_struct_na_base_pair_step.i_auth_asym_id_2 
_ndb_struct_na_base_pair_step.i_auth_seq_id_2 
_ndb_struct_na_base_pair_step.i_PDB_ins_code_2 
_ndb_struct_na_base_pair_step.j_auth_asym_id_2 
_ndb_struct_na_base_pair_step.j_auth_seq_id_2 
_ndb_struct_na_base_pair_step.j_PDB_ins_code_2 
1 A DG 3  1_555 D DC 15 1_555 A DC 4  1_555 D DG 14 1_555 0.014  -0.768 3.444 5.323  -1.172 35.373 -1.071 0.788  3.432 -1.915 
-8.697  35.777 1  AA_DG3DC4:DG15DC16_DD A 3  ? D 16 ? A 4  ? D 15 ? 
1 A DC 4  1_555 D DG 14 1_555 A DA 5  1_555 D DT 13 1_555 -1.294 -0.037 3.737 -1.036 -0.511 37.881 0.018  1.840  3.769 -0.787 
1.595   37.898 2  AA_DC4DA5:DT14DG15_DD A 4  ? D 15 ? A 5  ? D 14 ? 
1 A DA 5  1_555 D DT 13 1_555 A DG 6  1_555 D DC 12 1_555 0.064  -1.308 3.222 -2.903 3.435  27.163 -3.556 -0.816 3.014 7.250  
6.127   27.526 3  AA_DA5DG6:DC13DT14_DD A 5  ? D 14 ? A 6  ? D 13 ? 
1 A DG 6  1_555 D DC 12 1_555 A DA 7  1_555 D DT 11 1_555 0.054  -1.208 2.749 -4.404 3.948  35.723 -2.400 -0.595 2.581 6.382  
7.119   36.193 4  AA_DG6DA7:DT12DC13_DD A 6  ? D 13 ? A 7  ? D 12 ? 
1 A DA 7  1_555 D DT 11 1_555 A DC 8  1_555 D DG 10 1_555 0.807  -1.267 3.421 -0.298 -2.170 34.514 -1.777 -1.407 3.484 -3.653 
0.502   34.581 5  AA_DA7DC8:DG11DT12_DD A 7  ? D 12 ? A 8  ? D 11 ? 
1 A DC 8  1_555 D DG 10 1_555 A DC 9  1_555 D DG 9  1_555 -0.860 -1.546 3.206 -1.035 4.341  29.871 -3.807 1.450  2.983 8.363  
1.994   30.195 6  AA_DC8DC9:DG10DG11_DD A 8  ? D 11 ? A 9  ? D 10 ? 
1 A DC 9  1_555 D DG 9  1_555 A DT 10 1_555 C DA 3  1_555 -1.597 -1.603 3.907 -5.073 -1.474 10.618 -5.137 -1.297 4.380 -7.395 
25.448  11.856 7  AA_DC9DT10:DA2DG10_CD A 9  ? D 10 ? A 10 ? C 2  ? 
1 A DT 10 1_555 C DA 3  1_555 A DG 11 1_555 C DC 2  1_555 0.502  0.803  3.086 -3.638 5.753  42.639 0.553  -1.023 3.113 7.851  
4.966   43.154 8  AA_DT10DG11:DC1DA2_CC A 10 ? C 2  ? A 11 ? C 1  ? 
1 A DG 11 1_555 C DC 2  1_555 A DA 12 1_555 C DT 1  1_555 -1.061 -0.289 3.075 -4.331 3.678  37.169 -0.906 1.108  3.133 5.728  
6.746   37.585 9  AA_DG11DA12:DT0DC1_CC A 11 ? C 1  ? A 12 ? C 0  ? 
1 B DC 1  1_555 C DG 6  1_555 B DG 2  1_555 C DC 5  1_555 -0.706 -0.518 3.579 1.129  3.367  32.108 -1.577 1.486  3.482 6.065  
-2.033  32.299 10 BB_DC12DG13:DC4DG5_CC B 12 ? C 5  ? B 13 ? C 4  ? 
1 B DG 2  1_555 C DC 5  1_555 B DG 3  1_555 C DC 4  1_555 -0.177 -0.898 3.315 -1.584 2.032  34.612 -1.819 0.053  3.264 3.409  
2.657   34.704 11 BB_DG13DG14:DC3DC4_CC B 13 ? C 4  ? B 14 ? C 3  ? 
1 B DG 3  1_555 C DC 4  1_555 B DG 4  1_555 D DC 8  1_555 -1.262 -0.938 2.695 -9.542 -2.122 26.968 -1.463 0.607  3.020 -4.371 
19.660  28.654 12 BB_DG14DG15:DC9DC3_DC B 14 ? C 3  ? B 15 ? D 9  ? 
1 B DG 4  1_555 D DC 8  1_555 B DA 5  1_555 D DT 7  1_555 -0.225 -0.125 3.203 3.130  -0.974 36.949 -0.069 0.763  3.176 -1.533 
-4.926  37.089 13 BB_DG15DA16:DT8DC9_DD B 15 ? D 9  ? B 16 ? D 8  ? 
1 B DA 5  1_555 D DT 7  1_555 B DC 6  1_555 D DG 6  1_555 0.280  -0.931 3.397 -1.663 -1.298 36.025 -1.311 -0.697 3.411 -2.096 
2.686   36.085 14 BB_DA16DC17:DG7DT8_DD B 16 ? D 8  ? B 17 ? D 7  ? 
1 B DC 6  1_555 D DG 6  1_555 B DT 7  1_555 D DA 5  1_555 -0.791 -0.375 3.438 3.816  1.604  34.256 -0.890 1.947  3.313 2.711  
-6.449  34.497 15 BB_DC17DT18:DA6DG7_DD B 17 ? D 7  ? B 18 ? D 6  ? 
1 B DT 7  1_555 D DA 5  1_555 B DC 8  1_555 D DG 4  1_555 0.849  1.780  3.062 7.498  0.039  40.557 2.524  -0.430 3.164 0.055  
-10.706 41.216 16 BB_DT18DC19:DG5DA6_DD B 18 ? D 6  ? B 19 ? D 5  ? 
# 
loop_
_pdbx_audit_support.funding_organization 
_pdbx_audit_support.country 
_pdbx_audit_support.grant_number 
_pdbx_audit_support.ordinal 
'National Science Foundation (NSF, United States)'                                         'United States' 1360635     1 
'National Institutes of Health/National Institute of General Medical Sciences (NIH/NIGMS)' 'United States' R01GM104960 2 
'National Science Foundation (NSF, United States)'                                         'United States' NSF2004250  3 
# 
loop_
_pdbx_entity_nonpoly.entity_id 
_pdbx_entity_nonpoly.name 
_pdbx_entity_nonpoly.comp_id 
5 'CACODYLATE ION' CAC 
6 'MAGNESIUM ION'  MG  
# 
_pdbx_initial_refinement_model.id               1 
_pdbx_initial_refinement_model.entity_id_list   ? 
_pdbx_initial_refinement_model.type             'experimental model' 
_pdbx_initial_refinement_model.source_name      PDB 
_pdbx_initial_refinement_model.accession_code   6XNA 
_pdbx_initial_refinement_model.details          ? 
# 
_pdbx_struct_assembly_auth_evidence.id                     1 
_pdbx_struct_assembly_auth_evidence.assembly_id            1 
_pdbx_struct_assembly_auth_evidence.experimental_support   none 
_pdbx_struct_assembly_auth_evidence.details                ? 
# 
